data_3FGO
#
_entry.id   3FGO
#
_cell.length_a   101.427
_cell.length_b   108.872
_cell.length_c   274.308
_cell.angle_alpha   90.00
_cell.angle_beta   90.00
_cell.angle_gamma   90.00
#
_symmetry.space_group_name_H-M   'P 21 21 21'
#
loop_
_entity.id
_entity.type
_entity.pdbx_description
1 polymer 'Sarcoplasmic/endoplasmic reticulum calcium ATPase 1'
2 non-polymer 'MAGNESIUM ION'
3 non-polymer TETRAFLUOROMAGNESATE(2-)
4 non-polymer 'POTASSIUM ION'
5 non-polymer "(6AR,11AS,11BR)-10-ACETYL-9-HYDROXY-7,7-DIMETHYL-2,6,6A,7,11A,11B-HEXAHYDRO-11H-PYRROLO[1',2':2,3]ISOINDOLO[4,5,6-CD]INDOL-11-ONE"
6 non-polymer 'MANGANESE (II) ION'
7 non-polymer 'PHOSPHOMETHYLPHOSPHONIC ACID ADENYLATE ESTER'
8 non-polymer 'ACETATE ION'
9 water water
#
_entity_poly.entity_id   1
_entity_poly.type   'polypeptide(L)'
_entity_poly.pdbx_seq_one_letter_code
;MEAAHSKSTEECLAYFGVSETTGLTPDQVKRHLEKYGHNELPAEEGKSLWELVIEQFEDLLVRILLLAACISFVLAWFEE
GEETITAFVEPFVILLILIANAIVGVWQERNAENAIEALKEYEPEMGKVYRADRKSVQRIKARDIVPGDIVEVAVGDKVP
ADIRILSIKSTTLRVDQSILTGESVSVIKHTEPVPDPRAVNQDKKNMLFSGTNIAAGKALGIVATTGVSTEIGKIRDQMA
ATEQDKTPLQQKLDEFGEQLSKVISLICVAVWLINIGHFNDPVHGGSWIRGAIYYFKIAVALAVAAIPEGLPAVITTCLA
LGTRRMAKKNAIVRSLPSVETLGCTSVICSDKTGTLTTNQMSVCKMFIIDKVDGDFCSLNEFSITGSTYAPEGEVLKNDK
PIRSGQFDGLVELATICALCNDSSLDFNETKGVYEKVGEATETALTTLVEKMNVFNTEVRNLSKVERANACNSVIRQLMK
KEFTLEFSRDRKSMSVYCSPAKSSRAAVGNKMFVKGAPEGVIDRCNYVRVGTTRVPMTGPVKEKILSVIKEWGTGRDTLR
CLALATRDTPPKREEMVLDDSSRFMEYETDLTFVGVVGMLDPPRKEVMGSIQLCRDAGIRVIMITGDNKGTAIAICRRIG
IFGENEEVADRAYTGREFDDLPLAEQREACRRACCFARVEPSHKSKIVEYLQSYDEITAMTGDGVNDAPALKKAEIGIAM
GSGTAVAKTASEMVLADDNFSTIVAAVEEGRAIYNNMKQFIRYLISSNVGEVVCIFLTAALGLPEALIPVQLLWVNLVTD
GLPATALGFNPPDLDIMDRPPRSPKEPLISGWLFFRYMAIGGYVGAATVGAAAWWFMYAEDGPGVTYHQLTHFMQCTEDH
PHFEGLDCEIFEAPEPMTMALSVLVTIEMCNALNSLSENQSLMRMPPWVNIWLLGSICLSMSLHFLILYVDPLPMIFKLK
ALDLTQWLMVLKISLPVIGLDEILKFIARNYLEG
;
_entity_poly.pdbx_strand_id   A,B
#
# COMPACT_ATOMS: atom_id res chain seq x y z
N MET A 1 -0.22 -22.47 2.41
CA MET A 1 0.01 -23.95 2.35
C MET A 1 0.51 -24.53 1.02
N GLU A 2 1.70 -25.11 1.04
CA GLU A 2 2.29 -25.55 -0.21
C GLU A 2 2.09 -27.03 -0.43
N ALA A 3 2.31 -27.45 -1.69
CA ALA A 3 2.22 -28.83 -2.08
C ALA A 3 0.88 -29.45 -1.67
N ALA A 4 -0.19 -28.70 -1.83
CA ALA A 4 -1.50 -29.28 -1.55
C ALA A 4 -1.84 -30.51 -2.42
N HIS A 5 -1.33 -30.54 -3.65
CA HIS A 5 -1.65 -31.67 -4.52
C HIS A 5 -1.06 -33.01 -4.06
N SER A 6 0.07 -32.99 -3.35
CA SER A 6 0.66 -34.23 -2.88
C SER A 6 0.20 -34.66 -1.50
N LYS A 7 -0.35 -33.74 -0.74
CA LYS A 7 -0.95 -34.06 0.54
C LYS A 7 -2.26 -34.82 0.29
N SER A 8 -2.62 -35.67 1.23
CA SER A 8 -3.91 -36.33 1.19
C SER A 8 -4.89 -35.29 1.73
N THR A 9 -6.19 -35.56 1.58
CA THR A 9 -7.16 -34.67 2.18
C THR A 9 -7.02 -34.61 3.71
N GLU A 10 -6.75 -35.72 4.37
CA GLU A 10 -6.59 -35.62 5.83
C GLU A 10 -5.43 -34.75 6.22
N GLU A 11 -4.35 -34.72 5.42
CA GLU A 11 -3.16 -33.92 5.75
C GLU A 11 -3.38 -32.43 5.58
N CYS A 12 -4.17 -32.07 4.58
CA CYS A 12 -4.61 -30.69 4.34
C CYS A 12 -5.49 -30.19 5.46
N LEU A 13 -6.44 -31.04 5.89
CA LEU A 13 -7.34 -30.67 6.97
C LEU A 13 -6.54 -30.54 8.25
N ALA A 14 -5.64 -31.47 8.48
CA ALA A 14 -4.86 -31.45 9.71
C ALA A 14 -3.88 -30.29 9.71
N TYR A 15 -3.49 -29.83 8.54
CA TYR A 15 -2.54 -28.72 8.49
C TYR A 15 -3.16 -27.46 9.03
N PHE A 16 -4.42 -27.22 8.70
CA PHE A 16 -5.06 -26.01 9.16
C PHE A 16 -5.81 -26.26 10.45
N GLY A 17 -5.86 -27.54 10.83
CA GLY A 17 -6.59 -27.97 12.01
C GLY A 17 -8.04 -27.53 11.91
N VAL A 18 -8.69 -27.87 10.80
CA VAL A 18 -10.10 -27.58 10.64
C VAL A 18 -10.82 -28.83 10.21
N SER A 19 -12.10 -28.88 10.56
CA SER A 19 -13.01 -29.94 10.15
C SER A 19 -13.72 -29.53 8.85
N GLU A 20 -13.88 -30.48 7.95
CA GLU A 20 -14.56 -30.25 6.68
C GLU A 20 -16.03 -29.89 6.89
N THR A 21 -16.60 -30.30 8.03
CA THR A 21 -18.01 -29.99 8.27
C THR A 21 -18.22 -28.79 9.21
N THR A 22 -17.16 -27.99 9.40
CA THR A 22 -17.26 -26.84 10.27
C THR A 22 -16.65 -25.65 9.58
N GLY A 23 -15.41 -25.80 9.13
CA GLY A 23 -14.66 -24.68 8.62
C GLY A 23 -13.90 -23.86 9.67
N LEU A 24 -13.15 -22.87 9.20
CA LEU A 24 -12.48 -21.93 10.08
C LEU A 24 -13.43 -21.17 10.98
N THR A 25 -12.93 -20.76 12.14
CA THR A 25 -13.68 -19.85 13.00
C THR A 25 -13.48 -18.45 12.49
N PRO A 26 -14.41 -17.57 12.81
CA PRO A 26 -14.25 -16.20 12.30
C PRO A 26 -12.97 -15.53 12.84
N ASP A 27 -12.55 -15.91 14.04
CA ASP A 27 -11.29 -15.39 14.56
C ASP A 27 -10.10 -15.88 13.69
N GLN A 28 -10.02 -17.19 13.45
CA GLN A 28 -9.01 -17.72 12.54
C GLN A 28 -9.00 -16.98 11.21
N VAL A 29 -10.18 -16.80 10.60
CA VAL A 29 -10.26 -16.08 9.33
C VAL A 29 -9.57 -14.72 9.50
N LYS A 30 -9.84 -14.07 10.61
CA LYS A 30 -9.26 -12.75 10.87
C LYS A 30 -7.73 -12.84 10.92
N ARG A 31 -7.24 -13.85 11.63
CA ARG A 31 -5.81 -14.05 11.75
C ARG A 31 -5.18 -14.44 10.38
N HIS A 32 -5.84 -15.29 9.61
CA HIS A 32 -5.32 -15.63 8.27
C HIS A 32 -5.36 -14.44 7.31
N LEU A 33 -6.34 -13.57 7.45
CA LEU A 33 -6.37 -12.39 6.61
C LEU A 33 -5.16 -11.52 6.92
N GLU A 34 -4.85 -11.37 8.22
CA GLU A 34 -3.63 -10.68 8.67
C GLU A 34 -2.42 -11.34 8.03
N LYS A 35 -2.32 -12.65 8.23
CA LYS A 35 -1.13 -13.36 7.84
C LYS A 35 -0.97 -13.44 6.32
N TYR A 36 -2.07 -13.65 5.58
CA TYR A 36 -1.92 -13.98 4.16
C TYR A 36 -2.39 -12.86 3.28
N GLY A 37 -3.05 -11.88 3.88
CA GLY A 37 -3.61 -10.77 3.13
C GLY A 37 -4.86 -11.25 2.41
N HIS A 38 -5.55 -10.31 1.76
CA HIS A 38 -6.75 -10.61 1.02
C HIS A 38 -6.51 -11.46 -0.22
N ASN A 39 -7.56 -12.13 -0.66
CA ASN A 39 -7.51 -12.96 -1.86
C ASN A 39 -7.76 -12.15 -3.12
N GLU A 40 -6.73 -11.44 -3.57
CA GLU A 40 -6.89 -10.63 -4.75
C GLU A 40 -5.53 -10.32 -5.35
N LEU A 41 -5.51 -9.99 -6.62
CA LEU A 41 -4.28 -9.62 -7.32
C LEU A 41 -4.14 -8.12 -7.24
N PRO A 42 -2.93 -7.63 -7.01
CA PRO A 42 -2.70 -6.17 -7.02
C PRO A 42 -2.93 -5.61 -8.41
N ALA A 43 -3.59 -4.45 -8.49
CA ALA A 43 -3.74 -3.75 -9.76
C ALA A 43 -2.40 -3.19 -10.18
N GLU A 44 -2.13 -3.15 -11.48
CA GLU A 44 -0.93 -2.48 -11.97
C GLU A 44 -1.29 -1.26 -12.81
N GLU A 45 -0.90 -0.09 -12.31
CA GLU A 45 -1.11 1.20 -13.00
C GLU A 45 -0.30 1.32 -14.29
N GLY A 46 0.26 2.49 -14.53
CA GLY A 46 1.05 2.70 -15.74
C GLY A 46 1.36 4.15 -16.06
N LYS A 47 1.68 4.92 -15.02
CA LYS A 47 2.07 6.31 -15.19
C LYS A 47 0.96 7.13 -15.82
N SER A 48 0.71 8.31 -15.28
CA SER A 48 -0.23 9.25 -15.88
C SER A 48 0.43 9.86 -17.11
N LEU A 49 -0.37 10.37 -18.04
CA LEU A 49 0.20 11.04 -19.22
C LEU A 49 1.22 12.08 -18.73
N TRP A 50 1.05 12.52 -17.49
CA TRP A 50 1.99 13.40 -16.82
C TRP A 50 3.40 12.80 -16.85
N GLU A 51 3.60 11.70 -16.12
CA GLU A 51 4.92 11.06 -16.05
C GLU A 51 5.41 10.46 -17.37
N LEU A 52 4.59 10.54 -18.41
CA LEU A 52 5.02 10.05 -19.72
C LEU A 52 5.71 11.16 -20.52
N VAL A 53 5.02 12.27 -20.72
CA VAL A 53 5.61 13.43 -21.38
C VAL A 53 6.89 13.85 -20.65
N ILE A 54 6.81 13.91 -19.33
CA ILE A 54 8.00 14.17 -18.52
C ILE A 54 9.18 13.29 -18.96
N GLU A 55 8.90 12.03 -19.24
CA GLU A 55 9.95 11.07 -19.62
C GLU A 55 10.44 11.24 -21.06
N GLN A 56 9.70 12.01 -21.84
CA GLN A 56 10.12 12.34 -23.20
C GLN A 56 11.21 13.38 -23.12
N PHE A 57 11.11 14.24 -22.12
CA PHE A 57 12.09 15.30 -21.91
C PHE A 57 13.13 14.87 -20.88
N GLU A 58 13.52 13.60 -20.94
CA GLU A 58 14.53 13.11 -20.02
C GLU A 58 15.75 12.59 -20.77
N ASP A 59 15.53 11.78 -21.80
CA ASP A 59 16.66 11.22 -22.53
C ASP A 59 17.58 12.34 -23.03
N LEU A 60 18.87 12.16 -22.78
CA LEU A 60 19.87 13.22 -22.98
C LEU A 60 19.59 14.06 -24.22
N LEU A 61 19.71 13.45 -25.39
CA LEU A 61 19.57 14.15 -26.67
C LEU A 61 18.47 15.23 -26.65
N VAL A 62 17.26 14.88 -26.24
CA VAL A 62 16.14 15.83 -26.20
C VAL A 62 16.45 17.09 -25.41
N ARG A 63 17.27 16.94 -24.36
CA ARG A 63 17.69 18.08 -23.55
C ARG A 63 18.55 19.05 -24.37
N ILE A 64 19.44 18.49 -25.19
CA ILE A 64 20.29 19.31 -26.06
C ILE A 64 19.44 20.32 -26.82
N LEU A 65 18.27 19.91 -27.30
CA LEU A 65 17.40 20.79 -28.05
C LEU A 65 16.45 21.60 -27.16
N LEU A 66 16.55 21.38 -25.85
CA LEU A 66 15.87 22.22 -24.88
C LEU A 66 16.83 23.31 -24.42
N LEU A 67 18.08 22.92 -24.19
CA LEU A 67 19.15 23.85 -23.91
C LEU A 67 19.11 24.95 -24.96
N ALA A 68 19.29 24.55 -26.21
CA ALA A 68 19.26 25.48 -27.33
C ALA A 68 17.84 26.01 -27.58
N ALA A 69 16.99 25.90 -26.58
CA ALA A 69 15.66 26.49 -26.64
C ALA A 69 15.53 27.55 -25.56
N CYS A 70 16.14 27.28 -24.41
CA CYS A 70 16.20 28.25 -23.32
C CYS A 70 17.28 29.29 -23.62
N ILE A 71 18.44 28.82 -24.05
CA ILE A 71 19.50 29.70 -24.52
C ILE A 71 18.97 30.53 -25.67
N SER A 72 18.29 29.89 -26.62
CA SER A 72 17.68 30.63 -27.72
C SER A 72 16.65 31.60 -27.20
N PHE A 73 15.97 31.23 -26.11
CA PHE A 73 14.95 32.09 -25.51
C PHE A 73 15.55 33.37 -24.92
N VAL A 74 16.64 33.22 -24.19
CA VAL A 74 17.34 34.35 -23.58
C VAL A 74 17.99 35.23 -24.65
N LEU A 75 18.78 34.63 -25.53
CA LEU A 75 19.42 35.33 -26.63
C LEU A 75 18.41 35.73 -27.70
N ALA A 76 17.18 35.97 -27.28
CA ALA A 76 16.12 36.44 -28.16
C ALA A 76 15.24 37.38 -27.35
N TRP A 77 15.46 37.39 -26.04
CA TRP A 77 14.78 38.31 -25.14
C TRP A 77 15.53 39.62 -25.05
N PHE A 78 16.76 39.55 -24.54
CA PHE A 78 17.64 40.72 -24.47
C PHE A 78 18.11 41.11 -25.87
N GLU A 79 17.20 41.03 -26.82
CA GLU A 79 17.49 41.45 -28.19
C GLU A 79 17.38 42.97 -28.27
N GLU A 80 18.33 43.60 -28.94
CA GLU A 80 18.39 45.06 -29.04
C GLU A 80 17.06 45.63 -29.53
N GLY A 81 16.93 46.95 -29.47
CA GLY A 81 15.74 47.63 -29.96
C GLY A 81 15.52 47.38 -31.43
N GLU A 82 16.39 46.57 -32.02
CA GLU A 82 16.30 46.19 -33.43
C GLU A 82 15.06 45.33 -33.69
N GLU A 83 15.28 44.07 -34.05
CA GLU A 83 14.19 43.16 -34.34
C GLU A 83 13.86 42.23 -33.17
N THR A 84 13.23 42.78 -32.14
CA THR A 84 12.60 41.97 -31.11
C THR A 84 11.23 41.56 -31.63
N ILE A 85 11.02 41.84 -32.91
CA ILE A 85 9.78 41.51 -33.60
C ILE A 85 9.62 39.99 -33.79
N THR A 86 10.65 39.35 -34.33
CA THR A 86 10.60 37.93 -34.62
C THR A 86 11.81 37.17 -34.06
N ALA A 87 12.44 37.73 -33.03
CA ALA A 87 13.56 37.08 -32.37
C ALA A 87 13.06 35.90 -31.53
N PHE A 88 11.78 35.93 -31.22
CA PHE A 88 11.16 34.88 -30.40
C PHE A 88 10.58 33.72 -31.21
N VAL A 89 10.67 33.80 -32.53
CA VAL A 89 10.19 32.71 -33.39
C VAL A 89 11.14 31.52 -33.29
N GLU A 90 12.39 31.80 -32.95
CA GLU A 90 13.38 30.76 -32.77
C GLU A 90 13.13 29.95 -31.49
N PRO A 91 13.09 30.61 -30.32
CA PRO A 91 12.87 29.91 -29.06
C PRO A 91 11.46 29.32 -28.96
N PHE A 92 10.70 29.43 -30.04
CA PHE A 92 9.33 28.93 -30.07
C PHE A 92 9.14 27.84 -31.11
N VAL A 93 9.74 28.02 -32.28
CA VAL A 93 9.73 26.94 -33.27
C VAL A 93 10.42 25.73 -32.66
N ILE A 94 11.49 25.99 -31.92
CA ILE A 94 12.19 24.95 -31.17
C ILE A 94 11.29 24.43 -30.04
N LEU A 95 10.91 25.33 -29.14
CA LEU A 95 10.07 24.99 -28.00
C LEU A 95 8.76 24.33 -28.43
N LEU A 96 8.44 24.45 -29.72
CA LEU A 96 7.22 23.90 -30.28
C LEU A 96 7.45 22.47 -30.74
N ILE A 97 8.57 22.28 -31.45
CA ILE A 97 8.98 20.97 -31.93
C ILE A 97 9.06 19.96 -30.79
N LEU A 98 9.69 20.38 -29.70
CA LEU A 98 9.86 19.50 -28.54
C LEU A 98 8.51 19.12 -27.95
N ILE A 99 7.55 20.03 -28.03
CA ILE A 99 6.18 19.73 -27.63
C ILE A 99 5.60 18.66 -28.56
N ALA A 100 5.63 18.94 -29.86
CA ALA A 100 5.05 18.03 -30.83
C ALA A 100 5.68 16.63 -30.77
N ASN A 101 6.99 16.58 -30.61
CA ASN A 101 7.69 15.28 -30.60
C ASN A 101 7.36 14.46 -29.36
N ALA A 102 6.94 15.13 -28.29
CA ALA A 102 6.55 14.43 -27.07
C ALA A 102 5.15 13.85 -27.21
N ILE A 103 4.18 14.72 -27.53
CA ILE A 103 2.81 14.28 -27.73
C ILE A 103 2.77 13.07 -28.66
N VAL A 104 3.59 13.09 -29.69
CA VAL A 104 3.66 11.96 -30.62
C VAL A 104 4.38 10.80 -29.99
N GLY A 105 5.45 11.09 -29.26
CA GLY A 105 6.23 10.06 -28.60
C GLY A 105 5.35 9.20 -27.71
N VAL A 106 4.40 9.83 -27.04
CA VAL A 106 3.50 9.15 -26.13
C VAL A 106 2.34 8.47 -26.86
N TRP A 107 1.85 9.09 -27.93
CA TRP A 107 0.73 8.57 -28.69
C TRP A 107 1.05 7.26 -29.43
N GLN A 108 2.29 6.79 -29.32
CA GLN A 108 2.68 5.54 -29.97
C GLN A 108 3.27 4.52 -28.98
N GLU A 109 3.82 5.02 -27.87
CA GLU A 109 4.48 4.18 -26.88
C GLU A 109 3.51 3.77 -25.77
N ARG A 110 2.40 4.48 -25.67
CA ARG A 110 1.39 4.23 -24.64
C ARG A 110 0.43 3.11 -25.04
N ASN A 111 0.34 2.09 -24.18
CA ASN A 111 -0.61 0.99 -24.35
C ASN A 111 -1.88 1.27 -23.54
N ALA A 112 -2.95 1.67 -24.24
CA ALA A 112 -4.20 2.09 -23.61
C ALA A 112 -4.78 1.06 -22.63
N GLU A 113 -5.19 -0.10 -23.15
CA GLU A 113 -5.83 -1.12 -22.32
C GLU A 113 -4.83 -1.96 -21.54
N ASN A 114 -5.27 -2.40 -20.37
CA ASN A 114 -4.41 -3.06 -19.40
C ASN A 114 -4.72 -4.55 -19.30
N ALA A 115 -3.67 -5.38 -19.38
CA ALA A 115 -3.90 -6.81 -19.47
C ALA A 115 -4.10 -7.43 -18.10
N ILE A 116 -3.61 -6.73 -17.07
CA ILE A 116 -3.85 -7.20 -15.72
C ILE A 116 -5.32 -6.98 -15.33
N GLU A 117 -5.92 -5.89 -15.83
CA GLU A 117 -7.33 -5.65 -15.58
C GLU A 117 -8.19 -6.70 -16.24
N ALA A 118 -7.88 -7.02 -17.50
CA ALA A 118 -8.58 -8.08 -18.23
C ALA A 118 -8.49 -9.40 -17.46
N LEU A 119 -7.34 -9.63 -16.84
CA LEU A 119 -7.13 -10.86 -16.10
C LEU A 119 -8.05 -10.93 -14.90
N LYS A 120 -8.24 -9.80 -14.24
CA LYS A 120 -9.13 -9.74 -13.09
C LYS A 120 -10.56 -10.08 -13.47
N GLU A 121 -10.85 -10.15 -14.75
CA GLU A 121 -12.15 -10.64 -15.16
C GLU A 121 -12.35 -12.05 -14.63
N TYR A 122 -11.27 -12.78 -14.36
CA TYR A 122 -11.41 -14.18 -13.97
C TYR A 122 -11.49 -14.29 -12.45
N GLU A 123 -11.49 -13.15 -11.77
CA GLU A 123 -11.66 -13.16 -10.33
C GLU A 123 -13.12 -12.91 -10.04
N PRO A 124 -13.83 -13.94 -9.54
CA PRO A 124 -15.25 -13.73 -9.19
C PRO A 124 -15.32 -12.77 -8.02
N GLU A 125 -16.37 -11.97 -7.97
CA GLU A 125 -16.56 -11.09 -6.82
C GLU A 125 -16.84 -11.88 -5.54
N MET A 126 -17.56 -12.99 -5.70
CA MET A 126 -18.12 -13.79 -4.61
C MET A 126 -17.60 -15.24 -4.63
N GLY A 127 -17.52 -15.84 -3.45
CA GLY A 127 -17.21 -17.26 -3.34
C GLY A 127 -18.09 -17.79 -2.21
N LYS A 128 -18.08 -19.10 -2.02
CA LYS A 128 -18.93 -19.71 -1.01
C LYS A 128 -18.08 -20.44 0.04
N VAL A 129 -18.31 -20.19 1.33
CA VAL A 129 -17.55 -20.91 2.35
C VAL A 129 -18.40 -21.55 3.43
N TYR A 130 -17.83 -22.50 4.13
CA TYR A 130 -18.38 -22.98 5.40
C TYR A 130 -17.45 -22.50 6.49
N ARG A 131 -17.97 -21.64 7.35
CA ARG A 131 -17.23 -21.24 8.53
C ARG A 131 -17.95 -21.65 9.82
N ALA A 132 -17.16 -21.86 10.88
CA ALA A 132 -17.64 -22.52 12.10
C ALA A 132 -18.89 -21.86 12.68
N ASP A 133 -19.16 -20.62 12.30
CA ASP A 133 -20.25 -19.95 13.00
C ASP A 133 -21.60 -20.21 12.40
N ARG A 134 -21.67 -20.90 11.26
CA ARG A 134 -22.95 -21.33 10.67
C ARG A 134 -22.86 -22.69 10.00
N LYS A 135 -23.96 -23.43 10.05
CA LYS A 135 -24.02 -24.74 9.44
C LYS A 135 -24.16 -24.59 7.94
N SER A 136 -24.82 -23.52 7.51
CA SER A 136 -25.14 -23.39 6.13
C SER A 136 -24.06 -22.62 5.36
N VAL A 137 -23.95 -22.85 4.05
CA VAL A 137 -22.93 -22.16 3.27
C VAL A 137 -23.08 -20.63 3.34
N GLN A 138 -21.97 -19.92 3.23
CA GLN A 138 -21.99 -18.47 3.37
C GLN A 138 -21.42 -17.86 2.13
N ARG A 139 -22.15 -16.93 1.55
CA ARG A 139 -21.73 -16.33 0.32
C ARG A 139 -21.04 -15.02 0.67
N ILE A 140 -19.74 -14.98 0.42
CA ILE A 140 -18.94 -13.81 0.80
C ILE A 140 -18.14 -13.26 -0.37
N LYS A 141 -17.54 -12.10 -0.15
CA LYS A 141 -16.56 -11.56 -1.10
C LYS A 141 -15.39 -12.53 -1.25
N ALA A 142 -15.01 -12.79 -2.50
CA ALA A 142 -13.90 -13.72 -2.74
C ALA A 142 -12.62 -13.20 -2.12
N ARG A 143 -12.45 -11.89 -2.11
CA ARG A 143 -11.23 -11.32 -1.58
C ARG A 143 -11.07 -11.61 -0.09
N ASP A 144 -12.19 -11.94 0.55
CA ASP A 144 -12.19 -12.32 1.96
C ASP A 144 -11.94 -13.79 2.24
N ILE A 145 -11.74 -14.58 1.19
CA ILE A 145 -11.38 -15.97 1.38
C ILE A 145 -9.90 -16.07 1.80
N VAL A 146 -9.59 -17.05 2.64
CA VAL A 146 -8.23 -17.23 3.12
C VAL A 146 -7.80 -18.67 3.06
N PRO A 147 -6.49 -18.91 3.06
CA PRO A 147 -6.00 -20.28 3.16
C PRO A 147 -6.64 -20.93 4.37
N GLY A 148 -7.00 -22.20 4.25
CA GLY A 148 -7.73 -22.87 5.30
C GLY A 148 -9.25 -22.88 5.16
N ASP A 149 -9.85 -21.96 4.39
CA ASP A 149 -11.30 -21.95 4.21
C ASP A 149 -11.76 -23.23 3.52
N ILE A 150 -12.83 -23.80 4.05
CA ILE A 150 -13.61 -24.82 3.36
C ILE A 150 -14.48 -24.11 2.33
N VAL A 151 -14.30 -24.42 1.05
CA VAL A 151 -15.06 -23.75 0.02
C VAL A 151 -15.90 -24.75 -0.74
N GLU A 152 -17.03 -24.27 -1.21
CA GLU A 152 -17.94 -25.05 -2.00
C GLU A 152 -17.98 -24.40 -3.39
N VAL A 153 -17.75 -25.18 -4.43
CA VAL A 153 -17.91 -24.70 -5.81
C VAL A 153 -18.94 -25.52 -6.54
N ALA A 154 -19.58 -24.88 -7.51
CA ALA A 154 -20.60 -25.57 -8.28
C ALA A 154 -20.65 -25.09 -9.71
N VAL A 155 -21.36 -25.87 -10.54
CA VAL A 155 -21.51 -25.59 -11.97
C VAL A 155 -21.76 -24.13 -12.28
N GLY A 156 -20.94 -23.56 -13.15
CA GLY A 156 -21.03 -22.15 -13.55
C GLY A 156 -20.15 -21.24 -12.67
N ASP A 157 -19.64 -21.78 -11.56
CA ASP A 157 -18.78 -20.95 -10.69
C ASP A 157 -17.43 -20.69 -11.31
N LYS A 158 -16.94 -19.48 -11.09
CA LYS A 158 -15.52 -19.25 -11.22
C LYS A 158 -14.85 -19.68 -9.91
N VAL A 159 -13.82 -20.50 -9.98
CA VAL A 159 -13.08 -20.93 -8.82
C VAL A 159 -12.32 -19.74 -8.22
N PRO A 160 -12.57 -19.44 -6.92
CA PRO A 160 -12.08 -18.22 -6.23
C PRO A 160 -10.65 -18.26 -5.67
N ALA A 161 -10.01 -19.41 -5.57
CA ALA A 161 -8.68 -19.46 -4.98
C ALA A 161 -8.08 -20.82 -5.35
N ASP A 162 -6.78 -21.07 -5.12
CA ASP A 162 -6.24 -22.43 -5.33
C ASP A 162 -6.63 -23.38 -4.20
N ILE A 163 -7.32 -24.45 -4.58
CA ILE A 163 -8.07 -25.28 -3.65
C ILE A 163 -7.77 -26.75 -3.85
N ARG A 164 -7.49 -27.42 -2.73
CA ARG A 164 -7.39 -28.87 -2.70
C ARG A 164 -8.82 -29.40 -2.58
N ILE A 165 -9.23 -30.25 -3.52
CA ILE A 165 -10.57 -30.80 -3.50
C ILE A 165 -10.65 -31.79 -2.33
N LEU A 166 -11.71 -31.67 -1.52
CA LEU A 166 -11.85 -32.55 -0.37
C LEU A 166 -12.84 -33.64 -0.69
N SER A 167 -13.86 -33.26 -1.44
CA SER A 167 -15.01 -34.11 -1.51
C SER A 167 -15.87 -33.68 -2.67
N ILE A 168 -16.08 -34.58 -3.61
CA ILE A 168 -16.89 -34.30 -4.79
C ILE A 168 -18.34 -34.74 -4.53
N LYS A 169 -19.29 -33.84 -4.66
CA LYS A 169 -20.64 -34.12 -4.17
C LYS A 169 -21.47 -34.66 -5.30
N SER A 170 -21.23 -34.13 -6.49
CA SER A 170 -21.84 -34.71 -7.68
C SER A 170 -21.11 -36.02 -8.00
N THR A 171 -21.58 -36.69 -9.05
CA THR A 171 -20.91 -37.88 -9.56
C THR A 171 -19.58 -37.56 -10.19
N THR A 172 -19.46 -36.39 -10.84
CA THR A 172 -18.15 -35.92 -11.30
C THR A 172 -18.03 -34.43 -11.12
N LEU A 173 -16.79 -33.97 -11.08
CA LEU A 173 -16.48 -32.55 -11.07
C LEU A 173 -15.75 -32.30 -12.38
N ARG A 174 -16.33 -31.49 -13.24
CA ARG A 174 -15.74 -31.26 -14.54
C ARG A 174 -15.35 -29.83 -14.57
N VAL A 175 -14.06 -29.61 -14.80
CA VAL A 175 -13.51 -28.26 -14.77
C VAL A 175 -12.87 -27.83 -16.08
N ASP A 176 -13.24 -26.63 -16.50
CA ASP A 176 -12.60 -25.97 -17.62
C ASP A 176 -11.37 -25.22 -17.12
N GLN A 177 -10.17 -25.73 -17.40
CA GLN A 177 -8.94 -25.08 -16.96
C GLN A 177 -8.24 -24.36 -18.09
N SER A 178 -8.95 -24.02 -19.15
CA SER A 178 -8.29 -23.37 -20.29
C SER A 178 -7.41 -22.19 -19.93
N ILE A 179 -7.69 -21.47 -18.84
CA ILE A 179 -6.85 -20.28 -18.60
C ILE A 179 -5.39 -20.64 -18.23
N LEU A 180 -5.17 -21.91 -17.86
CA LEU A 180 -3.84 -22.39 -17.48
C LEU A 180 -3.28 -23.38 -18.50
N THR A 181 -4.13 -23.95 -19.35
CA THR A 181 -3.68 -24.94 -20.33
C THR A 181 -4.02 -24.60 -21.77
N GLY A 182 -4.97 -23.69 -21.96
CA GLY A 182 -5.42 -23.34 -23.30
C GLY A 182 -6.53 -24.31 -23.75
N GLU A 183 -6.61 -25.48 -23.10
CA GLU A 183 -7.56 -26.49 -23.51
C GLU A 183 -8.95 -26.27 -22.90
N SER A 184 -10.00 -26.24 -23.72
CA SER A 184 -11.34 -26.10 -23.17
C SER A 184 -12.04 -27.39 -22.79
N VAL A 185 -11.44 -28.55 -23.11
CA VAL A 185 -12.07 -29.79 -22.75
C VAL A 185 -11.98 -30.03 -21.26
N SER A 186 -13.12 -30.42 -20.69
CA SER A 186 -13.25 -30.52 -19.25
C SER A 186 -12.27 -31.49 -18.66
N VAL A 187 -11.75 -31.12 -17.50
CA VAL A 187 -10.93 -31.98 -16.71
C VAL A 187 -11.82 -32.64 -15.68
N ILE A 188 -11.72 -33.96 -15.59
CA ILE A 188 -12.44 -34.70 -14.57
C ILE A 188 -11.53 -34.80 -13.35
N LYS A 189 -11.97 -34.22 -12.23
CA LYS A 189 -11.17 -34.13 -11.00
C LYS A 189 -11.46 -35.28 -10.06
N HIS A 190 -10.50 -35.58 -9.22
CA HIS A 190 -10.71 -36.56 -8.17
C HIS A 190 -10.04 -36.03 -6.90
N THR A 191 -10.09 -36.80 -5.80
CA THR A 191 -9.57 -36.30 -4.52
C THR A 191 -8.29 -37.00 -4.00
N GLU A 192 -7.70 -37.88 -4.81
CA GLU A 192 -6.55 -38.63 -4.32
C GLU A 192 -5.27 -37.82 -4.41
N PRO A 193 -4.25 -38.24 -3.67
CA PRO A 193 -2.96 -37.54 -3.84
C PRO A 193 -2.43 -37.74 -5.22
N VAL A 194 -1.75 -36.72 -5.71
CA VAL A 194 -0.91 -36.76 -6.88
C VAL A 194 0.52 -36.62 -6.34
N PRO A 195 1.20 -37.76 -6.14
CA PRO A 195 2.47 -37.82 -5.42
C PRO A 195 3.58 -36.99 -6.03
N ASP A 196 3.59 -36.84 -7.35
CA ASP A 196 4.67 -36.11 -8.01
C ASP A 196 4.86 -34.67 -7.48
N PRO A 197 5.99 -34.41 -6.79
CA PRO A 197 6.24 -33.02 -6.36
C PRO A 197 6.32 -32.08 -7.52
N ARG A 198 6.59 -32.57 -8.72
CA ARG A 198 6.79 -31.68 -9.86
C ARG A 198 5.57 -31.68 -10.79
N ALA A 199 4.48 -32.20 -10.29
CA ALA A 199 3.26 -32.24 -11.08
C ALA A 199 3.05 -30.87 -11.70
N VAL A 200 2.74 -30.86 -12.97
CA VAL A 200 2.38 -29.66 -13.69
C VAL A 200 0.83 -29.51 -13.52
N ASN A 201 0.26 -28.35 -13.77
CA ASN A 201 -1.21 -28.16 -13.56
C ASN A 201 -2.12 -29.27 -14.18
N GLN A 202 -1.79 -29.71 -15.40
CA GLN A 202 -2.57 -30.71 -16.07
C GLN A 202 -2.57 -32.03 -15.28
N ASP A 203 -1.60 -32.21 -14.40
CA ASP A 203 -1.52 -33.38 -13.53
C ASP A 203 -2.26 -33.23 -12.21
N LYS A 204 -2.52 -32.00 -11.77
CA LYS A 204 -3.05 -31.83 -10.43
C LYS A 204 -4.58 -32.03 -10.41
N LYS A 205 -4.97 -33.27 -10.66
CA LYS A 205 -6.36 -33.62 -10.89
C LYS A 205 -7.25 -33.52 -9.65
N ASN A 206 -6.61 -33.21 -8.51
CA ASN A 206 -7.27 -33.02 -7.22
C ASN A 206 -7.26 -31.56 -6.76
N MET A 207 -6.89 -30.64 -7.66
CA MET A 207 -6.81 -29.20 -7.34
C MET A 207 -7.80 -28.40 -8.19
N LEU A 208 -8.23 -27.27 -7.64
CA LEU A 208 -9.02 -26.26 -8.36
C LEU A 208 -8.19 -25.00 -8.38
N PHE A 209 -8.10 -24.38 -9.53
CA PHE A 209 -7.27 -23.22 -9.65
C PHE A 209 -8.11 -21.98 -9.81
N SER A 210 -7.81 -21.00 -8.98
CA SER A 210 -8.47 -19.73 -9.02
C SER A 210 -8.54 -19.24 -10.47
N GLY A 211 -9.73 -18.84 -10.88
CA GLY A 211 -9.93 -18.25 -12.20
C GLY A 211 -10.40 -19.23 -13.25
N THR A 212 -10.31 -20.52 -12.99
CA THR A 212 -10.91 -21.50 -13.87
C THR A 212 -12.39 -21.59 -13.52
N ASN A 213 -13.13 -22.44 -14.22
CA ASN A 213 -14.52 -22.58 -13.82
C ASN A 213 -15.03 -23.95 -13.92
N ILE A 214 -16.14 -24.17 -13.22
CA ILE A 214 -16.74 -25.48 -13.07
C ILE A 214 -17.75 -25.68 -14.20
N ALA A 215 -17.45 -26.60 -15.11
CA ALA A 215 -18.36 -26.90 -16.18
C ALA A 215 -19.47 -27.79 -15.68
N ALA A 216 -19.26 -28.50 -14.58
CA ALA A 216 -20.34 -29.35 -14.05
C ALA A 216 -20.01 -29.92 -12.71
N GLY A 217 -21.05 -30.15 -11.92
CA GLY A 217 -20.89 -30.80 -10.64
C GLY A 217 -20.74 -29.87 -9.44
N LYS A 218 -20.50 -30.48 -8.29
CA LYS A 218 -20.48 -29.76 -7.04
C LYS A 218 -19.36 -30.33 -6.18
N ALA A 219 -18.54 -29.46 -5.61
CA ALA A 219 -17.53 -29.98 -4.72
C ALA A 219 -17.21 -29.08 -3.54
N LEU A 220 -16.55 -29.70 -2.59
CA LEU A 220 -16.07 -29.06 -1.38
C LEU A 220 -14.55 -29.16 -1.41
N GLY A 221 -13.89 -28.06 -1.07
CA GLY A 221 -12.44 -28.11 -0.97
C GLY A 221 -11.89 -27.30 0.19
N ILE A 222 -10.56 -27.32 0.31
CA ILE A 222 -9.90 -26.46 1.27
C ILE A 222 -8.89 -25.61 0.53
N VAL A 223 -8.92 -24.31 0.82
CA VAL A 223 -8.11 -23.34 0.14
C VAL A 223 -6.63 -23.53 0.53
N ALA A 224 -5.78 -23.74 -0.45
CA ALA A 224 -4.36 -23.90 -0.19
C ALA A 224 -3.70 -22.54 -0.26
N THR A 225 -4.03 -21.75 -1.27
CA THR A 225 -3.42 -20.43 -1.44
C THR A 225 -4.36 -19.46 -2.10
N THR A 226 -4.09 -18.19 -1.84
CA THR A 226 -4.89 -17.09 -2.36
C THR A 226 -3.92 -16.04 -2.88
N GLY A 227 -4.48 -14.92 -3.36
CA GLY A 227 -3.67 -13.78 -3.78
C GLY A 227 -2.67 -14.15 -4.88
N VAL A 228 -1.48 -13.56 -4.82
CA VAL A 228 -0.49 -13.77 -5.88
C VAL A 228 0.16 -15.16 -5.78
N SER A 229 -0.09 -15.88 -4.70
CA SER A 229 0.51 -17.23 -4.54
C SER A 229 -0.33 -18.30 -5.21
N THR A 230 -0.95 -17.96 -6.32
CA THR A 230 -1.80 -18.91 -7.01
C THR A 230 -1.28 -19.01 -8.44
N GLU A 231 -1.69 -20.04 -9.15
CA GLU A 231 -1.39 -20.11 -10.59
C GLU A 231 -1.74 -18.86 -11.41
N ILE A 232 -2.95 -18.32 -11.25
CA ILE A 232 -3.29 -17.11 -11.99
C ILE A 232 -2.46 -15.93 -11.48
N GLY A 233 -2.05 -15.98 -10.20
CA GLY A 233 -1.19 -14.96 -9.65
C GLY A 233 0.22 -14.95 -10.25
N LYS A 234 0.72 -16.14 -10.60
CA LYS A 234 2.00 -16.23 -11.32
C LYS A 234 1.87 -15.61 -12.69
N ILE A 235 0.74 -15.85 -13.35
CA ILE A 235 0.52 -15.22 -14.64
C ILE A 235 0.50 -13.70 -14.41
N ARG A 236 -0.16 -13.29 -13.34
CA ARG A 236 -0.27 -11.86 -13.09
C ARG A 236 1.12 -11.27 -12.86
N ASP A 237 1.97 -11.99 -12.15
CA ASP A 237 3.30 -11.47 -11.89
C ASP A 237 4.18 -11.41 -13.13
N GLN A 238 4.04 -12.34 -14.06
CA GLN A 238 4.87 -12.24 -15.26
C GLN A 238 4.43 -11.13 -16.18
N MET A 239 3.16 -10.80 -16.14
CA MET A 239 2.69 -9.68 -16.92
C MET A 239 3.03 -8.37 -16.23
N ALA A 240 3.26 -8.43 -14.91
CA ALA A 240 3.60 -7.22 -14.17
C ALA A 240 5.07 -6.89 -14.33
N ALA A 241 5.90 -7.91 -14.48
CA ALA A 241 7.29 -7.71 -14.85
C ALA A 241 7.34 -6.99 -16.19
N THR A 242 7.02 -5.69 -16.17
CA THR A 242 6.87 -4.87 -17.37
C THR A 242 8.20 -4.30 -17.83
N GLU A 243 8.77 -4.89 -18.88
CA GLU A 243 10.08 -4.48 -19.36
C GLU A 243 10.01 -3.37 -20.41
N GLN A 244 8.79 -2.94 -20.74
CA GLN A 244 8.56 -1.86 -21.71
C GLN A 244 9.62 -1.80 -22.82
N ASP A 245 9.93 -2.96 -23.40
CA ASP A 245 11.01 -3.01 -24.39
C ASP A 245 10.79 -2.11 -25.60
N LYS A 246 11.59 -2.29 -26.64
CA LYS A 246 11.57 -1.38 -27.77
C LYS A 246 12.12 -1.97 -29.06
N THR A 247 11.48 -1.61 -30.16
CA THR A 247 11.94 -1.97 -31.50
C THR A 247 13.46 -1.91 -31.62
N PRO A 248 14.05 -2.89 -32.32
CA PRO A 248 15.50 -2.88 -32.63
C PRO A 248 15.99 -1.50 -33.08
N LEU A 249 15.32 -0.90 -34.06
CA LEU A 249 15.64 0.46 -34.47
C LEU A 249 15.32 1.48 -33.37
N GLN A 250 14.25 1.22 -32.62
CA GLN A 250 13.88 2.10 -31.52
C GLN A 250 14.94 2.06 -30.40
N GLN A 251 15.69 0.96 -30.34
CA GLN A 251 16.84 0.89 -29.45
C GLN A 251 18.04 1.50 -30.16
N LYS A 252 18.04 1.46 -31.48
CA LYS A 252 19.05 2.14 -32.28
C LYS A 252 18.87 3.64 -32.09
N LEU A 253 17.62 4.08 -32.10
CA LEU A 253 17.32 5.48 -31.85
C LEU A 253 17.86 5.83 -30.48
N ASP A 254 17.28 5.21 -29.45
CA ASP A 254 17.70 5.46 -28.09
C ASP A 254 19.23 5.46 -28.02
N GLU A 255 19.85 4.56 -28.78
CA GLU A 255 21.30 4.45 -28.87
C GLU A 255 21.90 5.72 -29.45
N PHE A 256 21.50 6.03 -30.68
CA PHE A 256 22.02 7.19 -31.39
C PHE A 256 21.80 8.47 -30.59
N GLY A 257 20.83 8.44 -29.70
CA GLY A 257 20.61 9.54 -28.77
C GLY A 257 21.88 9.79 -27.99
N GLU A 258 22.43 8.72 -27.41
CA GLU A 258 23.70 8.77 -26.71
C GLU A 258 24.82 9.16 -27.66
N GLN A 259 24.76 8.63 -28.88
CA GLN A 259 25.74 8.92 -29.91
C GLN A 259 25.87 10.41 -30.20
N LEU A 260 24.74 11.03 -30.54
CA LEU A 260 24.73 12.41 -31.00
C LEU A 260 24.90 13.42 -29.87
N SER A 261 24.51 13.03 -28.65
CA SER A 261 24.53 13.95 -27.51
C SER A 261 25.95 14.18 -26.96
N LYS A 262 26.88 13.34 -27.38
CA LYS A 262 28.28 13.56 -27.03
C LYS A 262 29.00 14.24 -28.18
N VAL A 263 28.72 13.78 -29.41
CA VAL A 263 29.29 14.37 -30.61
C VAL A 263 29.12 15.90 -30.58
N ILE A 264 28.06 16.36 -29.91
CA ILE A 264 27.81 17.79 -29.78
C ILE A 264 28.64 18.40 -28.67
N SER A 265 28.64 17.74 -27.51
CA SER A 265 29.44 18.18 -26.38
C SER A 265 30.92 18.32 -26.76
N LEU A 266 31.38 17.40 -27.59
CA LEU A 266 32.76 17.45 -28.10
C LEU A 266 32.91 18.60 -29.09
N ILE A 267 31.98 18.71 -30.03
CA ILE A 267 32.06 19.74 -31.05
C ILE A 267 31.91 21.16 -30.48
N CYS A 268 31.28 21.27 -29.31
CA CYS A 268 31.10 22.57 -28.67
C CYS A 268 32.35 23.08 -27.98
N VAL A 269 33.05 22.18 -27.29
CA VAL A 269 34.33 22.54 -26.69
C VAL A 269 35.39 22.64 -27.80
N ALA A 270 35.10 22.02 -28.94
CA ALA A 270 35.96 22.09 -30.13
C ALA A 270 35.82 23.44 -30.84
N VAL A 271 34.58 23.92 -30.95
CA VAL A 271 34.34 25.27 -31.42
C VAL A 271 34.92 26.24 -30.40
N TRP A 272 34.95 25.82 -29.14
CA TRP A 272 35.49 26.66 -28.07
C TRP A 272 37.01 26.77 -28.11
N LEU A 273 37.69 25.72 -28.59
CA LEU A 273 39.14 25.77 -28.71
C LEU A 273 39.57 26.68 -29.87
N ILE A 274 38.79 26.66 -30.95
CA ILE A 274 39.03 27.54 -32.09
C ILE A 274 38.40 28.91 -31.84
N ASN A 275 37.57 28.99 -30.81
CA ASN A 275 37.02 30.27 -30.35
C ASN A 275 37.95 30.89 -29.34
N ILE A 276 38.75 30.05 -28.69
CA ILE A 276 39.76 30.50 -27.74
C ILE A 276 41.10 30.63 -28.47
N GLY A 277 41.11 30.22 -29.74
CA GLY A 277 42.27 30.39 -30.59
C GLY A 277 42.55 31.86 -30.85
N HIS A 278 41.52 32.59 -31.28
CA HIS A 278 41.60 34.04 -31.35
C HIS A 278 41.04 34.71 -30.10
N PHE A 279 41.32 34.09 -28.94
CA PHE A 279 41.02 34.67 -27.64
C PHE A 279 42.28 35.37 -27.12
N ASN A 280 43.42 35.06 -27.75
CA ASN A 280 44.68 35.68 -27.40
C ASN A 280 44.93 36.98 -28.17
N ASP A 281 43.94 37.41 -28.94
CA ASP A 281 44.01 38.66 -29.67
C ASP A 281 42.64 39.33 -29.86
N PRO A 282 41.89 39.52 -28.77
CA PRO A 282 40.58 40.15 -28.85
C PRO A 282 40.70 41.68 -28.90
N VAL A 283 41.92 42.17 -28.73
CA VAL A 283 42.19 43.61 -28.63
C VAL A 283 41.17 44.34 -27.76
N HIS A 284 40.51 43.59 -26.88
CA HIS A 284 39.48 44.12 -25.98
C HIS A 284 38.80 45.39 -26.50
N GLY A 285 38.23 45.28 -27.71
CA GLY A 285 37.49 46.38 -28.30
C GLY A 285 36.01 46.24 -28.04
N GLY A 286 35.57 45.00 -27.81
CA GLY A 286 34.18 44.72 -27.51
C GLY A 286 34.04 43.85 -26.28
N SER A 287 34.96 44.03 -25.33
CA SER A 287 34.99 43.25 -24.09
C SER A 287 34.77 41.76 -24.34
N TRP A 288 33.79 41.18 -23.65
CA TRP A 288 33.47 39.77 -23.80
C TRP A 288 31.97 39.53 -23.88
N ILE A 289 31.21 40.62 -23.78
CA ILE A 289 29.75 40.55 -23.96
C ILE A 289 29.45 40.06 -25.37
N ARG A 290 30.26 40.51 -26.32
CA ARG A 290 30.10 40.11 -27.71
C ARG A 290 30.55 38.66 -27.91
N GLY A 291 31.59 38.27 -27.19
CA GLY A 291 32.18 36.95 -27.35
C GLY A 291 31.37 35.82 -26.74
N ALA A 292 30.92 36.02 -25.50
CA ALA A 292 30.15 35.00 -24.80
C ALA A 292 28.71 34.90 -25.33
N ILE A 293 28.37 35.77 -26.27
CA ILE A 293 27.05 35.74 -26.91
C ILE A 293 27.11 35.22 -28.34
N TYR A 294 28.24 35.49 -29.02
CA TYR A 294 28.44 34.93 -30.35
C TYR A 294 28.70 33.43 -30.23
N TYR A 295 29.09 33.00 -29.05
CA TYR A 295 29.43 31.59 -28.79
C TYR A 295 28.18 30.74 -28.51
N PHE A 296 27.19 31.33 -27.87
CA PHE A 296 25.93 30.66 -27.64
C PHE A 296 25.13 30.61 -28.92
N LYS A 297 25.12 31.74 -29.63
CA LYS A 297 24.54 31.81 -30.97
C LYS A 297 24.99 30.64 -31.83
N ILE A 298 26.27 30.28 -31.69
CA ILE A 298 26.88 29.17 -32.44
C ILE A 298 26.36 27.83 -31.92
N ALA A 299 26.36 27.68 -30.60
CA ALA A 299 25.88 26.46 -29.97
C ALA A 299 24.46 26.12 -30.41
N VAL A 300 23.56 27.10 -30.30
CA VAL A 300 22.18 26.92 -30.72
C VAL A 300 22.09 26.52 -32.20
N ALA A 301 23.04 26.98 -33.00
CA ALA A 301 23.03 26.68 -34.43
C ALA A 301 23.61 25.30 -34.71
N LEU A 302 24.60 24.89 -33.92
CA LEU A 302 25.20 23.57 -34.04
C LEU A 302 24.26 22.50 -33.52
N ALA A 303 23.81 22.68 -32.29
CA ALA A 303 22.82 21.81 -31.67
C ALA A 303 21.65 21.58 -32.63
N VAL A 304 21.08 22.68 -33.13
CA VAL A 304 19.96 22.58 -34.04
C VAL A 304 20.34 21.81 -35.31
N ALA A 305 21.57 21.99 -35.77
CA ALA A 305 22.02 21.37 -37.02
C ALA A 305 22.30 19.88 -36.87
N ALA A 306 22.68 19.47 -35.67
CA ALA A 306 23.02 18.07 -35.40
C ALA A 306 21.78 17.22 -35.23
N ILE A 307 20.89 17.64 -34.34
CA ILE A 307 19.61 16.98 -34.11
C ILE A 307 18.72 17.03 -35.36
N PRO A 308 18.34 15.85 -35.88
CA PRO A 308 17.54 15.84 -37.10
C PRO A 308 16.06 15.87 -36.76
N GLU A 309 15.61 16.89 -36.04
CA GLU A 309 14.19 17.03 -35.74
C GLU A 309 13.37 16.71 -37.00
N GLY A 310 12.08 16.45 -36.83
CA GLY A 310 11.29 15.98 -37.96
C GLY A 310 11.47 14.48 -38.22
N LEU A 311 12.59 13.92 -37.76
CA LEU A 311 12.80 12.48 -37.83
C LEU A 311 11.67 11.75 -37.11
N PRO A 312 11.41 12.12 -35.83
CA PRO A 312 10.31 11.48 -35.11
C PRO A 312 9.04 11.47 -35.93
N ALA A 313 8.81 12.50 -36.73
CA ALA A 313 7.55 12.61 -37.45
C ALA A 313 7.48 11.74 -38.71
N VAL A 314 8.57 11.69 -39.47
CA VAL A 314 8.54 10.90 -40.71
C VAL A 314 8.39 9.43 -40.36
N ILE A 315 9.01 9.05 -39.24
CA ILE A 315 8.93 7.70 -38.73
C ILE A 315 7.51 7.35 -38.31
N THR A 316 7.00 8.09 -37.33
CA THR A 316 5.64 7.92 -36.85
C THR A 316 4.70 7.80 -38.03
N THR A 317 4.94 8.62 -39.04
CA THR A 317 4.13 8.64 -40.24
C THR A 317 4.29 7.35 -41.03
N CYS A 318 5.54 6.91 -41.17
CA CYS A 318 5.85 5.66 -41.86
C CYS A 318 5.13 4.48 -41.19
N LEU A 319 5.42 4.30 -39.90
CA LEU A 319 4.72 3.35 -39.05
C LEU A 319 3.21 3.42 -39.21
N ALA A 320 2.63 4.59 -38.97
CA ALA A 320 1.20 4.74 -38.95
C ALA A 320 0.60 4.28 -40.29
N LEU A 321 1.27 4.64 -41.36
CA LEU A 321 0.83 4.21 -42.67
C LEU A 321 0.89 2.70 -42.76
N GLY A 322 1.99 2.12 -42.28
CA GLY A 322 2.13 0.67 -42.21
C GLY A 322 0.95 0.03 -41.48
N THR A 323 0.64 0.57 -40.31
CA THR A 323 -0.50 0.13 -39.56
C THR A 323 -1.76 0.13 -40.43
N ARG A 324 -1.92 1.17 -41.25
CA ARG A 324 -3.10 1.25 -42.12
C ARG A 324 -3.12 0.16 -43.18
N ARG A 325 -1.96 -0.15 -43.73
CA ARG A 325 -1.88 -1.22 -44.71
C ARG A 325 -2.23 -2.56 -44.06
N MET A 326 -1.70 -2.83 -42.86
CA MET A 326 -1.98 -4.09 -42.18
C MET A 326 -3.43 -4.21 -41.74
N ALA A 327 -4.04 -3.08 -41.40
CA ALA A 327 -5.44 -3.12 -41.00
C ALA A 327 -6.30 -3.62 -42.15
N LYS A 328 -5.85 -3.38 -43.38
CA LYS A 328 -6.61 -3.82 -44.54
C LYS A 328 -6.49 -5.32 -44.81
N LYS A 329 -5.46 -5.95 -44.26
CA LYS A 329 -5.37 -7.41 -44.24
C LYS A 329 -6.02 -8.03 -42.99
N ASN A 330 -6.58 -7.18 -42.13
CA ASN A 330 -7.21 -7.63 -40.90
C ASN A 330 -6.21 -7.91 -39.75
N ALA A 331 -5.03 -7.28 -39.84
CA ALA A 331 -4.10 -7.20 -38.73
C ALA A 331 -4.23 -5.85 -38.02
N ILE A 332 -4.75 -5.88 -36.81
CA ILE A 332 -4.88 -4.70 -35.99
C ILE A 332 -3.62 -4.50 -35.13
N VAL A 333 -2.77 -3.56 -35.52
CA VAL A 333 -1.56 -3.29 -34.74
C VAL A 333 -1.89 -2.32 -33.62
N ARG A 334 -1.52 -2.69 -32.39
CA ARG A 334 -1.90 -1.91 -31.22
C ARG A 334 -0.73 -1.06 -30.75
N SER A 335 0.42 -1.24 -31.38
CA SER A 335 1.65 -0.55 -31.03
C SER A 335 2.36 -0.18 -32.32
N LEU A 336 2.52 1.12 -32.59
CA LEU A 336 3.11 1.54 -33.87
C LEU A 336 4.43 0.87 -34.29
N PRO A 337 5.43 0.85 -33.41
CA PRO A 337 6.71 0.22 -33.77
C PRO A 337 6.61 -1.24 -34.21
N SER A 338 5.68 -1.99 -33.62
CA SER A 338 5.59 -3.43 -33.84
C SER A 338 5.39 -3.85 -35.29
N VAL A 339 4.73 -2.99 -36.08
CA VAL A 339 4.39 -3.29 -37.46
C VAL A 339 5.67 -3.69 -38.20
N GLU A 340 6.79 -3.20 -37.69
CA GLU A 340 8.10 -3.35 -38.31
C GLU A 340 9.00 -4.33 -37.57
N THR A 341 8.85 -4.40 -36.26
CA THR A 341 9.60 -5.36 -35.45
C THR A 341 9.44 -6.78 -35.98
N LEU A 342 8.28 -7.07 -36.54
CA LEU A 342 7.99 -8.43 -36.99
C LEU A 342 8.94 -8.81 -38.11
N GLY A 343 9.34 -7.82 -38.91
CA GLY A 343 10.23 -8.03 -40.04
C GLY A 343 11.55 -8.72 -39.71
N CYS A 344 12.14 -8.38 -38.56
CA CYS A 344 13.42 -8.97 -38.22
C CYS A 344 13.24 -10.22 -37.39
N THR A 345 12.00 -10.71 -37.24
CA THR A 345 11.73 -11.91 -36.47
C THR A 345 12.45 -13.08 -37.10
N SER A 346 13.06 -13.90 -36.28
CA SER A 346 13.74 -15.07 -36.77
C SER A 346 13.07 -16.33 -36.25
N VAL A 347 12.35 -16.21 -35.13
CA VAL A 347 11.60 -17.34 -34.55
C VAL A 347 10.20 -16.92 -34.16
N ILE A 348 9.22 -17.72 -34.57
CA ILE A 348 7.84 -17.44 -34.20
C ILE A 348 7.40 -18.60 -33.32
N CYS A 349 7.19 -18.34 -32.02
CA CYS A 349 6.59 -19.33 -31.14
C CYS A 349 5.09 -19.25 -31.29
N SER A 350 4.43 -20.39 -31.20
CA SER A 350 3.01 -20.39 -31.39
C SER A 350 2.30 -21.32 -30.46
N ASP A 351 1.27 -20.80 -29.82
CA ASP A 351 0.33 -21.66 -29.18
C ASP A 351 -0.26 -22.58 -30.27
N LYS A 352 -0.71 -23.77 -29.90
CA LYS A 352 -1.43 -24.64 -30.82
C LYS A 352 -2.93 -24.34 -30.78
N THR A 353 -3.60 -24.80 -29.72
CA THR A 353 -5.04 -24.76 -29.67
C THR A 353 -5.73 -23.38 -29.84
N GLY A 354 -6.50 -23.21 -30.90
CA GLY A 354 -7.22 -21.96 -31.13
C GLY A 354 -6.30 -20.97 -31.82
N THR A 355 -5.05 -21.38 -32.03
CA THR A 355 -4.08 -20.55 -32.71
C THR A 355 -3.68 -21.23 -34.00
N LEU A 356 -2.87 -22.25 -33.90
CA LEU A 356 -2.57 -23.09 -35.05
C LEU A 356 -3.83 -23.91 -35.49
N THR A 357 -4.69 -24.26 -34.54
CA THR A 357 -5.88 -25.07 -34.77
C THR A 357 -7.11 -24.22 -34.49
N THR A 358 -8.30 -24.75 -34.77
CA THR A 358 -9.51 -23.96 -34.73
C THR A 358 -10.12 -23.96 -33.32
N ASN A 359 -9.61 -24.82 -32.46
CA ASN A 359 -10.18 -25.01 -31.14
C ASN A 359 -11.65 -25.36 -31.23
N GLN A 360 -11.96 -26.18 -32.21
CA GLN A 360 -13.33 -26.64 -32.39
C GLN A 360 -13.22 -28.11 -32.69
N MET A 361 -13.56 -28.88 -31.68
CA MET A 361 -13.36 -30.32 -31.72
C MET A 361 -14.26 -30.93 -32.82
N SER A 362 -13.68 -31.77 -33.66
CA SER A 362 -14.30 -32.28 -34.90
C SER A 362 -14.20 -33.82 -35.07
N VAL A 363 -15.34 -34.48 -35.28
CA VAL A 363 -15.30 -35.88 -35.63
C VAL A 363 -14.83 -35.96 -37.07
N CYS A 364 -13.72 -36.64 -37.31
CA CYS A 364 -13.14 -36.61 -38.63
C CYS A 364 -13.03 -38.04 -39.18
N LYS A 365 -13.24 -39.02 -38.31
CA LYS A 365 -13.25 -40.41 -38.76
C LYS A 365 -14.33 -41.13 -37.99
N MET A 366 -14.96 -42.12 -38.61
CA MET A 366 -15.88 -42.99 -37.87
C MET A 366 -15.97 -44.34 -38.51
N PHE A 367 -16.39 -45.32 -37.74
CA PHE A 367 -16.66 -46.60 -38.38
C PHE A 367 -17.79 -47.40 -37.76
N ILE A 368 -18.43 -48.25 -38.58
CA ILE A 368 -19.38 -49.22 -38.10
C ILE A 368 -18.97 -50.59 -38.57
N ILE A 369 -19.74 -51.62 -38.22
CA ILE A 369 -19.40 -52.96 -38.69
C ILE A 369 -20.18 -53.37 -39.96
N ASP A 370 -19.46 -53.78 -41.00
CA ASP A 370 -20.08 -54.14 -42.26
C ASP A 370 -20.50 -55.59 -42.32
N LYS A 371 -19.60 -56.49 -41.96
CA LYS A 371 -19.91 -57.90 -41.87
C LYS A 371 -19.02 -58.62 -40.88
N VAL A 372 -19.57 -59.67 -40.30
CA VAL A 372 -18.82 -60.50 -39.39
C VAL A 372 -18.92 -61.88 -39.98
N ASP A 373 -17.80 -62.38 -40.47
CA ASP A 373 -17.76 -63.71 -41.05
C ASP A 373 -17.00 -64.66 -40.11
N GLY A 374 -17.70 -65.11 -39.06
CA GLY A 374 -17.12 -65.99 -38.06
C GLY A 374 -16.05 -65.38 -37.19
N ASP A 375 -14.81 -65.46 -37.66
CA ASP A 375 -13.69 -64.92 -36.88
C ASP A 375 -13.23 -63.61 -37.46
N PHE A 376 -13.35 -63.47 -38.78
CA PHE A 376 -13.00 -62.21 -39.43
C PHE A 376 -14.16 -61.21 -39.31
N CYS A 377 -13.78 -59.93 -39.27
CA CYS A 377 -14.66 -58.85 -38.89
C CYS A 377 -14.34 -57.69 -39.81
N SER A 378 -15.27 -57.34 -40.69
CA SER A 378 -14.99 -56.26 -41.64
C SER A 378 -15.53 -54.91 -41.19
N LEU A 379 -14.66 -53.91 -41.08
CA LEU A 379 -15.15 -52.57 -40.73
C LEU A 379 -15.49 -51.67 -41.91
N ASN A 380 -16.50 -50.83 -41.72
CA ASN A 380 -16.83 -49.81 -42.69
C ASN A 380 -16.45 -48.44 -42.15
N GLU A 381 -15.36 -47.91 -42.67
CA GLU A 381 -14.81 -46.64 -42.26
C GLU A 381 -15.20 -45.49 -43.15
N PHE A 382 -15.45 -44.35 -42.51
CA PHE A 382 -15.73 -43.12 -43.20
C PHE A 382 -14.87 -42.01 -42.66
N SER A 383 -14.63 -41.00 -43.46
CA SER A 383 -13.99 -39.79 -42.94
C SER A 383 -15.03 -38.69 -43.04
N ILE A 384 -14.92 -37.65 -42.23
CA ILE A 384 -15.85 -36.52 -42.27
C ILE A 384 -15.03 -35.23 -42.41
N THR A 385 -15.47 -34.29 -43.24
CA THR A 385 -14.70 -33.06 -43.45
C THR A 385 -15.28 -31.89 -42.70
N GLY A 386 -14.52 -30.81 -42.66
CA GLY A 386 -14.92 -29.62 -41.92
C GLY A 386 -14.18 -29.60 -40.60
N SER A 387 -13.97 -28.40 -40.11
CA SER A 387 -12.99 -28.16 -39.06
C SER A 387 -13.52 -27.23 -38.03
N THR A 388 -14.81 -26.88 -38.14
CA THR A 388 -15.45 -26.06 -37.11
C THR A 388 -16.72 -26.73 -36.61
N TYR A 389 -17.36 -26.05 -35.65
CA TYR A 389 -18.64 -26.55 -35.15
C TYR A 389 -19.75 -26.31 -36.17
N ALA A 390 -19.49 -25.50 -37.21
CA ALA A 390 -20.49 -25.25 -38.25
C ALA A 390 -20.87 -26.57 -38.88
N PRO A 391 -22.16 -26.79 -39.10
CA PRO A 391 -22.52 -28.10 -39.61
C PRO A 391 -22.29 -28.08 -41.10
N GLU A 392 -21.03 -27.93 -41.49
CA GLU A 392 -20.62 -27.81 -42.88
C GLU A 392 -19.52 -28.82 -43.12
N GLY A 393 -19.71 -29.68 -44.11
CA GLY A 393 -18.74 -30.72 -44.38
C GLY A 393 -19.51 -31.93 -44.87
N GLU A 394 -18.81 -32.92 -45.38
CA GLU A 394 -19.50 -34.10 -45.82
C GLU A 394 -18.83 -35.36 -45.29
N VAL A 395 -19.60 -36.45 -45.30
CA VAL A 395 -19.12 -37.75 -44.92
C VAL A 395 -18.58 -38.37 -46.16
N LEU A 396 -17.36 -38.90 -46.10
CA LEU A 396 -16.71 -39.48 -47.27
C LEU A 396 -16.40 -40.98 -47.09
N LYS A 397 -16.51 -41.75 -48.18
CA LYS A 397 -16.14 -43.16 -48.19
C LYS A 397 -15.09 -43.26 -49.26
N ASN A 398 -13.88 -43.68 -48.91
CA ASN A 398 -12.80 -43.64 -49.88
C ASN A 398 -12.71 -42.26 -50.54
N ASP A 399 -12.90 -41.20 -49.77
CA ASP A 399 -12.69 -39.86 -50.32
C ASP A 399 -13.78 -39.36 -51.25
N LYS A 400 -14.87 -40.08 -51.35
CA LYS A 400 -15.97 -39.58 -52.12
C LYS A 400 -17.18 -39.38 -51.23
N PRO A 401 -17.94 -38.31 -51.48
CA PRO A 401 -19.09 -38.04 -50.61
C PRO A 401 -20.15 -39.13 -50.76
N ILE A 402 -20.79 -39.48 -49.65
CA ILE A 402 -21.85 -40.47 -49.65
C ILE A 402 -22.97 -39.98 -48.75
N ARG A 403 -24.09 -40.64 -48.84
CA ARG A 403 -25.21 -40.26 -48.01
C ARG A 403 -25.24 -41.18 -46.81
N SER A 404 -25.08 -40.61 -45.63
CA SER A 404 -24.96 -41.45 -44.45
C SER A 404 -26.19 -42.34 -44.28
N GLY A 405 -27.36 -41.85 -44.67
CA GLY A 405 -28.60 -42.63 -44.48
C GLY A 405 -28.65 -43.96 -45.24
N GLN A 406 -27.79 -44.12 -46.23
CA GLN A 406 -27.65 -45.39 -46.94
C GLN A 406 -27.34 -46.54 -45.98
N PHE A 407 -26.70 -46.25 -44.84
CA PHE A 407 -26.17 -47.33 -43.99
C PHE A 407 -26.89 -47.35 -42.66
N ASP A 408 -27.54 -48.47 -42.37
CA ASP A 408 -28.35 -48.56 -41.18
C ASP A 408 -27.53 -48.27 -39.95
N GLY A 409 -26.28 -48.72 -39.98
CA GLY A 409 -25.37 -48.61 -38.85
C GLY A 409 -25.06 -47.16 -38.57
N LEU A 410 -24.98 -46.35 -39.64
CA LEU A 410 -24.76 -44.92 -39.47
C LEU A 410 -25.98 -44.24 -38.91
N VAL A 411 -27.17 -44.68 -39.32
CA VAL A 411 -28.41 -44.09 -38.77
C VAL A 411 -28.37 -44.31 -37.24
N GLU A 412 -27.94 -45.49 -36.84
CA GLU A 412 -27.89 -45.81 -35.43
C GLU A 412 -26.81 -45.04 -34.70
N LEU A 413 -25.65 -44.92 -35.33
CA LEU A 413 -24.56 -44.12 -34.78
C LEU A 413 -24.98 -42.66 -34.53
N ALA A 414 -25.61 -42.07 -35.56
CA ALA A 414 -26.13 -40.72 -35.47
C ALA A 414 -27.12 -40.63 -34.31
N THR A 415 -27.95 -41.67 -34.20
CA THR A 415 -29.01 -41.65 -33.20
C THR A 415 -28.37 -41.61 -31.82
N ILE A 416 -27.40 -42.47 -31.60
CA ILE A 416 -26.70 -42.45 -30.32
C ILE A 416 -25.94 -41.13 -30.09
N CYS A 417 -25.26 -40.65 -31.13
CA CYS A 417 -24.54 -39.39 -31.05
C CYS A 417 -25.47 -38.26 -30.68
N ALA A 418 -26.69 -38.31 -31.20
CA ALA A 418 -27.66 -37.22 -31.00
C ALA A 418 -28.27 -37.30 -29.60
N LEU A 419 -28.61 -38.51 -29.16
CA LEU A 419 -29.34 -38.67 -27.92
C LEU A 419 -28.43 -38.81 -26.71
N CYS A 420 -27.30 -39.46 -26.86
CA CYS A 420 -26.47 -39.71 -25.68
C CYS A 420 -25.54 -38.53 -25.55
N ASN A 421 -26.10 -37.40 -25.12
CA ASN A 421 -25.46 -36.10 -25.38
C ASN A 421 -26.11 -34.97 -24.59
N ASP A 422 -25.33 -34.18 -23.86
CA ASP A 422 -25.93 -33.10 -23.08
C ASP A 422 -25.64 -31.76 -23.69
N SER A 423 -25.04 -31.76 -24.85
CA SER A 423 -24.73 -30.48 -25.44
C SER A 423 -25.59 -30.15 -26.64
N SER A 424 -25.28 -29.02 -27.25
CA SER A 424 -25.92 -28.68 -28.48
C SER A 424 -25.06 -27.67 -29.19
N LEU A 425 -25.65 -27.00 -30.15
CA LEU A 425 -24.92 -26.12 -31.03
C LEU A 425 -25.79 -24.87 -31.11
N ASP A 426 -25.18 -23.73 -31.34
CA ASP A 426 -25.96 -22.52 -31.30
C ASP A 426 -25.32 -21.58 -32.30
N PHE A 427 -26.15 -20.86 -33.05
CA PHE A 427 -25.60 -19.90 -33.98
C PHE A 427 -25.67 -18.52 -33.38
N ASN A 428 -24.50 -18.00 -33.06
CA ASN A 428 -24.39 -16.67 -32.50
C ASN A 428 -24.58 -15.60 -33.58
N GLU A 429 -25.72 -14.93 -33.56
CA GLU A 429 -26.08 -13.97 -34.60
C GLU A 429 -25.16 -12.77 -34.58
N THR A 430 -24.69 -12.42 -33.40
CA THR A 430 -23.75 -11.32 -33.25
C THR A 430 -22.35 -11.60 -33.82
N LYS A 431 -21.73 -12.73 -33.49
CA LYS A 431 -20.40 -13.04 -34.05
C LYS A 431 -20.45 -13.64 -35.46
N GLY A 432 -21.62 -14.11 -35.87
CA GLY A 432 -21.74 -14.73 -37.18
C GLY A 432 -21.12 -16.13 -37.28
N VAL A 433 -21.01 -16.85 -36.17
CA VAL A 433 -20.45 -18.19 -36.21
C VAL A 433 -21.25 -19.11 -35.32
N TYR A 434 -21.12 -20.41 -35.59
CA TYR A 434 -21.69 -21.43 -34.73
C TYR A 434 -20.80 -21.54 -33.53
N GLU A 435 -21.38 -21.74 -32.37
CA GLU A 435 -20.62 -21.97 -31.16
C GLU A 435 -21.18 -23.19 -30.42
N LYS A 436 -20.34 -23.87 -29.66
CA LYS A 436 -20.83 -24.98 -28.87
C LYS A 436 -21.64 -24.46 -27.68
N VAL A 437 -22.46 -25.33 -27.12
CA VAL A 437 -23.18 -25.07 -25.91
C VAL A 437 -22.95 -26.35 -25.15
N GLY A 438 -22.05 -26.31 -24.16
CA GLY A 438 -21.71 -27.53 -23.44
C GLY A 438 -20.30 -27.99 -23.79
N GLU A 439 -20.04 -29.28 -23.62
CA GLU A 439 -18.68 -29.78 -23.79
C GLU A 439 -18.35 -29.90 -25.27
N ALA A 440 -17.12 -29.51 -25.57
CA ALA A 440 -16.55 -29.58 -26.90
C ALA A 440 -16.71 -30.96 -27.50
N THR A 441 -16.41 -32.00 -26.71
CA THR A 441 -16.36 -33.37 -27.22
C THR A 441 -17.77 -33.86 -27.46
N GLU A 442 -18.74 -33.21 -26.83
CA GLU A 442 -20.13 -33.56 -27.10
C GLU A 442 -20.69 -32.81 -28.29
N THR A 443 -20.35 -31.52 -28.37
CA THR A 443 -20.76 -30.70 -29.48
C THR A 443 -20.19 -31.23 -30.77
N ALA A 444 -19.03 -31.88 -30.70
CA ALA A 444 -18.52 -32.51 -31.91
C ALA A 444 -19.50 -33.58 -32.43
N LEU A 445 -20.14 -34.31 -31.52
CA LEU A 445 -21.08 -35.32 -31.91
C LEU A 445 -22.30 -34.65 -32.51
N THR A 446 -22.76 -33.58 -31.86
CA THR A 446 -23.85 -32.78 -32.41
C THR A 446 -23.58 -32.30 -33.83
N THR A 447 -22.39 -31.74 -34.07
CA THR A 447 -22.01 -31.28 -35.38
C THR A 447 -22.01 -32.42 -36.39
N LEU A 448 -21.47 -33.56 -35.97
CA LEU A 448 -21.40 -34.75 -36.84
C LEU A 448 -22.83 -35.14 -37.30
N VAL A 449 -23.80 -35.10 -36.38
CA VAL A 449 -25.14 -35.56 -36.69
C VAL A 449 -25.68 -34.63 -37.77
N GLU A 450 -25.40 -33.33 -37.65
CA GLU A 450 -25.82 -32.36 -38.64
C GLU A 450 -25.16 -32.57 -40.00
N LYS A 451 -23.90 -33.00 -40.02
CA LYS A 451 -23.25 -33.27 -41.30
C LYS A 451 -23.76 -34.55 -41.90
N MET A 452 -24.01 -35.53 -41.05
CA MET A 452 -24.46 -36.81 -41.53
C MET A 452 -25.87 -36.73 -42.15
N ASN A 453 -26.79 -36.02 -41.48
CA ASN A 453 -28.14 -35.85 -41.99
C ASN A 453 -28.72 -37.20 -42.50
N VAL A 454 -28.77 -38.16 -41.61
CA VAL A 454 -29.11 -39.53 -41.98
C VAL A 454 -30.55 -39.66 -42.48
N PHE A 455 -31.43 -38.75 -42.09
CA PHE A 455 -32.78 -38.78 -42.65
C PHE A 455 -32.98 -37.88 -43.88
N ASN A 456 -31.90 -37.38 -44.45
CA ASN A 456 -32.00 -36.58 -45.66
C ASN A 456 -32.98 -35.43 -45.53
N THR A 457 -33.03 -34.89 -44.33
CA THR A 457 -33.83 -33.73 -44.01
C THR A 457 -33.42 -32.51 -44.82
N GLU A 458 -34.40 -31.80 -45.36
CA GLU A 458 -34.11 -30.60 -46.14
C GLU A 458 -33.60 -29.50 -45.23
N VAL A 459 -32.35 -29.07 -45.40
CA VAL A 459 -31.78 -28.06 -44.50
C VAL A 459 -31.26 -26.82 -45.19
N ARG A 460 -31.31 -26.79 -46.51
CA ARG A 460 -30.68 -25.70 -47.25
C ARG A 460 -31.43 -24.37 -47.10
N ASN A 461 -32.71 -24.42 -46.76
CA ASN A 461 -33.47 -23.19 -46.68
C ASN A 461 -33.66 -22.70 -45.24
N LEU A 462 -33.03 -23.34 -44.27
CA LEU A 462 -33.12 -22.89 -42.89
C LEU A 462 -32.23 -21.67 -42.64
N SER A 463 -32.67 -20.81 -41.76
CA SER A 463 -31.79 -19.80 -41.21
C SER A 463 -30.64 -20.51 -40.53
N LYS A 464 -29.52 -19.83 -40.37
CA LYS A 464 -28.41 -20.45 -39.68
C LYS A 464 -28.78 -20.74 -38.25
N VAL A 465 -29.64 -19.91 -37.62
CA VAL A 465 -29.99 -20.27 -36.24
C VAL A 465 -30.80 -21.55 -36.16
N GLU A 466 -31.73 -21.76 -37.09
CA GLU A 466 -32.52 -22.99 -37.07
C GLU A 466 -31.74 -24.21 -37.51
N ARG A 467 -30.71 -23.98 -38.31
CA ARG A 467 -29.95 -25.04 -38.97
C ARG A 467 -29.09 -25.73 -37.94
N ALA A 468 -28.72 -24.96 -36.92
CA ALA A 468 -27.80 -25.42 -35.87
C ALA A 468 -28.11 -26.81 -35.33
N ASN A 469 -29.38 -27.14 -35.11
CA ASN A 469 -29.75 -28.41 -34.43
C ASN A 469 -30.81 -29.16 -35.19
N ALA A 470 -30.94 -28.86 -36.47
CA ALA A 470 -32.01 -29.43 -37.28
C ALA A 470 -32.03 -30.98 -37.33
N CYS A 471 -30.92 -31.60 -37.73
CA CYS A 471 -30.93 -33.05 -37.86
C CYS A 471 -30.93 -33.74 -36.48
N ASN A 472 -30.41 -33.08 -35.46
CA ASN A 472 -30.52 -33.63 -34.10
C ASN A 472 -31.97 -33.57 -33.65
N SER A 473 -32.65 -32.47 -33.96
CA SER A 473 -34.07 -32.38 -33.59
C SER A 473 -34.93 -33.45 -34.23
N VAL A 474 -34.59 -33.82 -35.48
CA VAL A 474 -35.36 -34.84 -36.22
C VAL A 474 -35.21 -36.18 -35.50
N ILE A 475 -34.01 -36.46 -34.99
CA ILE A 475 -33.82 -37.66 -34.19
C ILE A 475 -34.58 -37.60 -32.87
N ARG A 476 -34.65 -36.43 -32.26
CA ARG A 476 -35.44 -36.32 -31.04
C ARG A 476 -36.90 -36.62 -31.28
N GLN A 477 -37.37 -36.43 -32.50
CA GLN A 477 -38.78 -36.66 -32.76
C GLN A 477 -39.07 -38.14 -32.84
N LEU A 478 -38.03 -38.94 -33.04
CA LEU A 478 -38.20 -40.39 -33.13
C LEU A 478 -38.11 -41.14 -31.78
N MET A 479 -37.11 -40.78 -30.97
CA MET A 479 -36.86 -41.43 -29.69
C MET A 479 -36.96 -40.37 -28.63
N LYS A 480 -37.73 -40.65 -27.60
CA LYS A 480 -37.85 -39.72 -26.49
C LYS A 480 -36.85 -40.07 -25.41
N LYS A 481 -35.97 -39.13 -25.06
CA LYS A 481 -35.06 -39.38 -23.93
C LYS A 481 -35.82 -39.36 -22.61
N GLU A 482 -35.78 -40.47 -21.88
CA GLU A 482 -36.46 -40.54 -20.62
C GLU A 482 -35.63 -40.23 -19.38
N PHE A 483 -34.36 -40.59 -19.40
CA PHE A 483 -33.44 -40.22 -18.31
C PHE A 483 -32.00 -40.52 -18.72
N THR A 484 -31.06 -39.98 -18.00
CA THR A 484 -29.67 -40.19 -18.32
C THR A 484 -28.98 -40.92 -17.18
N LEU A 485 -28.14 -41.90 -17.51
CA LEU A 485 -27.18 -42.45 -16.55
C LEU A 485 -25.89 -41.66 -16.78
N GLU A 486 -25.72 -40.58 -16.02
CA GLU A 486 -24.58 -39.72 -16.27
C GLU A 486 -23.23 -40.46 -16.10
N PHE A 487 -22.21 -39.87 -16.73
CA PHE A 487 -20.82 -40.36 -16.69
C PHE A 487 -20.29 -40.52 -15.25
N SER A 488 -19.59 -41.62 -14.99
CA SER A 488 -18.87 -41.78 -13.73
C SER A 488 -17.47 -42.25 -14.04
N ARG A 489 -16.53 -41.94 -13.14
CA ARG A 489 -15.12 -42.29 -13.31
C ARG A 489 -14.83 -43.81 -13.37
N ASP A 490 -15.62 -44.61 -12.68
CA ASP A 490 -15.36 -46.04 -12.64
C ASP A 490 -15.67 -46.73 -13.96
N ARG A 491 -16.71 -46.29 -14.65
CA ARG A 491 -17.08 -46.99 -15.88
C ARG A 491 -16.61 -46.29 -17.15
N LYS A 492 -16.39 -44.98 -17.05
CA LYS A 492 -16.01 -44.15 -18.20
C LYS A 492 -16.97 -44.31 -19.40
N SER A 493 -18.26 -44.17 -19.14
CA SER A 493 -19.28 -44.17 -20.17
C SER A 493 -20.50 -43.41 -19.63
N MET A 494 -21.47 -43.12 -20.47
CA MET A 494 -22.72 -42.56 -19.98
C MET A 494 -23.77 -43.14 -20.88
N SER A 495 -25.02 -43.06 -20.48
CA SER A 495 -26.06 -43.60 -21.30
C SER A 495 -27.35 -42.87 -21.05
N VAL A 496 -28.26 -43.03 -22.01
CA VAL A 496 -29.57 -42.42 -21.96
C VAL A 496 -30.57 -43.51 -22.31
N TYR A 497 -31.67 -43.50 -21.58
CA TYR A 497 -32.73 -44.49 -21.70
C TYR A 497 -33.85 -43.88 -22.55
N CYS A 498 -34.25 -44.57 -23.62
CA CYS A 498 -35.16 -43.95 -24.57
C CYS A 498 -36.29 -44.87 -24.97
N SER A 499 -37.46 -44.27 -25.16
CA SER A 499 -38.57 -45.00 -25.74
C SER A 499 -38.90 -44.44 -27.13
N PRO A 500 -39.34 -45.32 -28.03
CA PRO A 500 -39.80 -44.90 -29.35
C PRO A 500 -40.92 -43.90 -29.18
N ALA A 501 -40.93 -42.83 -29.97
CA ALA A 501 -41.98 -41.82 -29.85
C ALA A 501 -43.36 -42.39 -30.18
N LYS A 502 -44.41 -41.76 -29.66
CA LYS A 502 -45.78 -42.23 -29.89
C LYS A 502 -46.02 -42.20 -31.37
N SER A 503 -46.63 -43.27 -31.88
CA SER A 503 -46.65 -43.61 -33.30
C SER A 503 -45.26 -44.11 -33.74
N SER A 504 -44.96 -45.35 -33.34
CA SER A 504 -43.65 -45.94 -33.54
C SER A 504 -43.28 -45.97 -35.01
N ARG A 505 -43.53 -47.12 -35.63
CA ARG A 505 -43.03 -47.45 -36.96
C ARG A 505 -41.51 -47.52 -36.87
N ALA A 506 -40.95 -46.63 -36.08
CA ALA A 506 -39.53 -46.63 -35.75
C ALA A 506 -39.06 -48.05 -35.39
N ALA A 507 -39.61 -48.60 -34.31
CA ALA A 507 -39.28 -49.93 -33.83
C ALA A 507 -39.71 -50.03 -32.38
N VAL A 508 -40.41 -51.10 -32.02
CA VAL A 508 -40.94 -51.22 -30.67
C VAL A 508 -39.85 -51.47 -29.60
N GLY A 509 -40.15 -51.17 -28.34
CA GLY A 509 -39.22 -51.40 -27.23
C GLY A 509 -38.30 -50.26 -26.85
N ASN A 510 -37.97 -50.19 -25.58
CA ASN A 510 -37.07 -49.18 -25.06
C ASN A 510 -35.61 -49.54 -25.25
N LYS A 511 -34.77 -48.51 -25.31
CA LYS A 511 -33.38 -48.66 -25.73
C LYS A 511 -32.53 -47.85 -24.80
N MET A 512 -31.32 -48.31 -24.59
CA MET A 512 -30.33 -47.48 -23.90
C MET A 512 -29.22 -47.21 -24.89
N PHE A 513 -28.86 -45.95 -25.02
CA PHE A 513 -27.80 -45.62 -25.94
C PHE A 513 -26.59 -45.22 -25.14
N VAL A 514 -25.45 -45.79 -25.48
CA VAL A 514 -24.27 -45.66 -24.66
C VAL A 514 -23.08 -45.12 -25.42
N LYS A 515 -22.36 -44.18 -24.82
CA LYS A 515 -21.06 -43.84 -25.37
C LYS A 515 -20.03 -43.78 -24.25
N GLY A 516 -18.76 -44.01 -24.61
CA GLY A 516 -17.70 -43.97 -23.63
C GLY A 516 -16.36 -44.40 -24.19
N ALA A 517 -15.36 -44.46 -23.29
CA ALA A 517 -14.02 -44.93 -23.58
C ALA A 517 -14.19 -46.34 -24.09
N PRO A 518 -13.56 -46.63 -25.23
CA PRO A 518 -13.69 -47.88 -25.99
C PRO A 518 -13.59 -49.12 -25.14
N GLU A 519 -12.57 -49.20 -24.32
CA GLU A 519 -12.23 -50.47 -23.72
C GLU A 519 -13.34 -50.95 -22.77
N GLY A 520 -13.86 -50.05 -21.95
CA GLY A 520 -14.89 -50.41 -20.98
C GLY A 520 -16.22 -50.69 -21.63
N VAL A 521 -16.54 -49.96 -22.71
CA VAL A 521 -17.81 -50.13 -23.40
C VAL A 521 -17.78 -51.46 -24.15
N ILE A 522 -16.67 -51.73 -24.83
CA ILE A 522 -16.59 -52.94 -25.61
C ILE A 522 -16.60 -54.18 -24.71
N ASP A 523 -15.89 -54.14 -23.58
CA ASP A 523 -15.91 -55.25 -22.61
C ASP A 523 -17.34 -55.58 -22.16
N ARG A 524 -18.22 -54.58 -22.14
CA ARG A 524 -19.60 -54.80 -21.76
C ARG A 524 -20.51 -55.06 -22.96
N CYS A 525 -19.93 -55.35 -24.13
CA CYS A 525 -20.81 -55.71 -25.25
C CYS A 525 -20.80 -57.22 -25.45
N ASN A 526 -21.99 -57.80 -25.58
CA ASN A 526 -22.10 -59.21 -25.93
C ASN A 526 -22.44 -59.43 -27.40
N TYR A 527 -22.95 -58.38 -28.04
CA TYR A 527 -23.29 -58.42 -29.44
C TYR A 527 -22.62 -57.29 -30.20
N VAL A 528 -22.68 -57.41 -31.53
CA VAL A 528 -22.17 -56.39 -32.47
C VAL A 528 -23.27 -56.17 -33.49
N ARG A 529 -23.55 -54.91 -33.78
CA ARG A 529 -24.53 -54.57 -34.80
C ARG A 529 -23.91 -54.60 -36.17
N VAL A 530 -24.57 -55.31 -37.08
CA VAL A 530 -24.19 -55.35 -38.48
C VAL A 530 -25.46 -54.99 -39.26
N GLY A 531 -25.47 -53.78 -39.82
CA GLY A 531 -26.64 -53.21 -40.46
C GLY A 531 -27.73 -53.12 -39.42
N THR A 532 -28.79 -53.92 -39.58
CA THR A 532 -29.86 -53.99 -38.59
C THR A 532 -29.80 -55.31 -37.81
N THR A 533 -28.91 -56.19 -38.21
CA THR A 533 -28.84 -57.50 -37.58
C THR A 533 -27.88 -57.36 -36.41
N ARG A 534 -27.81 -58.38 -35.57
CA ARG A 534 -26.98 -58.31 -34.38
C ARG A 534 -26.31 -59.64 -34.31
N VAL A 535 -24.99 -59.67 -34.13
CA VAL A 535 -24.31 -60.96 -33.95
C VAL A 535 -23.48 -61.01 -32.66
N PRO A 536 -23.18 -62.23 -32.20
CA PRO A 536 -22.35 -62.34 -31.00
C PRO A 536 -20.96 -61.73 -31.15
N MET A 537 -20.56 -60.95 -30.14
CA MET A 537 -19.25 -60.39 -30.00
C MET A 537 -18.28 -61.48 -29.58
N THR A 538 -17.25 -61.73 -30.36
CA THR A 538 -16.30 -62.76 -30.01
C THR A 538 -14.97 -62.14 -29.68
N GLY A 539 -14.07 -62.92 -29.10
CA GLY A 539 -12.72 -62.47 -28.83
C GLY A 539 -12.00 -61.88 -30.05
N PRO A 540 -11.91 -62.66 -31.15
CA PRO A 540 -11.19 -62.16 -32.33
C PRO A 540 -11.81 -60.89 -32.88
N VAL A 541 -13.12 -60.79 -32.82
CA VAL A 541 -13.81 -59.58 -33.26
C VAL A 541 -13.52 -58.39 -32.35
N LYS A 542 -13.68 -58.58 -31.04
CA LYS A 542 -13.35 -57.60 -30.02
C LYS A 542 -11.92 -57.13 -30.23
N GLU A 543 -11.03 -58.06 -30.60
CA GLU A 543 -9.63 -57.69 -30.73
C GLU A 543 -9.35 -56.88 -32.00
N LYS A 544 -10.02 -57.20 -33.10
CA LYS A 544 -9.86 -56.41 -34.33
C LYS A 544 -10.33 -54.97 -34.11
N ILE A 545 -11.50 -54.84 -33.49
CA ILE A 545 -12.12 -53.57 -33.23
C ILE A 545 -11.29 -52.74 -32.25
N LEU A 546 -10.81 -53.37 -31.17
CA LEU A 546 -9.97 -52.61 -30.24
C LEU A 546 -8.69 -52.20 -30.93
N SER A 547 -8.17 -53.04 -31.82
CA SER A 547 -6.88 -52.73 -32.44
C SER A 547 -7.00 -51.51 -33.32
N VAL A 548 -8.10 -51.44 -34.09
CA VAL A 548 -8.26 -50.34 -35.02
C VAL A 548 -8.43 -49.06 -34.22
N ILE A 549 -9.22 -49.13 -33.16
CA ILE A 549 -9.43 -48.01 -32.25
C ILE A 549 -8.12 -47.51 -31.64
N LYS A 550 -7.24 -48.44 -31.30
CA LYS A 550 -5.96 -48.07 -30.72
C LYS A 550 -5.08 -47.39 -31.78
N GLU A 551 -5.14 -47.87 -33.03
CA GLU A 551 -4.42 -47.18 -34.11
C GLU A 551 -4.98 -45.77 -34.28
N TRP A 552 -6.29 -45.61 -34.17
CA TRP A 552 -6.87 -44.28 -34.35
C TRP A 552 -6.39 -43.38 -33.22
N GLY A 553 -6.06 -43.97 -32.08
CA GLY A 553 -5.74 -43.15 -30.93
C GLY A 553 -4.30 -42.74 -30.80
N THR A 554 -3.44 -43.19 -31.72
CA THR A 554 -2.00 -43.02 -31.54
C THR A 554 -1.31 -42.75 -32.86
N GLY A 555 -2.11 -42.45 -33.87
CA GLY A 555 -1.45 -42.41 -35.16
C GLY A 555 -0.49 -41.24 -35.40
N ARG A 556 -0.29 -41.02 -36.68
CA ARG A 556 -0.33 -39.68 -37.20
C ARG A 556 -1.77 -39.18 -36.88
N ASP A 557 -2.67 -40.08 -36.48
CA ASP A 557 -4.07 -39.73 -36.13
C ASP A 557 -4.20 -39.07 -34.75
N THR A 558 -3.92 -39.86 -33.70
CA THR A 558 -4.04 -39.40 -32.33
C THR A 558 -5.38 -38.73 -32.04
N LEU A 559 -6.44 -39.44 -32.37
CA LEU A 559 -7.78 -38.91 -32.21
C LEU A 559 -8.31 -39.35 -30.87
N ARG A 560 -9.19 -38.55 -30.26
CA ARG A 560 -10.00 -39.07 -29.14
C ARG A 560 -11.11 -39.91 -29.74
N CYS A 561 -11.20 -41.15 -29.32
CA CYS A 561 -12.24 -42.05 -29.80
C CYS A 561 -13.29 -42.33 -28.75
N LEU A 562 -14.57 -42.33 -29.17
CA LEU A 562 -15.66 -42.89 -28.38
C LEU A 562 -16.22 -44.16 -29.02
N ALA A 563 -16.55 -45.17 -28.21
CA ALA A 563 -17.28 -46.32 -28.73
C ALA A 563 -18.73 -46.09 -28.42
N LEU A 564 -19.58 -46.49 -29.35
CA LEU A 564 -21.00 -46.22 -29.29
C LEU A 564 -21.72 -47.56 -29.24
N ALA A 565 -22.62 -47.70 -28.28
CA ALA A 565 -23.33 -48.94 -28.18
C ALA A 565 -24.72 -48.66 -27.72
N THR A 566 -25.56 -49.68 -27.85
CA THR A 566 -26.91 -49.59 -27.38
C THR A 566 -27.26 -50.88 -26.68
N ARG A 567 -27.94 -50.77 -25.55
CA ARG A 567 -28.46 -51.97 -24.88
C ARG A 567 -29.80 -52.29 -25.53
N ASP A 568 -29.87 -53.39 -26.26
CA ASP A 568 -31.09 -53.76 -27.03
C ASP A 568 -32.33 -54.08 -26.17
N THR A 569 -32.12 -54.71 -25.02
CA THR A 569 -33.16 -55.04 -24.09
C THR A 569 -32.82 -54.49 -22.71
N PRO A 570 -33.16 -53.22 -22.46
CA PRO A 570 -32.78 -52.66 -21.16
C PRO A 570 -33.59 -53.27 -20.05
N PRO A 571 -33.14 -53.09 -18.80
CA PRO A 571 -33.98 -53.43 -17.66
C PRO A 571 -35.27 -52.59 -17.73
N LYS A 572 -36.28 -52.93 -16.93
CA LYS A 572 -37.48 -52.11 -16.90
C LYS A 572 -37.15 -50.92 -16.04
N ARG A 573 -37.65 -49.74 -16.42
CA ARG A 573 -37.36 -48.53 -15.67
C ARG A 573 -37.38 -48.79 -14.16
N GLU A 574 -38.36 -49.56 -13.72
CA GLU A 574 -38.66 -49.70 -12.30
C GLU A 574 -37.62 -50.53 -11.58
N GLU A 575 -36.88 -51.35 -12.32
CA GLU A 575 -35.82 -52.16 -11.71
C GLU A 575 -34.49 -51.41 -11.57
N MET A 576 -34.45 -50.13 -11.93
CA MET A 576 -33.19 -49.38 -11.89
C MET A 576 -33.29 -48.23 -10.92
N VAL A 577 -32.31 -48.13 -10.03
CA VAL A 577 -32.23 -46.99 -9.14
C VAL A 577 -31.38 -45.91 -9.79
N LEU A 578 -31.93 -44.72 -9.98
CA LEU A 578 -31.15 -43.64 -10.59
C LEU A 578 -30.32 -42.85 -9.61
N ASP A 579 -30.50 -43.04 -8.32
CA ASP A 579 -29.81 -42.15 -7.40
C ASP A 579 -28.44 -42.69 -7.01
N ASP A 580 -28.05 -43.81 -7.57
CA ASP A 580 -26.77 -44.41 -7.20
C ASP A 580 -25.85 -44.73 -8.41
N SER A 581 -24.88 -43.86 -8.68
CA SER A 581 -24.09 -43.99 -9.91
C SER A 581 -23.30 -45.29 -9.93
N SER A 582 -23.08 -45.85 -8.75
CA SER A 582 -22.36 -47.12 -8.63
C SER A 582 -23.08 -48.27 -9.31
N ARG A 583 -24.36 -48.11 -9.59
CA ARG A 583 -25.14 -49.17 -10.21
C ARG A 583 -25.13 -49.04 -11.74
N PHE A 584 -24.67 -47.90 -12.26
CA PHE A 584 -24.84 -47.62 -13.68
C PHE A 584 -24.11 -48.60 -14.59
N MET A 585 -22.89 -48.99 -14.21
CA MET A 585 -22.16 -49.95 -15.04
C MET A 585 -22.98 -51.19 -15.31
N GLU A 586 -23.61 -51.72 -14.27
CA GLU A 586 -24.36 -52.96 -14.38
C GLU A 586 -25.54 -52.80 -15.35
N TYR A 587 -26.23 -51.67 -15.25
CA TYR A 587 -27.31 -51.35 -16.18
C TYR A 587 -26.85 -51.22 -17.63
N GLU A 588 -25.59 -50.83 -17.85
CA GLU A 588 -25.02 -50.73 -19.19
C GLU A 588 -24.18 -51.96 -19.48
N THR A 589 -24.77 -53.14 -19.35
CA THR A 589 -24.10 -54.38 -19.73
C THR A 589 -25.00 -55.11 -20.71
N ASP A 590 -24.48 -56.20 -21.27
CA ASP A 590 -25.20 -56.94 -22.28
C ASP A 590 -25.49 -55.99 -23.46
N LEU A 591 -24.51 -55.15 -23.76
CA LEU A 591 -24.63 -54.16 -24.83
C LEU A 591 -24.41 -54.74 -26.23
N THR A 592 -24.80 -53.96 -27.23
CA THR A 592 -24.51 -54.23 -28.61
C THR A 592 -23.62 -53.15 -29.18
N PHE A 593 -22.40 -53.49 -29.55
CA PHE A 593 -21.49 -52.47 -30.03
C PHE A 593 -21.97 -51.92 -31.37
N VAL A 594 -21.94 -50.60 -31.55
CA VAL A 594 -22.43 -50.06 -32.82
C VAL A 594 -21.32 -49.47 -33.67
N GLY A 595 -20.47 -48.65 -33.08
CA GLY A 595 -19.46 -47.99 -33.87
C GLY A 595 -18.54 -47.13 -33.05
N VAL A 596 -17.71 -46.39 -33.75
CA VAL A 596 -16.72 -45.57 -33.12
C VAL A 596 -16.59 -44.26 -33.85
N VAL A 597 -16.39 -43.19 -33.10
CA VAL A 597 -16.06 -41.93 -33.70
C VAL A 597 -14.74 -41.41 -33.17
N GLY A 598 -13.98 -40.74 -34.04
CA GLY A 598 -12.69 -40.22 -33.65
C GLY A 598 -12.63 -38.73 -33.94
N MET A 599 -12.36 -37.95 -32.92
CA MET A 599 -12.32 -36.51 -33.11
C MET A 599 -10.92 -35.96 -32.78
N LEU A 600 -10.64 -34.76 -33.30
CA LEU A 600 -9.46 -33.98 -32.98
C LEU A 600 -9.80 -32.50 -33.08
N ASP A 601 -8.98 -31.65 -32.46
CA ASP A 601 -8.97 -30.20 -32.74
C ASP A 601 -8.01 -29.89 -33.91
N PRO A 602 -8.56 -29.57 -35.09
CA PRO A 602 -7.74 -29.61 -36.31
C PRO A 602 -7.09 -28.28 -36.68
N PRO A 603 -6.03 -28.32 -37.50
CA PRO A 603 -5.32 -27.10 -37.92
C PRO A 603 -6.24 -26.24 -38.75
N ARG A 604 -6.09 -24.92 -38.63
CA ARG A 604 -6.66 -23.97 -39.54
C ARG A 604 -6.10 -24.25 -40.92
N LYS A 605 -6.90 -24.03 -41.96
CA LYS A 605 -6.48 -24.41 -43.31
C LYS A 605 -5.21 -23.74 -43.79
N GLU A 606 -4.93 -22.51 -43.35
CA GLU A 606 -3.81 -21.77 -43.94
C GLU A 606 -2.48 -22.00 -43.25
N VAL A 607 -2.51 -22.68 -42.12
CA VAL A 607 -1.32 -22.79 -41.26
C VAL A 607 -0.16 -23.49 -41.95
N MET A 608 -0.44 -24.63 -42.56
CA MET A 608 0.62 -25.37 -43.23
C MET A 608 1.38 -24.53 -44.26
N GLY A 609 0.63 -23.86 -45.13
CA GLY A 609 1.22 -23.05 -46.17
C GLY A 609 1.97 -21.87 -45.60
N SER A 610 1.50 -21.34 -44.47
CA SER A 610 2.19 -20.24 -43.79
C SER A 610 3.50 -20.66 -43.18
N ILE A 611 3.53 -21.85 -42.57
CA ILE A 611 4.76 -22.35 -42.00
C ILE A 611 5.79 -22.44 -43.12
N GLN A 612 5.37 -22.97 -44.26
CA GLN A 612 6.31 -23.13 -45.36
C GLN A 612 6.90 -21.78 -45.81
N LEU A 613 6.05 -20.78 -45.97
CA LEU A 613 6.51 -19.45 -46.37
C LEU A 613 7.48 -18.89 -45.34
N CYS A 614 7.21 -19.15 -44.07
CA CYS A 614 8.12 -18.73 -43.00
C CYS A 614 9.51 -19.38 -43.16
N ARG A 615 9.48 -20.70 -43.33
CA ARG A 615 10.67 -21.46 -43.60
C ARG A 615 11.42 -20.83 -44.79
N ASP A 616 10.69 -20.47 -45.85
CA ASP A 616 11.31 -19.88 -47.05
C ASP A 616 11.96 -18.55 -46.76
N ALA A 617 11.57 -17.93 -45.63
CA ALA A 617 12.07 -16.64 -45.22
C ALA A 617 13.03 -16.76 -44.04
N GLY A 618 13.42 -18.00 -43.75
CA GLY A 618 14.40 -18.24 -42.71
C GLY A 618 13.84 -18.03 -41.32
N ILE A 619 12.55 -18.29 -41.15
CA ILE A 619 11.93 -18.13 -39.86
C ILE A 619 11.52 -19.50 -39.37
N ARG A 620 11.88 -19.81 -38.13
CA ARG A 620 11.50 -21.05 -37.51
C ARG A 620 10.18 -20.85 -36.78
N VAL A 621 9.34 -21.89 -36.81
CA VAL A 621 8.12 -21.92 -36.04
C VAL A 621 8.21 -23.01 -34.98
N ILE A 622 7.87 -22.64 -33.76
CA ILE A 622 7.94 -23.52 -32.62
C ILE A 622 6.55 -23.56 -32.01
N MET A 623 6.00 -24.76 -31.87
CA MET A 623 4.69 -24.91 -31.21
C MET A 623 4.90 -25.03 -29.73
N ILE A 624 4.11 -24.30 -28.94
CA ILE A 624 4.24 -24.39 -27.49
C ILE A 624 2.86 -24.53 -26.91
N THR A 625 2.57 -25.69 -26.34
CA THR A 625 1.17 -25.99 -26.08
C THR A 625 0.96 -26.58 -24.72
N GLY A 626 -0.19 -26.23 -24.13
CA GLY A 626 -0.64 -26.82 -22.87
C GLY A 626 -1.14 -28.23 -23.06
N ASP A 627 -1.30 -28.63 -24.32
CA ASP A 627 -1.94 -29.88 -24.70
C ASP A 627 -0.95 -31.04 -24.59
N ASN A 628 -1.42 -32.27 -24.60
CA ASN A 628 -0.52 -33.44 -24.57
C ASN A 628 0.45 -33.57 -25.71
N LYS A 629 1.56 -34.24 -25.44
CA LYS A 629 2.65 -34.33 -26.39
C LYS A 629 2.30 -35.11 -27.67
N GLY A 630 1.58 -36.21 -27.51
CA GLY A 630 1.16 -37.02 -28.63
C GLY A 630 0.37 -36.17 -29.64
N THR A 631 -0.60 -35.39 -29.16
CA THR A 631 -1.47 -34.62 -30.01
C THR A 631 -0.68 -33.50 -30.64
N ALA A 632 0.15 -32.90 -29.82
CA ALA A 632 1.02 -31.82 -30.22
C ALA A 632 1.92 -32.26 -31.39
N ILE A 633 2.59 -33.41 -31.27
CA ILE A 633 3.46 -33.87 -32.34
C ILE A 633 2.63 -34.15 -33.61
N ALA A 634 1.50 -34.80 -33.42
CA ALA A 634 0.64 -35.15 -34.53
C ALA A 634 0.18 -33.92 -35.30
N ILE A 635 -0.27 -32.88 -34.59
CA ILE A 635 -0.64 -31.65 -35.27
C ILE A 635 0.58 -31.05 -35.98
N CYS A 636 1.74 -31.07 -35.31
CA CYS A 636 3.00 -30.61 -35.93
C CYS A 636 3.27 -31.32 -37.25
N ARG A 637 2.91 -32.59 -37.33
CA ARG A 637 3.16 -33.35 -38.56
C ARG A 637 2.15 -32.90 -39.59
N ARG A 638 0.88 -32.82 -39.22
CA ARG A 638 -0.10 -32.33 -40.19
C ARG A 638 0.23 -30.95 -40.74
N ILE A 639 0.85 -30.07 -39.95
CA ILE A 639 1.10 -28.71 -40.43
C ILE A 639 2.52 -28.46 -40.95
N GLY A 640 3.32 -29.51 -41.08
CA GLY A 640 4.66 -29.41 -41.64
C GLY A 640 5.74 -28.82 -40.73
N ILE A 641 5.45 -28.65 -39.44
CA ILE A 641 6.53 -28.35 -38.52
C ILE A 641 7.49 -29.56 -38.46
N PHE A 642 6.96 -30.78 -38.48
CA PHE A 642 7.81 -31.97 -38.61
C PHE A 642 7.44 -32.71 -39.88
N GLY A 643 8.34 -33.53 -40.40
CA GLY A 643 8.02 -34.41 -41.52
C GLY A 643 7.08 -35.49 -41.01
N GLU A 644 6.32 -36.11 -41.91
CA GLU A 644 5.37 -37.15 -41.50
C GLU A 644 6.00 -38.43 -40.91
N ASN A 645 7.30 -38.61 -41.13
CA ASN A 645 8.05 -39.73 -40.58
C ASN A 645 9.30 -39.29 -39.82
N GLU A 646 9.49 -37.99 -39.72
CA GLU A 646 10.61 -37.48 -38.96
C GLU A 646 10.55 -38.09 -37.58
N GLU A 647 11.74 -38.34 -37.03
CA GLU A 647 11.89 -38.86 -35.71
C GLU A 647 12.19 -37.65 -34.84
N VAL A 648 11.40 -37.47 -33.78
CA VAL A 648 11.42 -36.24 -33.02
C VAL A 648 11.82 -36.41 -31.54
N ALA A 649 12.46 -37.54 -31.22
CA ALA A 649 12.94 -37.80 -29.87
C ALA A 649 13.50 -36.56 -29.16
N ASP A 650 14.44 -35.87 -29.81
CA ASP A 650 15.01 -34.65 -29.19
C ASP A 650 14.55 -33.37 -29.91
N ARG A 651 13.38 -33.43 -30.55
CA ARG A 651 12.81 -32.23 -31.13
C ARG A 651 11.50 -31.86 -30.50
N ALA A 652 10.99 -32.71 -29.63
CA ALA A 652 9.73 -32.44 -28.99
C ALA A 652 9.82 -32.77 -27.49
N TYR A 653 9.38 -31.83 -26.64
CA TYR A 653 9.53 -32.01 -25.19
C TYR A 653 8.27 -31.63 -24.49
N THR A 654 7.93 -32.36 -23.44
CA THR A 654 7.00 -31.81 -22.44
C THR A 654 7.75 -30.73 -21.70
N GLY A 655 6.98 -29.92 -20.99
CA GLY A 655 7.56 -28.93 -20.10
C GLY A 655 8.45 -29.62 -19.09
N ARG A 656 7.99 -30.73 -18.51
CA ARG A 656 8.82 -31.50 -17.57
C ARG A 656 10.15 -31.98 -18.18
N GLU A 657 10.07 -32.67 -19.33
CA GLU A 657 11.28 -33.17 -19.99
C GLU A 657 12.23 -32.01 -20.30
N PHE A 658 11.65 -30.87 -20.64
CA PHE A 658 12.44 -29.68 -20.88
C PHE A 658 13.08 -29.16 -19.59
N ASP A 659 12.31 -29.23 -18.50
CA ASP A 659 12.79 -28.79 -17.20
C ASP A 659 13.95 -29.70 -16.72
N ASP A 660 13.84 -31.00 -16.99
CA ASP A 660 14.87 -31.95 -16.61
C ASP A 660 16.24 -31.70 -17.23
N LEU A 661 16.32 -30.88 -18.26
CA LEU A 661 17.60 -30.72 -18.93
C LEU A 661 18.47 -29.81 -18.09
N PRO A 662 19.79 -30.05 -18.14
CA PRO A 662 20.76 -29.09 -17.62
C PRO A 662 20.42 -27.72 -18.16
N LEU A 663 20.70 -26.65 -17.42
CA LEU A 663 20.31 -25.32 -17.87
C LEU A 663 20.94 -24.96 -19.21
N ALA A 664 22.09 -25.54 -19.50
CA ALA A 664 22.79 -25.28 -20.76
C ALA A 664 22.05 -25.92 -21.94
N GLU A 665 21.59 -27.15 -21.71
CA GLU A 665 20.91 -27.92 -22.74
C GLU A 665 19.51 -27.40 -22.99
N GLN A 666 18.90 -26.81 -21.96
CA GLN A 666 17.63 -26.14 -22.12
C GLN A 666 17.76 -25.04 -23.16
N ARG A 667 18.86 -24.31 -23.13
CA ARG A 667 19.04 -23.23 -24.07
C ARG A 667 19.15 -23.82 -25.47
N GLU A 668 19.96 -24.86 -25.62
CA GLU A 668 20.17 -25.49 -26.92
C GLU A 668 18.92 -26.24 -27.44
N ALA A 669 18.12 -26.81 -26.55
CA ALA A 669 16.88 -27.44 -26.94
C ALA A 669 16.02 -26.44 -27.71
N CYS A 670 16.01 -25.19 -27.24
CA CYS A 670 15.21 -24.15 -27.84
C CYS A 670 15.60 -23.81 -29.27
N ARG A 671 16.81 -24.22 -29.66
CA ARG A 671 17.24 -23.96 -31.02
C ARG A 671 17.03 -25.17 -31.93
N ARG A 672 16.88 -26.34 -31.31
CA ARG A 672 16.75 -27.60 -32.04
C ARG A 672 15.28 -28.09 -32.15
N ALA A 673 14.48 -27.86 -31.11
CA ALA A 673 13.16 -28.48 -30.99
C ALA A 673 12.07 -27.50 -31.41
N CYS A 674 10.94 -28.05 -31.84
CA CYS A 674 9.92 -27.22 -32.45
C CYS A 674 8.57 -27.51 -31.86
N CYS A 675 8.56 -28.37 -30.85
CA CYS A 675 7.31 -28.71 -30.19
C CYS A 675 7.55 -28.85 -28.70
N PHE A 676 6.90 -27.99 -27.92
CA PHE A 676 6.91 -28.14 -26.48
C PHE A 676 5.49 -28.33 -26.02
N ALA A 677 5.23 -29.44 -25.33
CA ALA A 677 3.89 -29.78 -24.88
C ALA A 677 3.69 -29.91 -23.36
N ARG A 678 2.43 -29.99 -22.97
CA ARG A 678 2.05 -30.15 -21.57
C ARG A 678 2.78 -29.12 -20.68
N VAL A 679 2.63 -27.88 -21.10
CA VAL A 679 3.43 -26.80 -20.64
C VAL A 679 2.57 -25.90 -19.73
N GLU A 680 3.20 -25.20 -18.81
CA GLU A 680 2.51 -24.19 -18.00
C GLU A 680 2.76 -22.79 -18.54
N PRO A 681 1.96 -21.80 -18.11
CA PRO A 681 2.12 -20.47 -18.72
C PRO A 681 3.59 -19.98 -18.65
N SER A 682 4.26 -20.27 -17.54
CA SER A 682 5.70 -19.95 -17.36
C SER A 682 6.63 -20.61 -18.37
N HIS A 683 6.36 -21.86 -18.75
CA HIS A 683 7.27 -22.54 -19.68
C HIS A 683 7.32 -21.75 -20.96
N LYS A 684 6.20 -21.16 -21.37
CA LYS A 684 6.17 -20.48 -22.67
C LYS A 684 7.06 -19.27 -22.64
N SER A 685 7.01 -18.50 -21.54
CA SER A 685 7.87 -17.32 -21.44
C SER A 685 9.33 -17.71 -21.29
N LYS A 686 9.59 -18.75 -20.53
CA LYS A 686 10.95 -19.26 -20.43
C LYS A 686 11.58 -19.61 -21.77
N ILE A 687 10.80 -20.22 -22.67
CA ILE A 687 11.33 -20.62 -23.97
C ILE A 687 11.61 -19.35 -24.78
N VAL A 688 10.70 -18.40 -24.70
CA VAL A 688 10.87 -17.14 -25.41
C VAL A 688 12.13 -16.45 -24.88
N GLU A 689 12.34 -16.55 -23.58
CA GLU A 689 13.50 -15.94 -22.97
C GLU A 689 14.79 -16.62 -23.48
N TYR A 690 14.81 -17.94 -23.49
CA TYR A 690 15.98 -18.63 -24.01
C TYR A 690 16.24 -18.19 -25.44
N LEU A 691 15.25 -18.30 -26.29
CA LEU A 691 15.37 -17.85 -27.66
C LEU A 691 16.01 -16.48 -27.71
N GLN A 692 15.50 -15.55 -26.90
CA GLN A 692 15.97 -14.17 -26.94
C GLN A 692 17.43 -14.07 -26.45
N SER A 693 17.88 -15.06 -25.71
CA SER A 693 19.21 -15.02 -25.13
C SER A 693 20.23 -15.56 -26.13
N TYR A 694 19.79 -15.79 -27.37
CA TYR A 694 20.68 -15.95 -28.50
C TYR A 694 20.52 -14.71 -29.35
N ASP A 695 19.84 -13.71 -28.79
CA ASP A 695 19.58 -12.47 -29.51
C ASP A 695 18.68 -12.65 -30.72
N GLU A 696 18.00 -13.78 -30.79
CA GLU A 696 16.90 -13.94 -31.73
C GLU A 696 15.77 -12.96 -31.39
N ILE A 697 15.27 -12.29 -32.40
CA ILE A 697 14.07 -11.48 -32.27
C ILE A 697 12.92 -12.45 -32.39
N THR A 698 12.13 -12.58 -31.33
CA THR A 698 11.12 -13.63 -31.31
C THR A 698 9.68 -13.14 -31.16
N ALA A 699 8.82 -13.82 -31.91
CA ALA A 699 7.40 -13.54 -31.87
C ALA A 699 6.70 -14.64 -31.05
N MET A 700 5.57 -14.30 -30.45
CA MET A 700 4.68 -15.30 -29.88
C MET A 700 3.29 -15.07 -30.44
N THR A 701 2.61 -16.15 -30.80
CA THR A 701 1.24 -16.12 -31.28
C THR A 701 0.42 -16.94 -30.30
N GLY A 702 -0.72 -16.42 -29.91
CA GLY A 702 -1.57 -17.12 -28.99
C GLY A 702 -2.98 -16.54 -28.92
N ASP A 703 -3.80 -17.15 -28.07
CA ASP A 703 -5.17 -16.72 -27.91
C ASP A 703 -5.59 -16.87 -26.46
N GLY A 704 -4.76 -17.51 -25.66
CA GLY A 704 -5.22 -17.87 -24.31
C GLY A 704 -4.61 -17.03 -23.22
N VAL A 705 -5.25 -17.02 -22.06
CA VAL A 705 -4.65 -16.45 -20.86
C VAL A 705 -3.30 -17.09 -20.61
N ASN A 706 -3.16 -18.39 -20.86
CA ASN A 706 -1.90 -19.10 -20.59
C ASN A 706 -0.81 -18.68 -21.55
N ASP A 707 -1.15 -17.91 -22.58
CA ASP A 707 -0.16 -17.38 -23.49
C ASP A 707 0.27 -15.97 -23.10
N ALA A 708 -0.46 -15.35 -22.17
CA ALA A 708 -0.19 -13.93 -21.88
C ALA A 708 1.29 -13.67 -21.48
N PRO A 709 1.83 -14.47 -20.58
CA PRO A 709 3.24 -14.21 -20.28
C PRO A 709 4.16 -14.27 -21.52
N ALA A 710 4.10 -15.32 -22.33
CA ALA A 710 4.95 -15.38 -23.49
C ALA A 710 4.64 -14.22 -24.41
N LEU A 711 3.34 -13.89 -24.53
CA LEU A 711 2.99 -12.76 -25.39
C LEU A 711 3.69 -11.52 -24.89
N LYS A 712 3.75 -11.29 -23.58
CA LYS A 712 4.42 -10.10 -23.08
C LYS A 712 5.93 -10.17 -23.27
N LYS A 713 6.53 -11.34 -23.10
CA LYS A 713 7.96 -11.46 -23.15
C LYS A 713 8.50 -11.34 -24.59
N ALA A 714 7.76 -11.81 -25.57
CA ALA A 714 8.30 -11.82 -26.93
C ALA A 714 8.57 -10.39 -27.42
N GLU A 715 9.49 -10.21 -28.35
CA GLU A 715 9.60 -8.88 -28.96
C GLU A 715 8.26 -8.51 -29.53
N ILE A 716 7.62 -9.45 -30.21
CA ILE A 716 6.29 -9.15 -30.73
C ILE A 716 5.25 -10.22 -30.37
N GLY A 717 4.21 -9.80 -29.68
CA GLY A 717 3.13 -10.68 -29.33
C GLY A 717 1.94 -10.56 -30.27
N ILE A 718 1.43 -11.69 -30.73
CA ILE A 718 0.34 -11.70 -31.70
C ILE A 718 -0.82 -12.53 -31.22
N ALA A 719 -1.98 -11.89 -31.13
CA ALA A 719 -3.17 -12.55 -30.61
C ALA A 719 -4.20 -12.87 -31.69
N MET A 720 -4.95 -13.95 -31.50
CA MET A 720 -6.03 -14.29 -32.41
C MET A 720 -7.25 -13.44 -32.13
N GLY A 721 -7.85 -12.93 -33.20
CA GLY A 721 -9.05 -12.13 -33.09
C GLY A 721 -10.12 -12.80 -32.24
N SER A 722 -10.24 -14.12 -32.32
CA SER A 722 -11.31 -14.79 -31.61
C SER A 722 -10.84 -15.37 -30.30
N GLY A 723 -9.65 -14.99 -29.86
CA GLY A 723 -9.13 -15.48 -28.62
C GLY A 723 -9.54 -14.60 -27.47
N THR A 724 -8.91 -14.81 -26.32
CA THR A 724 -9.24 -14.06 -25.13
C THR A 724 -8.83 -12.57 -25.15
N ALA A 725 -9.60 -11.76 -24.43
CA ALA A 725 -9.30 -10.35 -24.23
C ALA A 725 -7.93 -10.21 -23.59
N VAL A 726 -7.61 -11.14 -22.70
CA VAL A 726 -6.33 -11.08 -22.00
C VAL A 726 -5.18 -11.21 -22.98
N ALA A 727 -5.24 -12.20 -23.87
CA ALA A 727 -4.19 -12.36 -24.84
C ALA A 727 -4.18 -11.12 -25.78
N LYS A 728 -5.33 -10.63 -26.19
CA LYS A 728 -5.30 -9.47 -27.06
C LYS A 728 -4.61 -8.30 -26.39
N THR A 729 -4.97 -7.99 -25.15
CA THR A 729 -4.37 -6.83 -24.49
C THR A 729 -2.93 -7.07 -24.09
N ALA A 730 -2.47 -8.30 -24.16
CA ALA A 730 -1.05 -8.57 -23.96
C ALA A 730 -0.23 -8.49 -25.25
N SER A 731 -0.90 -8.25 -26.38
CA SER A 731 -0.26 -8.24 -27.70
C SER A 731 0.07 -6.90 -28.33
N GLU A 732 0.82 -6.96 -29.43
CA GLU A 732 1.14 -5.78 -30.23
C GLU A 732 0.31 -5.78 -31.47
N MET A 733 -0.21 -6.95 -31.81
CA MET A 733 -0.97 -7.12 -33.04
C MET A 733 -2.02 -8.18 -32.80
N VAL A 734 -3.17 -8.03 -33.45
CA VAL A 734 -4.28 -8.97 -33.32
C VAL A 734 -4.69 -9.35 -34.73
N LEU A 735 -4.81 -10.64 -35.02
CA LEU A 735 -5.32 -11.08 -36.31
C LEU A 735 -6.84 -11.20 -36.21
N ALA A 736 -7.55 -10.21 -36.73
CA ALA A 736 -8.96 -10.09 -36.42
C ALA A 736 -9.79 -11.21 -37.02
N ASP A 737 -9.26 -11.82 -38.07
CA ASP A 737 -10.01 -12.83 -38.79
C ASP A 737 -9.39 -14.21 -38.59
N ASP A 738 -8.50 -14.30 -37.61
CA ASP A 738 -7.81 -15.53 -37.24
C ASP A 738 -6.95 -16.11 -38.35
N ASN A 739 -6.62 -15.33 -39.36
CA ASN A 739 -5.91 -15.85 -40.52
C ASN A 739 -4.41 -15.91 -40.30
N PHE A 740 -3.88 -17.12 -40.13
CA PHE A 740 -2.47 -17.26 -39.79
C PHE A 740 -1.57 -16.66 -40.89
N SER A 741 -2.01 -16.77 -42.14
CA SER A 741 -1.33 -16.17 -43.28
C SER A 741 -0.97 -14.70 -43.11
N THR A 742 -1.73 -13.99 -42.29
CA THR A 742 -1.55 -12.57 -42.16
C THR A 742 -0.20 -12.30 -41.51
N ILE A 743 0.26 -13.23 -40.67
CA ILE A 743 1.58 -13.11 -40.04
C ILE A 743 2.68 -13.06 -41.11
N VAL A 744 2.55 -13.90 -42.13
CA VAL A 744 3.54 -13.91 -43.20
C VAL A 744 3.53 -12.55 -43.88
N ALA A 745 2.32 -12.01 -44.10
CA ALA A 745 2.12 -10.70 -44.72
C ALA A 745 2.68 -9.58 -43.86
N ALA A 746 2.47 -9.68 -42.55
CA ALA A 746 3.01 -8.70 -41.60
C ALA A 746 4.55 -8.68 -41.59
N VAL A 747 5.18 -9.83 -41.74
CA VAL A 747 6.64 -9.88 -41.83
C VAL A 747 7.13 -9.14 -43.06
N GLU A 748 6.51 -9.42 -44.20
CA GLU A 748 6.89 -8.72 -45.42
C GLU A 748 6.72 -7.22 -45.24
N GLU A 749 5.56 -6.79 -44.75
CA GLU A 749 5.32 -5.38 -44.57
C GLU A 749 6.45 -4.80 -43.72
N GLY A 750 6.81 -5.55 -42.68
CA GLY A 750 7.84 -5.16 -41.74
C GLY A 750 9.23 -5.08 -42.33
N ARG A 751 9.52 -5.97 -43.28
CA ARG A 751 10.80 -5.89 -43.94
C ARG A 751 10.81 -4.72 -44.93
N ALA A 752 9.72 -4.57 -45.66
CA ALA A 752 9.57 -3.42 -46.54
C ALA A 752 9.79 -2.13 -45.73
N ILE A 753 9.06 -2.01 -44.62
CA ILE A 753 9.18 -0.84 -43.78
C ILE A 753 10.60 -0.64 -43.27
N TYR A 754 11.27 -1.71 -42.85
CA TYR A 754 12.62 -1.59 -42.32
C TYR A 754 13.59 -1.01 -43.33
N ASN A 755 13.50 -1.47 -44.57
CA ASN A 755 14.37 -0.99 -45.63
C ASN A 755 14.20 0.50 -45.91
N ASN A 756 12.94 0.94 -45.98
CA ASN A 756 12.66 2.35 -46.24
C ASN A 756 13.06 3.21 -45.05
N MET A 757 12.74 2.78 -43.84
CA MET A 757 13.20 3.52 -42.69
C MET A 757 14.71 3.75 -42.77
N LYS A 758 15.50 2.68 -42.71
CA LYS A 758 16.95 2.84 -42.59
C LYS A 758 17.52 3.85 -43.58
N GLN A 759 17.00 3.86 -44.80
CA GLN A 759 17.56 4.76 -45.80
C GLN A 759 17.02 6.19 -45.70
N PHE A 760 15.76 6.37 -45.30
CA PHE A 760 15.28 7.72 -45.11
C PHE A 760 15.84 8.30 -43.83
N ILE A 761 16.39 7.44 -42.99
CA ILE A 761 17.09 7.89 -41.80
C ILE A 761 18.50 8.32 -42.18
N ARG A 762 19.04 7.71 -43.23
CA ARG A 762 20.32 8.11 -43.78
C ARG A 762 20.17 9.42 -44.50
N TYR A 763 19.19 9.50 -45.41
CA TYR A 763 18.95 10.72 -46.14
C TYR A 763 18.81 11.91 -45.20
N LEU A 764 18.03 11.74 -44.14
CA LEU A 764 17.82 12.79 -43.15
C LEU A 764 19.06 13.12 -42.33
N ILE A 765 19.95 12.15 -42.19
CA ILE A 765 21.14 12.37 -41.36
C ILE A 765 22.30 12.93 -42.18
N SER A 766 22.44 12.48 -43.42
CA SER A 766 23.45 13.04 -44.33
C SER A 766 23.28 14.54 -44.30
N SER A 767 22.02 14.97 -44.25
CA SER A 767 21.66 16.38 -44.09
C SER A 767 22.29 16.97 -42.83
N ASN A 768 21.83 16.52 -41.66
CA ASN A 768 22.32 17.04 -40.39
C ASN A 768 23.83 17.05 -40.29
N VAL A 769 24.50 16.36 -41.22
CA VAL A 769 25.95 16.32 -41.24
C VAL A 769 26.52 17.59 -41.88
N GLY A 770 26.13 17.84 -43.13
CA GLY A 770 26.59 19.05 -43.81
C GLY A 770 26.34 20.29 -42.98
N GLU A 771 25.15 20.39 -42.42
CA GLU A 771 24.82 21.52 -41.55
C GLU A 771 25.90 21.71 -40.50
N VAL A 772 26.22 20.65 -39.77
CA VAL A 772 27.27 20.75 -38.76
C VAL A 772 28.60 21.19 -39.39
N VAL A 773 29.00 20.51 -40.47
CA VAL A 773 30.22 20.89 -41.17
C VAL A 773 30.20 22.40 -41.46
N CYS A 774 29.03 22.91 -41.82
CA CYS A 774 28.86 24.34 -42.13
C CYS A 774 28.88 25.22 -40.88
N ILE A 775 28.04 24.88 -39.91
CA ILE A 775 27.96 25.64 -38.66
C ILE A 775 29.28 25.56 -37.89
N PHE A 776 30.25 24.82 -38.44
CA PHE A 776 31.58 24.72 -37.86
C PHE A 776 32.62 25.40 -38.75
N LEU A 777 32.43 25.29 -40.06
CA LEU A 777 33.29 26.01 -41.01
C LEU A 777 33.12 27.50 -40.76
N THR A 778 31.87 27.94 -40.80
CA THR A 778 31.55 29.34 -40.56
C THR A 778 31.57 29.69 -39.07
N ALA A 779 32.45 29.02 -38.33
CA ALA A 779 32.60 29.29 -36.90
C ALA A 779 34.07 29.29 -36.52
N ALA A 780 34.79 28.24 -36.92
CA ALA A 780 36.20 28.12 -36.62
C ALA A 780 37.00 29.18 -37.36
N LEU A 781 36.68 29.36 -38.64
CA LEU A 781 37.37 30.34 -39.48
C LEU A 781 37.08 31.77 -39.05
N GLY A 782 36.00 31.96 -38.30
CA GLY A 782 35.58 33.28 -37.89
C GLY A 782 34.78 33.96 -38.99
N LEU A 783 33.93 33.19 -39.64
CA LEU A 783 33.08 33.71 -40.71
C LEU A 783 31.67 33.96 -40.18
N PRO A 784 30.88 34.76 -40.90
CA PRO A 784 29.48 35.06 -40.54
C PRO A 784 28.56 33.89 -40.86
N GLU A 785 28.10 33.17 -39.84
CA GLU A 785 27.28 31.97 -40.01
C GLU A 785 26.46 31.95 -41.31
N ALA A 786 26.73 30.96 -42.16
CA ALA A 786 26.07 30.85 -43.45
C ALA A 786 24.59 30.51 -43.32
N LEU A 787 24.25 29.85 -42.20
CA LEU A 787 22.87 29.51 -41.87
C LEU A 787 22.63 29.72 -40.38
N ILE A 788 21.39 30.03 -40.02
CA ILE A 788 21.03 30.16 -38.61
C ILE A 788 19.84 29.24 -38.28
N PRO A 789 19.64 28.93 -36.99
CA PRO A 789 18.66 27.94 -36.52
C PRO A 789 17.29 27.98 -37.22
N VAL A 790 16.63 29.13 -37.24
CA VAL A 790 15.27 29.18 -37.75
C VAL A 790 15.16 28.66 -39.19
N GLN A 791 16.27 28.67 -39.90
CA GLN A 791 16.30 28.18 -41.28
C GLN A 791 16.57 26.68 -41.32
N LEU A 792 17.56 26.25 -40.55
CA LEU A 792 17.84 24.83 -40.39
C LEU A 792 16.60 24.08 -39.96
N LEU A 793 15.94 24.61 -38.93
CA LEU A 793 14.72 24.02 -38.42
C LEU A 793 13.69 23.80 -39.53
N TRP A 794 13.54 24.78 -40.42
CA TRP A 794 12.63 24.62 -41.55
C TRP A 794 13.07 23.50 -42.47
N VAL A 795 14.35 23.49 -42.82
CA VAL A 795 14.92 22.46 -43.68
C VAL A 795 14.73 21.06 -43.12
N ASN A 796 15.23 20.84 -41.91
CA ASN A 796 15.21 19.53 -41.28
C ASN A 796 13.81 19.01 -41.00
N LEU A 797 12.88 19.93 -40.78
CA LEU A 797 11.51 19.58 -40.41
C LEU A 797 10.58 19.49 -41.62
N VAL A 798 10.85 20.28 -42.65
CA VAL A 798 9.94 20.44 -43.78
C VAL A 798 10.58 20.17 -45.15
N THR A 799 11.64 20.93 -45.47
CA THR A 799 12.35 20.72 -46.73
C THR A 799 12.76 19.25 -46.90
N ASP A 800 13.42 18.71 -45.89
CA ASP A 800 13.83 17.31 -45.91
C ASP A 800 12.67 16.43 -45.44
N GLY A 801 11.74 17.04 -44.70
CA GLY A 801 10.56 16.32 -44.23
C GLY A 801 9.83 15.54 -45.30
N LEU A 802 9.25 16.25 -46.27
CA LEU A 802 8.51 15.60 -47.35
C LEU A 802 9.34 14.49 -48.00
N PRO A 803 10.54 14.83 -48.49
CA PRO A 803 11.36 13.87 -49.23
C PRO A 803 11.64 12.60 -48.43
N ALA A 804 11.88 12.75 -47.12
CA ALA A 804 12.12 11.59 -46.26
C ALA A 804 10.89 10.71 -46.23
N THR A 805 9.74 11.34 -46.10
CA THR A 805 8.48 10.62 -46.09
C THR A 805 8.23 9.99 -47.45
N ALA A 806 8.79 10.59 -48.49
CA ALA A 806 8.63 10.06 -49.83
C ALA A 806 9.35 8.73 -49.96
N LEU A 807 10.54 8.67 -49.36
CA LEU A 807 11.38 7.48 -49.39
C LEU A 807 10.76 6.29 -48.63
N GLY A 808 10.03 6.59 -47.57
CA GLY A 808 9.28 5.57 -46.87
C GLY A 808 8.16 5.01 -47.72
N PHE A 809 8.14 5.39 -48.99
CA PHE A 809 7.13 4.93 -49.92
C PHE A 809 7.74 4.29 -51.16
N ASN A 810 9.04 3.99 -51.09
CA ASN A 810 9.71 3.26 -52.15
C ASN A 810 9.22 1.81 -52.22
N PRO A 811 9.30 1.21 -53.41
CA PRO A 811 8.75 -0.15 -53.58
C PRO A 811 9.63 -1.18 -52.88
N PRO A 812 9.02 -2.10 -52.11
CA PRO A 812 9.75 -3.22 -51.53
C PRO A 812 10.42 -4.08 -52.61
N ASP A 813 11.53 -4.71 -52.26
CA ASP A 813 12.23 -5.61 -53.15
C ASP A 813 11.41 -6.84 -53.51
N LEU A 814 11.89 -7.57 -54.52
CA LEU A 814 11.17 -8.73 -55.02
C LEU A 814 11.59 -10.00 -54.30
N ASP A 815 12.81 -10.02 -53.77
CA ASP A 815 13.30 -11.16 -53.03
C ASP A 815 13.14 -10.95 -51.53
N ILE A 816 12.35 -9.95 -51.16
CA ILE A 816 12.28 -9.48 -49.79
C ILE A 816 11.95 -10.61 -48.80
N MET A 817 11.26 -11.64 -49.28
CA MET A 817 10.84 -12.76 -48.45
C MET A 817 11.60 -14.02 -48.78
N ASP A 818 12.74 -13.86 -49.43
CA ASP A 818 13.61 -15.00 -49.75
C ASP A 818 14.97 -14.84 -49.07
N ARG A 819 15.17 -13.71 -48.40
CA ARG A 819 16.33 -13.50 -47.55
C ARG A 819 16.04 -14.08 -46.17
N PRO A 820 17.07 -14.50 -45.46
CA PRO A 820 16.93 -14.80 -44.02
C PRO A 820 16.70 -13.50 -43.25
N PRO A 821 16.18 -13.59 -42.02
CA PRO A 821 15.99 -12.35 -41.25
C PRO A 821 17.32 -11.65 -41.05
N ARG A 822 17.37 -10.33 -41.20
CA ARG A 822 18.54 -9.57 -40.83
C ARG A 822 18.90 -9.77 -39.35
N SER A 823 20.19 -9.77 -39.04
CA SER A 823 20.66 -9.80 -37.66
C SER A 823 20.24 -8.55 -36.87
N PRO A 824 19.88 -8.74 -35.60
CA PRO A 824 19.43 -7.63 -34.75
C PRO A 824 20.54 -6.61 -34.52
N LYS A 825 21.79 -7.08 -34.50
CA LYS A 825 22.94 -6.25 -34.16
C LYS A 825 23.32 -5.28 -35.28
N GLU A 826 23.06 -5.69 -36.52
CA GLU A 826 23.32 -4.88 -37.71
C GLU A 826 23.14 -3.39 -37.42
N PRO A 827 24.17 -2.59 -37.68
CA PRO A 827 24.13 -1.15 -37.40
C PRO A 827 23.17 -0.43 -38.35
N LEU A 828 23.53 0.79 -38.73
CA LEU A 828 22.78 1.54 -39.73
C LEU A 828 23.76 2.13 -40.72
N ILE A 829 25.04 2.04 -40.36
CA ILE A 829 26.15 2.44 -41.22
C ILE A 829 27.38 1.58 -40.90
N SER A 830 28.17 1.27 -41.93
CA SER A 830 29.40 0.54 -41.71
C SER A 830 30.47 0.98 -42.68
N GLY A 831 31.72 1.02 -42.19
CA GLY A 831 32.85 1.41 -43.01
C GLY A 831 32.45 2.27 -44.19
N TRP A 832 32.40 1.64 -45.37
CA TRP A 832 32.11 2.34 -46.62
C TRP A 832 30.96 3.34 -46.51
N LEU A 833 29.86 2.93 -45.89
CA LEU A 833 28.65 3.74 -45.85
C LEU A 833 28.76 4.97 -44.96
N PHE A 834 29.51 4.85 -43.86
CA PHE A 834 29.72 5.98 -42.96
C PHE A 834 30.44 7.12 -43.67
N PHE A 835 31.64 6.83 -44.16
CA PHE A 835 32.44 7.82 -44.88
C PHE A 835 31.81 8.19 -46.21
N ARG A 836 30.78 7.44 -46.60
CA ARG A 836 30.09 7.70 -47.86
C ARG A 836 29.46 9.09 -47.87
N TYR A 837 28.67 9.40 -46.85
CA TYR A 837 28.04 10.71 -46.76
C TYR A 837 28.71 11.63 -45.73
N MET A 838 29.83 11.18 -45.18
CA MET A 838 30.76 12.09 -44.52
C MET A 838 31.48 12.80 -45.65
N ALA A 839 31.37 12.21 -46.84
CA ALA A 839 31.87 12.81 -48.06
C ALA A 839 30.78 13.69 -48.66
N ILE A 840 29.56 13.16 -48.75
CA ILE A 840 28.44 13.97 -49.18
C ILE A 840 28.17 15.06 -48.16
N GLY A 841 28.57 14.79 -46.92
CA GLY A 841 28.41 15.75 -45.84
C GLY A 841 29.51 16.78 -45.80
N GLY A 842 30.71 16.39 -46.23
CA GLY A 842 31.82 17.31 -46.33
C GLY A 842 31.59 18.28 -47.48
N TYR A 843 30.76 17.85 -48.44
CA TYR A 843 30.43 18.67 -49.60
C TYR A 843 29.36 19.70 -49.29
N VAL A 844 28.25 19.26 -48.70
CA VAL A 844 27.19 20.18 -48.30
C VAL A 844 27.72 21.19 -47.28
N GLY A 845 28.38 20.69 -46.24
CA GLY A 845 28.95 21.53 -45.21
C GLY A 845 29.84 22.63 -45.77
N ALA A 846 30.49 22.34 -46.90
CA ALA A 846 31.39 23.31 -47.53
C ALA A 846 30.67 24.16 -48.59
N ALA A 847 30.06 23.50 -49.56
CA ALA A 847 29.39 24.18 -50.68
C ALA A 847 28.35 25.20 -50.22
N THR A 848 27.96 25.13 -48.95
CA THR A 848 27.04 26.11 -48.38
C THR A 848 27.80 27.33 -47.85
N VAL A 849 28.84 27.08 -47.06
CA VAL A 849 29.70 28.16 -46.58
C VAL A 849 30.42 28.78 -47.77
N GLY A 850 30.49 28.02 -48.85
CA GLY A 850 31.24 28.43 -50.03
C GLY A 850 30.45 29.20 -51.06
N ALA A 851 29.12 29.15 -50.95
CA ALA A 851 28.27 29.92 -51.84
C ALA A 851 27.75 31.16 -51.12
N ALA A 852 27.91 31.18 -49.81
CA ALA A 852 27.54 32.36 -49.01
C ALA A 852 28.70 33.33 -49.00
N ALA A 853 29.91 32.81 -48.84
CA ALA A 853 31.11 33.63 -48.88
C ALA A 853 31.40 34.06 -50.32
N TRP A 854 30.99 33.23 -51.27
CA TRP A 854 31.12 33.57 -52.70
C TRP A 854 30.46 34.89 -52.97
N TRP A 855 29.27 35.07 -52.41
CA TRP A 855 28.52 36.30 -52.59
C TRP A 855 29.28 37.52 -52.07
N PHE A 856 30.28 37.27 -51.24
CA PHE A 856 31.15 38.32 -50.74
C PHE A 856 32.23 38.70 -51.77
N MET A 857 33.21 37.82 -51.94
CA MET A 857 34.37 38.10 -52.77
C MET A 857 34.10 38.01 -54.28
N TYR A 858 34.24 36.81 -54.84
CA TYR A 858 34.16 36.62 -56.29
C TYR A 858 32.75 36.71 -56.86
N ALA A 859 31.84 37.35 -56.14
CA ALA A 859 30.48 37.56 -56.63
C ALA A 859 30.24 39.02 -56.95
N GLU A 860 29.24 39.27 -57.77
CA GLU A 860 28.99 40.59 -58.35
C GLU A 860 28.41 41.63 -57.39
N ASP A 861 27.34 41.28 -56.69
CA ASP A 861 26.65 42.25 -55.83
C ASP A 861 26.55 41.80 -54.38
N GLY A 862 27.68 41.71 -53.67
CA GLY A 862 28.99 42.00 -54.20
C GLY A 862 29.68 43.16 -53.51
N PRO A 863 29.68 43.16 -52.17
CA PRO A 863 30.17 44.31 -51.40
C PRO A 863 31.55 44.84 -51.80
N GLY A 864 32.60 44.02 -51.81
CA GLY A 864 32.53 42.62 -51.42
C GLY A 864 33.90 42.05 -51.20
N VAL A 865 34.67 41.94 -52.28
CA VAL A 865 36.01 41.36 -52.25
C VAL A 865 36.81 41.90 -51.06
N THR A 866 36.88 41.11 -49.98
CA THR A 866 37.61 41.52 -48.77
C THR A 866 38.66 40.49 -48.34
N TYR A 867 38.50 39.24 -48.79
CA TYR A 867 39.45 38.16 -48.51
C TYR A 867 39.69 37.89 -47.02
N HIS A 868 40.91 38.18 -46.56
CA HIS A 868 41.29 37.93 -45.17
C HIS A 868 40.46 38.82 -44.22
N GLN A 869 39.93 39.91 -44.75
CA GLN A 869 39.08 40.81 -43.97
C GLN A 869 37.72 40.19 -43.67
N LEU A 870 37.23 39.33 -44.58
CA LEU A 870 35.97 38.63 -44.38
C LEU A 870 36.01 37.72 -43.15
N THR A 871 37.12 37.01 -42.99
CA THR A 871 37.32 36.17 -41.82
C THR A 871 37.69 37.04 -40.61
N HIS A 872 37.34 38.33 -40.70
CA HIS A 872 37.61 39.28 -39.63
C HIS A 872 36.58 40.39 -39.61
N PHE A 873 35.34 40.04 -39.31
CA PHE A 873 34.24 41.01 -39.28
C PHE A 873 33.99 41.55 -37.88
N MET A 874 34.64 40.97 -36.88
CA MET A 874 34.48 41.42 -35.50
C MET A 874 35.05 42.83 -35.32
N GLN A 875 36.03 43.17 -36.15
CA GLN A 875 36.70 44.47 -36.05
C GLN A 875 36.37 45.39 -37.24
N CYS A 876 35.09 45.51 -37.56
CA CYS A 876 34.63 46.48 -38.55
C CYS A 876 34.07 47.71 -37.83
N THR A 877 33.55 47.48 -36.63
CA THR A 877 33.08 48.57 -35.79
C THR A 877 34.28 49.29 -35.19
N GLU A 878 35.21 48.51 -34.66
CA GLU A 878 36.41 49.04 -34.03
C GLU A 878 37.42 49.49 -35.09
N ASP A 879 38.05 48.50 -35.72
CA ASP A 879 39.11 48.73 -36.70
C ASP A 879 38.53 49.02 -38.08
N HIS A 880 37.69 50.05 -38.18
CA HIS A 880 37.01 50.38 -39.45
C HIS A 880 37.95 50.71 -40.60
N PRO A 881 39.01 51.49 -40.35
CA PRO A 881 39.93 51.88 -41.41
C PRO A 881 40.24 50.75 -42.39
N HIS A 882 40.50 49.55 -41.87
CA HIS A 882 40.72 48.38 -42.71
C HIS A 882 39.64 48.26 -43.78
N PHE A 883 38.39 48.18 -43.34
CA PHE A 883 37.26 48.06 -44.25
C PHE A 883 36.90 49.38 -44.92
N GLU A 884 37.70 49.78 -45.91
CA GLU A 884 37.34 50.92 -46.74
C GLU A 884 36.78 50.45 -48.07
N GLY A 885 35.75 51.16 -48.53
CA GLY A 885 35.06 50.78 -49.74
C GLY A 885 33.89 49.86 -49.44
N LEU A 886 33.51 49.81 -48.17
CA LEU A 886 32.40 48.97 -47.74
C LEU A 886 31.70 49.51 -46.48
N ASP A 887 30.43 49.14 -46.34
CA ASP A 887 29.65 49.49 -45.16
C ASP A 887 30.01 48.55 -44.02
N CYS A 888 29.50 48.84 -42.82
CA CYS A 888 29.66 47.95 -41.69
C CYS A 888 28.30 47.43 -41.24
N GLU A 889 27.65 46.68 -42.12
CA GLU A 889 26.35 46.08 -41.85
C GLU A 889 26.04 45.03 -42.93
N ILE A 890 26.71 45.16 -44.07
CA ILE A 890 26.48 44.27 -45.22
C ILE A 890 27.08 42.87 -44.96
N PHE A 891 27.63 42.67 -43.77
CA PHE A 891 28.07 41.35 -43.33
C PHE A 891 26.89 40.58 -42.75
N GLU A 892 25.73 41.22 -42.72
CA GLU A 892 24.50 40.61 -42.20
C GLU A 892 23.41 40.64 -43.27
N ALA A 893 23.79 40.34 -44.51
CA ALA A 893 22.85 40.38 -45.63
C ALA A 893 22.10 39.06 -45.79
N PRO A 894 20.83 39.13 -46.18
CA PRO A 894 20.00 37.95 -46.43
C PRO A 894 20.44 37.18 -47.68
N GLU A 895 20.95 37.88 -48.69
CA GLU A 895 21.30 37.25 -49.96
C GLU A 895 22.31 36.09 -49.83
N PRO A 896 23.42 36.34 -49.12
CA PRO A 896 24.47 35.32 -48.94
C PRO A 896 23.95 34.08 -48.24
N MET A 897 23.12 34.27 -47.22
CA MET A 897 22.54 33.15 -46.50
C MET A 897 21.46 32.47 -47.34
N THR A 898 20.76 33.25 -48.14
CA THR A 898 19.79 32.70 -49.09
C THR A 898 20.54 31.86 -50.12
N MET A 899 21.77 32.25 -50.41
CA MET A 899 22.65 31.46 -51.26
C MET A 899 22.97 30.14 -50.56
N ALA A 900 23.35 30.23 -49.29
CA ALA A 900 23.71 29.07 -48.49
C ALA A 900 22.55 28.09 -48.40
N LEU A 901 21.41 28.58 -47.96
CA LEU A 901 20.22 27.77 -47.83
C LEU A 901 19.82 27.15 -49.16
N SER A 902 19.77 27.98 -50.21
CA SER A 902 19.43 27.53 -51.56
C SER A 902 20.35 26.40 -52.03
N VAL A 903 21.58 26.38 -51.52
CA VAL A 903 22.51 25.29 -51.81
C VAL A 903 22.07 24.03 -51.06
N LEU A 904 21.92 24.14 -49.75
CA LEU A 904 21.46 23.02 -48.92
C LEU A 904 20.20 22.41 -49.51
N VAL A 905 19.16 23.23 -49.64
CA VAL A 905 17.90 22.77 -50.19
C VAL A 905 18.12 22.10 -51.54
N THR A 906 19.08 22.60 -52.30
CA THR A 906 19.34 22.02 -53.61
C THR A 906 20.17 20.73 -53.52
N ILE A 907 21.15 20.70 -52.62
CA ILE A 907 21.96 19.51 -52.39
C ILE A 907 21.11 18.38 -51.83
N GLU A 908 20.26 18.71 -50.86
CA GLU A 908 19.42 17.69 -50.22
C GLU A 908 18.35 17.14 -51.18
N MET A 909 17.72 18.01 -51.96
CA MET A 909 16.76 17.54 -52.96
C MET A 909 17.42 16.57 -53.93
N CYS A 910 18.65 16.88 -54.33
CA CYS A 910 19.42 15.96 -55.17
C CYS A 910 19.78 14.70 -54.37
N ASN A 911 20.21 14.93 -53.13
CA ASN A 911 20.63 13.87 -52.23
C ASN A 911 19.47 12.93 -51.92
N ALA A 912 18.28 13.32 -52.36
CA ALA A 912 17.08 12.51 -52.20
C ALA A 912 16.96 11.48 -53.31
N LEU A 913 17.55 11.78 -54.46
CA LEU A 913 17.54 10.88 -55.60
C LEU A 913 18.54 9.74 -55.41
N ASN A 914 19.76 10.08 -55.03
CA ASN A 914 20.77 9.07 -54.72
C ASN A 914 20.41 8.30 -53.46
N SER A 915 19.26 8.65 -52.88
CA SER A 915 18.76 7.96 -51.71
C SER A 915 17.70 6.93 -52.12
N LEU A 916 17.22 7.05 -53.35
CA LEU A 916 16.25 6.08 -53.89
C LEU A 916 16.79 4.66 -53.81
N SER A 917 18.10 4.54 -53.96
CA SER A 917 18.81 3.26 -53.90
C SER A 917 20.13 3.41 -53.16
N GLU A 918 20.65 2.31 -52.64
CA GLU A 918 21.92 2.34 -51.91
C GLU A 918 23.12 2.18 -52.84
N ASN A 919 22.99 1.30 -53.83
CA ASN A 919 24.08 1.00 -54.75
C ASN A 919 23.74 1.26 -56.21
N GLN A 920 22.55 0.83 -56.63
CA GLN A 920 22.16 0.99 -58.04
C GLN A 920 22.19 2.44 -58.50
N SER A 921 23.16 2.76 -59.36
CA SER A 921 23.24 4.09 -59.94
C SER A 921 21.87 4.52 -60.46
N LEU A 922 21.66 5.83 -60.59
CA LEU A 922 20.42 6.34 -61.16
C LEU A 922 20.33 5.93 -62.63
N MET A 923 21.48 5.64 -63.23
CA MET A 923 21.54 5.12 -64.60
C MET A 923 20.66 3.88 -64.70
N ARG A 924 20.94 2.92 -63.81
CA ARG A 924 20.31 1.60 -63.85
C ARG A 924 18.99 1.57 -63.08
N MET A 925 18.80 2.52 -62.18
CA MET A 925 17.52 2.70 -61.50
C MET A 925 17.00 4.12 -61.71
N PRO A 926 15.96 4.27 -62.54
CA PRO A 926 15.43 5.57 -62.96
C PRO A 926 14.99 6.43 -61.77
N PRO A 927 15.14 7.75 -61.91
CA PRO A 927 14.64 8.69 -60.89
C PRO A 927 13.12 8.80 -60.97
N TRP A 928 12.53 8.20 -62.00
CA TRP A 928 11.09 8.26 -62.20
C TRP A 928 10.39 7.07 -61.55
N VAL A 929 11.15 6.26 -60.82
CA VAL A 929 10.61 5.06 -60.16
C VAL A 929 9.53 5.41 -59.13
N ASN A 930 9.93 6.13 -58.09
CA ASN A 930 9.00 6.56 -57.05
C ASN A 930 8.42 7.95 -57.34
N ILE A 931 7.34 7.97 -58.12
CA ILE A 931 6.69 9.22 -58.50
C ILE A 931 6.48 10.14 -57.29
N TRP A 932 6.04 9.56 -56.19
CA TRP A 932 5.76 10.34 -54.99
C TRP A 932 6.97 11.10 -54.47
N LEU A 933 8.17 10.61 -54.79
CA LEU A 933 9.37 11.35 -54.43
C LEU A 933 9.46 12.62 -55.26
N LEU A 934 8.91 12.57 -56.48
CA LEU A 934 8.92 13.72 -57.37
C LEU A 934 8.00 14.82 -56.85
N GLY A 935 6.74 14.47 -56.60
CA GLY A 935 5.79 15.40 -56.03
C GLY A 935 6.31 15.89 -54.69
N SER A 936 7.11 15.04 -54.05
CA SER A 936 7.73 15.35 -52.77
C SER A 936 8.71 16.52 -52.84
N ILE A 937 9.64 16.45 -53.79
CA ILE A 937 10.64 17.50 -53.94
C ILE A 937 10.09 18.79 -54.55
N CYS A 938 9.20 18.63 -55.53
CA CYS A 938 8.58 19.77 -56.20
C CYS A 938 7.80 20.60 -55.20
N LEU A 939 7.34 19.92 -54.16
CA LEU A 939 6.68 20.59 -53.05
C LEU A 939 7.72 21.30 -52.18
N SER A 940 8.79 20.60 -51.82
CA SER A 940 9.86 21.19 -51.03
C SER A 940 10.42 22.40 -51.76
N MET A 941 10.70 22.21 -53.05
CA MET A 941 11.19 23.29 -53.90
C MET A 941 10.22 24.47 -53.93
N SER A 942 8.96 24.20 -54.24
CA SER A 942 7.94 25.23 -54.31
C SER A 942 7.66 25.88 -52.93
N LEU A 943 8.09 25.22 -51.87
CA LEU A 943 8.05 25.81 -50.54
C LEU A 943 9.28 26.67 -50.30
N HIS A 944 10.42 26.24 -50.84
CA HIS A 944 11.62 27.04 -50.75
C HIS A 944 11.35 28.38 -51.41
N PHE A 945 10.91 28.36 -52.67
CA PHE A 945 10.63 29.59 -53.41
C PHE A 945 9.73 30.50 -52.58
N LEU A 946 8.79 29.90 -51.88
CA LEU A 946 7.81 30.63 -51.09
C LEU A 946 8.48 31.53 -50.06
N ILE A 947 9.18 30.91 -49.11
CA ILE A 947 9.83 31.65 -48.04
C ILE A 947 10.89 32.62 -48.57
N LEU A 948 11.08 32.61 -49.89
CA LEU A 948 11.93 33.59 -50.55
C LEU A 948 11.08 34.74 -51.11
N TYR A 949 9.82 34.44 -51.42
CA TYR A 949 8.93 35.41 -52.05
C TYR A 949 7.59 35.53 -51.33
N VAL A 950 7.60 35.98 -50.08
CA VAL A 950 6.36 36.35 -49.39
C VAL A 950 6.64 37.31 -48.22
N ASP A 951 6.36 38.58 -48.45
CA ASP A 951 6.67 39.69 -47.52
C ASP A 951 7.13 39.28 -46.11
N PRO A 952 6.27 38.57 -45.36
CA PRO A 952 6.68 38.14 -44.02
C PRO A 952 7.85 37.13 -44.06
N LEU A 953 7.58 35.96 -44.62
CA LEU A 953 8.53 34.85 -44.67
C LEU A 953 10.02 35.19 -44.67
N PRO A 954 10.47 36.05 -45.61
CA PRO A 954 11.91 36.30 -45.71
C PRO A 954 12.53 37.06 -44.54
N MET A 955 11.72 37.77 -43.74
CA MET A 955 12.24 38.50 -42.58
C MET A 955 12.41 37.58 -41.36
N ILE A 956 11.45 36.66 -41.19
CA ILE A 956 11.49 35.68 -40.11
C ILE A 956 12.57 34.62 -40.36
N PHE A 957 12.98 34.49 -41.61
CA PHE A 957 13.94 33.45 -42.00
C PHE A 957 15.24 34.05 -42.52
N LYS A 958 15.29 35.38 -42.55
CA LYS A 958 16.45 36.13 -43.06
C LYS A 958 16.91 35.67 -44.44
N LEU A 959 16.00 35.74 -45.40
CA LEU A 959 16.33 35.43 -46.79
C LEU A 959 15.94 36.60 -47.69
N LYS A 960 16.66 36.76 -48.79
CA LYS A 960 16.31 37.72 -49.81
C LYS A 960 16.52 37.06 -51.17
N ALA A 961 15.43 36.90 -51.92
CA ALA A 961 15.41 36.12 -53.16
C ALA A 961 16.69 36.18 -54.01
N LEU A 962 16.82 35.23 -54.93
CA LEU A 962 18.01 35.15 -55.78
C LEU A 962 17.72 35.44 -57.25
N ASP A 963 18.62 36.18 -57.90
CA ASP A 963 18.52 36.43 -59.34
C ASP A 963 18.67 35.11 -60.08
N LEU A 964 18.42 35.12 -61.39
CA LEU A 964 18.57 33.92 -62.20
C LEU A 964 20.06 33.60 -62.43
N THR A 965 20.94 34.50 -62.00
CA THR A 965 22.38 34.27 -62.02
C THR A 965 22.83 33.76 -60.66
N GLN A 966 22.04 34.10 -59.64
CA GLN A 966 22.25 33.60 -58.28
C GLN A 966 21.74 32.16 -58.15
N TRP A 967 21.00 31.71 -59.14
CA TRP A 967 20.47 30.36 -59.17
C TRP A 967 21.27 29.46 -60.11
N LEU A 968 21.78 30.03 -61.19
CA LEU A 968 22.70 29.31 -62.07
C LEU A 968 23.94 28.98 -61.27
N MET A 969 24.29 29.88 -60.35
CA MET A 969 25.44 29.68 -59.48
C MET A 969 25.15 28.63 -58.42
N VAL A 970 23.89 28.56 -57.99
CA VAL A 970 23.47 27.55 -57.02
C VAL A 970 23.47 26.16 -57.63
N LEU A 971 22.87 26.02 -58.81
CA LEU A 971 22.79 24.73 -59.48
C LEU A 971 24.17 24.20 -59.84
N LYS A 972 24.98 25.05 -60.45
CA LYS A 972 26.33 24.67 -60.85
C LYS A 972 27.23 24.43 -59.63
N ILE A 973 26.67 24.59 -58.43
CA ILE A 973 27.44 24.39 -57.20
C ILE A 973 26.71 23.40 -56.29
N SER A 974 25.67 22.75 -56.82
CA SER A 974 24.88 21.79 -56.07
C SER A 974 24.74 20.46 -56.82
N LEU A 975 24.28 20.55 -58.07
CA LEU A 975 24.07 19.36 -58.89
C LEU A 975 25.20 18.33 -58.85
N PRO A 976 26.46 18.80 -58.92
CA PRO A 976 27.62 17.90 -58.82
C PRO A 976 27.53 16.89 -57.67
N VAL A 977 26.75 17.18 -56.64
CA VAL A 977 26.56 16.22 -55.55
C VAL A 977 26.07 14.87 -56.08
N ILE A 978 25.24 14.92 -57.12
CA ILE A 978 24.75 13.71 -57.78
C ILE A 978 25.90 12.86 -58.31
N GLY A 979 26.67 13.44 -59.24
CA GLY A 979 27.81 12.75 -59.83
C GLY A 979 28.77 12.24 -58.78
N LEU A 980 28.87 12.95 -57.66
CA LEU A 980 29.76 12.55 -56.57
C LEU A 980 29.36 11.20 -56.01
N ASP A 981 28.16 11.13 -55.45
CA ASP A 981 27.66 9.88 -54.90
C ASP A 981 27.48 8.88 -56.02
N GLU A 982 27.07 9.36 -57.19
CA GLU A 982 26.82 8.50 -58.34
C GLU A 982 28.05 7.67 -58.69
N ILE A 983 29.22 8.23 -58.44
CA ILE A 983 30.48 7.53 -58.66
C ILE A 983 30.87 6.75 -57.41
N LEU A 984 30.32 7.13 -56.26
CA LEU A 984 30.46 6.34 -55.03
C LEU A 984 29.66 5.04 -55.13
N LYS A 985 28.71 5.00 -56.06
CA LYS A 985 27.91 3.81 -56.33
C LYS A 985 28.63 2.91 -57.32
N PHE A 986 29.27 3.52 -58.31
CA PHE A 986 30.03 2.76 -59.29
C PHE A 986 31.26 2.14 -58.60
N ILE A 987 31.69 2.76 -57.51
CA ILE A 987 32.80 2.24 -56.71
C ILE A 987 32.28 1.53 -55.46
N ALA A 988 31.40 0.56 -55.67
CA ALA A 988 30.80 -0.18 -54.56
C ALA A 988 29.96 -1.32 -55.13
N ARG A 989 29.50 -1.12 -56.36
CA ARG A 989 28.70 -2.11 -57.06
C ARG A 989 29.62 -3.05 -57.83
N ASN A 990 30.91 -2.74 -57.83
CA ASN A 990 31.89 -3.50 -58.61
C ASN A 990 33.17 -3.84 -57.83
N TYR A 991 33.89 -2.82 -57.38
CA TYR A 991 35.19 -3.02 -56.75
C TYR A 991 35.15 -3.06 -55.22
N LEU A 992 33.96 -2.94 -54.65
CA LEU A 992 33.83 -2.96 -53.20
C LEU A 992 33.32 -4.31 -52.73
N GLU A 993 32.04 -4.57 -52.93
CA GLU A 993 31.43 -5.81 -52.47
C GLU A 993 30.28 -6.24 -53.37
N GLY A 994 30.50 -6.18 -54.67
CA GLY A 994 29.50 -6.59 -55.64
C GLY A 994 30.10 -7.06 -56.95
N MET B 1 28.59 -7.89 34.93
CA MET B 1 28.15 -9.34 34.80
C MET B 1 26.75 -9.76 34.24
N GLU B 2 26.70 -10.11 32.97
CA GLU B 2 25.45 -10.47 32.32
C GLU B 2 25.01 -11.90 32.67
N ALA B 3 23.70 -12.11 32.76
CA ALA B 3 23.13 -13.43 32.95
C ALA B 3 23.52 -14.08 34.28
N ALA B 4 23.71 -13.25 35.30
CA ALA B 4 23.97 -13.75 36.64
C ALA B 4 22.91 -14.80 37.08
N HIS B 5 21.65 -14.60 36.70
CA HIS B 5 20.57 -15.48 37.14
C HIS B 5 20.74 -16.90 36.61
N SER B 6 21.49 -17.07 35.53
CA SER B 6 21.58 -18.42 34.96
C SER B 6 22.81 -19.18 35.43
N LYS B 7 23.70 -18.47 36.11
CA LYS B 7 24.94 -19.03 36.63
C LYS B 7 24.64 -19.58 38.01
N SER B 8 25.40 -20.58 38.41
CA SER B 8 25.36 -21.05 39.79
C SER B 8 25.96 -19.96 40.72
N THR B 9 25.69 -20.04 42.03
CA THR B 9 26.37 -19.14 42.98
C THR B 9 27.89 -19.24 42.81
N GLU B 10 28.46 -20.44 42.73
CA GLU B 10 29.93 -20.52 42.64
C GLU B 10 30.48 -19.87 41.38
N GLU B 11 29.75 -19.99 40.26
CA GLU B 11 30.18 -19.31 39.04
C GLU B 11 30.08 -17.77 39.13
N CYS B 12 29.10 -17.26 39.85
CA CYS B 12 29.03 -15.82 40.13
C CYS B 12 30.21 -15.34 40.96
N LEU B 13 30.54 -16.05 42.04
CA LEU B 13 31.77 -15.66 42.76
C LEU B 13 33.01 -15.73 41.85
N ALA B 14 33.14 -16.80 41.06
CA ALA B 14 34.31 -16.94 40.19
C ALA B 14 34.38 -15.80 39.18
N TYR B 15 33.24 -15.42 38.62
CA TYR B 15 33.24 -14.39 37.61
C TYR B 15 34.06 -13.18 38.07
N PHE B 16 33.99 -12.94 39.37
CA PHE B 16 34.60 -11.76 39.98
C PHE B 16 35.84 -12.11 40.81
N GLY B 17 36.06 -13.37 41.13
CA GLY B 17 37.21 -13.71 41.94
C GLY B 17 37.11 -13.10 43.33
N VAL B 18 36.03 -13.43 44.03
CA VAL B 18 35.78 -12.89 45.35
C VAL B 18 35.38 -14.04 46.23
N SER B 19 35.81 -13.94 47.48
CA SER B 19 35.41 -14.92 48.47
C SER B 19 34.07 -14.47 49.02
N GLU B 20 33.13 -15.41 49.12
CA GLU B 20 31.84 -15.11 49.75
C GLU B 20 32.00 -14.63 51.19
N THR B 21 33.02 -15.13 51.89
CA THR B 21 33.20 -14.74 53.27
C THR B 21 34.36 -13.80 53.42
N THR B 22 34.55 -12.88 52.49
CA THR B 22 35.58 -11.85 52.63
C THR B 22 35.13 -10.62 51.92
N GLY B 23 34.63 -10.80 50.70
CA GLY B 23 34.25 -9.69 49.85
C GLY B 23 35.49 -9.13 49.19
N LEU B 24 35.28 -8.05 48.44
CA LEU B 24 36.34 -7.42 47.66
C LEU B 24 37.43 -6.76 48.52
N THR B 25 38.66 -6.73 48.01
CA THR B 25 39.74 -5.95 48.59
C THR B 25 39.56 -4.47 48.19
N PRO B 26 40.14 -3.55 48.97
CA PRO B 26 40.12 -2.14 48.57
C PRO B 26 40.57 -1.93 47.12
N ASP B 27 41.61 -2.64 46.67
CA ASP B 27 42.09 -2.55 45.29
C ASP B 27 41.03 -3.03 44.29
N GLN B 28 40.45 -4.18 44.57
CA GLN B 28 39.37 -4.70 43.73
C GLN B 28 38.27 -3.64 43.65
N VAL B 29 37.95 -3.03 44.77
CA VAL B 29 36.88 -2.03 44.78
C VAL B 29 37.26 -0.88 43.88
N LYS B 30 38.48 -0.39 44.02
CA LYS B 30 38.95 0.73 43.22
C LYS B 30 38.95 0.36 41.72
N ARG B 31 39.43 -0.85 41.42
CA ARG B 31 39.50 -1.34 40.05
C ARG B 31 38.09 -1.47 39.43
N HIS B 32 37.15 -2.02 40.19
CA HIS B 32 35.79 -2.16 39.70
C HIS B 32 35.07 -0.81 39.63
N LEU B 33 35.38 0.08 40.56
CA LEU B 33 34.82 1.42 40.52
C LEU B 33 35.28 2.14 39.24
N GLU B 34 36.47 1.80 38.76
CA GLU B 34 37.01 2.44 37.57
C GLU B 34 36.29 1.89 36.36
N LYS B 35 36.19 0.55 36.32
CA LYS B 35 35.58 -0.15 35.20
C LYS B 35 34.09 0.08 35.00
N TYR B 36 33.34 0.12 36.10
CA TYR B 36 31.88 0.04 36.08
C TYR B 36 31.19 1.33 36.46
N GLY B 37 31.97 2.33 36.87
CA GLY B 37 31.41 3.59 37.34
C GLY B 37 30.71 3.38 38.67
N HIS B 38 30.23 4.47 39.26
CA HIS B 38 29.53 4.40 40.51
C HIS B 38 28.10 3.84 40.37
N ASN B 39 27.53 3.41 41.48
CA ASN B 39 26.21 2.79 41.46
C ASN B 39 25.07 3.78 41.59
N GLU B 40 24.75 4.48 40.51
CA GLU B 40 23.74 5.53 40.57
C GLU B 40 23.16 5.80 39.19
N LEU B 41 21.97 6.38 39.14
CA LEU B 41 21.40 6.83 37.88
C LEU B 41 21.76 8.29 37.64
N PRO B 42 22.22 8.61 36.43
CA PRO B 42 22.53 10.00 36.09
C PRO B 42 21.29 10.85 36.26
N ALA B 43 21.46 12.14 36.55
CA ALA B 43 20.32 13.06 36.69
C ALA B 43 20.06 13.80 35.39
N GLU B 44 18.84 14.29 35.22
CA GLU B 44 18.46 15.00 33.99
C GLU B 44 17.78 16.34 34.29
N GLU B 45 18.31 17.41 33.71
CA GLU B 45 17.76 18.76 33.89
C GLU B 45 16.71 19.11 32.83
N GLY B 46 17.14 19.12 31.56
CA GLY B 46 16.22 19.34 30.47
C GLY B 46 16.04 20.79 30.04
N LYS B 47 17.15 21.45 29.72
CA LYS B 47 17.09 22.81 29.17
C LYS B 47 16.54 23.86 30.14
N SER B 48 17.19 25.00 30.19
CA SER B 48 16.69 26.13 30.98
C SER B 48 15.59 26.88 30.25
N LEU B 49 14.92 27.79 30.95
CA LEU B 49 13.90 28.63 30.33
C LEU B 49 14.51 29.38 29.17
N TRP B 50 15.81 29.64 29.24
CA TRP B 50 16.56 30.30 28.17
C TRP B 50 16.41 29.56 26.84
N GLU B 51 16.71 28.25 26.86
CA GLU B 51 16.70 27.44 25.65
C GLU B 51 15.29 27.10 25.17
N LEU B 52 14.35 26.99 26.12
CA LEU B 52 12.95 26.72 25.78
C LEU B 52 12.24 27.94 25.18
N VAL B 53 12.84 29.12 25.39
CA VAL B 53 12.30 30.36 24.86
C VAL B 53 12.91 30.67 23.50
N ILE B 54 14.19 30.34 23.34
CA ILE B 54 14.87 30.49 22.06
C ILE B 54 14.37 29.48 21.02
N GLU B 55 14.03 28.28 21.47
CA GLU B 55 13.46 27.28 20.58
C GLU B 55 12.08 27.73 20.11
N GLN B 56 11.43 28.57 20.90
CA GLN B 56 10.11 29.08 20.55
C GLN B 56 10.13 29.92 19.27
N PHE B 57 11.32 30.40 18.91
CA PHE B 57 11.48 31.23 17.70
C PHE B 57 12.18 30.47 16.58
N GLU B 58 12.66 29.28 16.88
CA GLU B 58 13.41 28.51 15.89
C GLU B 58 12.50 27.98 14.78
N ASP B 59 11.18 27.96 15.03
CA ASP B 59 10.26 27.48 14.00
C ASP B 59 9.83 28.59 13.05
N LEU B 60 9.55 28.20 11.81
CA LEU B 60 9.48 29.13 10.70
C LEU B 60 8.41 30.21 10.85
N LEU B 61 7.19 29.79 11.14
CA LEU B 61 6.07 30.70 11.25
C LEU B 61 6.39 31.87 12.18
N VAL B 62 7.19 31.61 13.21
CA VAL B 62 7.56 32.65 14.15
C VAL B 62 8.68 33.51 13.59
N ARG B 63 9.51 32.89 12.76
CA ARG B 63 10.59 33.61 12.08
C ARG B 63 10.01 34.68 11.17
N ILE B 64 9.07 34.29 10.32
CA ILE B 64 8.40 35.24 9.44
C ILE B 64 7.92 36.46 10.21
N LEU B 65 7.14 36.23 11.24
CA LEU B 65 6.56 37.33 12.01
C LEU B 65 7.66 38.16 12.70
N LEU B 66 8.75 37.50 13.05
CA LEU B 66 9.87 38.17 13.71
C LEU B 66 10.57 39.08 12.70
N LEU B 67 10.93 38.50 11.56
CA LEU B 67 11.43 39.24 10.43
C LEU B 67 10.60 40.51 10.25
N ALA B 68 9.28 40.32 10.23
CA ALA B 68 8.35 41.41 10.02
C ALA B 68 8.52 42.51 11.07
N ALA B 69 8.58 42.12 12.34
CA ALA B 69 8.65 43.10 13.44
C ALA B 69 9.88 43.98 13.33
N CYS B 70 10.91 43.49 12.65
CA CYS B 70 12.12 44.27 12.41
C CYS B 70 11.90 45.24 11.26
N ILE B 71 11.50 44.71 10.11
CA ILE B 71 11.14 45.55 8.98
C ILE B 71 10.18 46.65 9.46
N SER B 72 9.15 46.26 10.19
CA SER B 72 8.20 47.21 10.75
C SER B 72 8.88 48.28 11.57
N PHE B 73 9.83 47.86 12.40
CA PHE B 73 10.57 48.77 13.27
C PHE B 73 11.48 49.69 12.46
N VAL B 74 12.27 49.09 11.58
CA VAL B 74 13.12 49.86 10.68
C VAL B 74 12.35 50.95 9.94
N LEU B 75 11.10 50.68 9.59
CA LEU B 75 10.25 51.68 8.94
C LEU B 75 9.89 52.80 9.91
N ALA B 76 9.18 52.46 10.97
CA ALA B 76 8.78 53.43 11.98
C ALA B 76 9.95 54.29 12.46
N TRP B 77 11.13 53.68 12.57
CA TRP B 77 12.33 54.38 13.03
C TRP B 77 12.80 55.42 12.01
N PHE B 78 12.84 55.02 10.75
CA PHE B 78 13.17 55.95 9.68
C PHE B 78 11.87 56.42 9.05
N GLU B 79 10.87 56.63 9.90
CA GLU B 79 9.58 57.16 9.48
C GLU B 79 9.65 58.67 9.48
N GLU B 80 9.13 59.27 8.41
CA GLU B 80 9.21 60.72 8.21
C GLU B 80 8.76 61.48 9.46
N GLY B 81 9.22 62.73 9.57
CA GLY B 81 8.84 63.60 10.67
C GLY B 81 7.38 63.95 10.59
N GLU B 82 6.54 62.91 10.53
CA GLU B 82 5.09 63.08 10.41
C GLU B 82 4.42 62.78 11.75
N GLU B 83 4.32 61.50 12.09
CA GLU B 83 3.79 61.09 13.39
C GLU B 83 4.53 59.90 13.95
N THR B 84 5.84 60.05 14.14
CA THR B 84 6.64 58.99 14.77
C THR B 84 6.24 58.87 16.23
N ILE B 85 5.24 59.66 16.62
CA ILE B 85 4.63 59.55 17.93
C ILE B 85 3.99 58.16 18.06
N THR B 86 3.23 57.78 17.03
CA THR B 86 2.54 56.50 17.01
C THR B 86 2.87 55.68 15.76
N ALA B 87 4.12 55.80 15.31
CA ALA B 87 4.59 55.00 14.18
C ALA B 87 5.13 53.69 14.71
N PHE B 88 5.68 53.73 15.92
CA PHE B 88 6.31 52.58 16.53
C PHE B 88 5.32 51.60 17.15
N VAL B 89 4.03 51.91 17.05
CA VAL B 89 3.00 51.04 17.61
C VAL B 89 3.02 49.67 16.92
N GLU B 90 3.08 49.70 15.59
CA GLU B 90 3.08 48.49 14.79
C GLU B 90 4.21 47.52 15.13
N PRO B 91 5.44 48.02 15.30
CA PRO B 91 6.52 47.12 15.72
C PRO B 91 6.35 46.62 17.15
N PHE B 92 5.97 47.50 18.08
CA PHE B 92 5.88 47.10 19.49
C PHE B 92 4.64 46.27 19.79
N VAL B 93 3.73 46.14 18.85
CA VAL B 93 2.61 45.23 19.02
C VAL B 93 2.99 43.85 18.48
N ILE B 94 3.51 43.82 17.26
CA ILE B 94 4.02 42.59 16.70
C ILE B 94 4.99 41.93 17.67
N LEU B 95 5.96 42.69 18.15
CA LEU B 95 6.93 42.17 19.09
C LEU B 95 6.26 41.60 20.33
N LEU B 96 5.30 42.34 20.87
CA LEU B 96 4.65 41.95 22.10
C LEU B 96 3.85 40.66 21.96
N ILE B 97 3.39 40.39 20.74
CA ILE B 97 2.66 39.17 20.47
C ILE B 97 3.65 38.02 20.40
N LEU B 98 4.73 38.22 19.66
CA LEU B 98 5.83 37.26 19.65
C LEU B 98 6.20 36.84 21.08
N ILE B 99 6.30 37.82 21.98
CA ILE B 99 6.65 37.57 23.37
C ILE B 99 5.55 36.76 24.09
N ALA B 100 4.36 37.34 24.21
CA ALA B 100 3.24 36.67 24.87
C ALA B 100 3.02 35.25 24.36
N ASN B 101 3.08 35.07 23.04
CA ASN B 101 2.92 33.75 22.44
C ASN B 101 4.07 32.82 22.78
N ALA B 102 5.27 33.38 22.86
CA ALA B 102 6.46 32.58 23.15
C ALA B 102 6.38 31.98 24.54
N ILE B 103 6.02 32.79 25.53
CA ILE B 103 5.93 32.32 26.90
C ILE B 103 4.72 31.38 27.05
N VAL B 104 3.57 31.82 26.56
CA VAL B 104 2.40 30.95 26.52
C VAL B 104 2.78 29.60 25.92
N GLY B 105 3.78 29.63 25.04
CA GLY B 105 4.23 28.42 24.34
C GLY B 105 5.00 27.49 25.25
N VAL B 106 5.82 28.08 26.13
CA VAL B 106 6.59 27.31 27.07
C VAL B 106 5.75 26.80 28.25
N TRP B 107 4.97 27.69 28.84
CA TRP B 107 4.08 27.30 29.93
C TRP B 107 3.26 26.04 29.61
N GLN B 108 2.54 26.04 28.49
CA GLN B 108 1.65 24.93 28.14
C GLN B 108 2.40 23.76 27.49
N GLU B 109 3.64 23.55 27.88
CA GLU B 109 4.47 22.52 27.25
C GLU B 109 5.63 22.10 28.16
N ARG B 110 5.74 22.78 29.30
CA ARG B 110 6.77 22.45 30.28
C ARG B 110 6.20 21.72 31.50
N ASN B 111 6.81 20.60 31.86
CA ASN B 111 6.44 19.88 33.08
C ASN B 111 7.45 20.14 34.21
N ALA B 112 6.94 20.57 35.36
CA ALA B 112 7.79 20.92 36.50
C ALA B 112 8.37 19.70 37.23
N GLU B 113 7.50 18.78 37.66
CA GLU B 113 7.95 17.60 38.40
C GLU B 113 8.54 16.51 37.51
N ASN B 114 9.82 16.24 37.71
CA ASN B 114 10.54 15.28 36.87
C ASN B 114 10.40 13.85 37.39
N ALA B 115 10.05 12.94 36.49
CA ALA B 115 9.79 11.55 36.86
C ALA B 115 11.10 10.83 37.21
N ILE B 116 12.18 11.20 36.55
CA ILE B 116 13.48 10.62 36.88
C ILE B 116 13.92 10.89 38.33
N GLU B 117 13.47 12.01 38.90
CA GLU B 117 13.76 12.30 40.29
C GLU B 117 12.86 11.48 41.22
N ALA B 118 11.58 11.37 40.87
CA ALA B 118 10.69 10.57 41.68
C ALA B 118 11.25 9.16 41.74
N LEU B 119 11.98 8.77 40.71
CA LEU B 119 12.43 7.38 40.65
C LEU B 119 13.58 7.16 41.62
N LYS B 120 14.35 8.21 41.88
CA LYS B 120 15.46 8.12 42.81
C LYS B 120 15.02 7.90 44.28
N GLU B 121 13.80 8.24 44.60
CA GLU B 121 13.22 7.76 45.86
C GLU B 121 13.42 6.27 46.10
N TYR B 122 13.67 5.47 45.06
CA TYR B 122 13.84 4.02 45.27
C TYR B 122 15.31 3.60 45.29
N GLU B 123 16.20 4.59 45.28
CA GLU B 123 17.64 4.38 45.41
C GLU B 123 18.10 4.70 46.83
N PRO B 124 18.42 3.68 47.63
CA PRO B 124 18.88 3.91 48.99
C PRO B 124 20.18 4.74 49.07
N GLU B 125 20.25 5.56 50.09
CA GLU B 125 21.47 6.27 50.39
C GLU B 125 22.58 5.24 50.67
N MET B 126 22.28 4.28 51.54
CA MET B 126 23.27 3.33 52.04
C MET B 126 23.00 1.90 51.63
N GLY B 127 24.04 1.11 51.61
CA GLY B 127 23.86 -0.33 51.57
C GLY B 127 24.87 -0.95 52.49
N LYS B 128 24.95 -2.26 52.49
CA LYS B 128 25.79 -2.98 53.40
C LYS B 128 26.62 -3.95 52.59
N VAL B 129 27.94 -3.90 52.76
CA VAL B 129 28.77 -4.88 52.11
C VAL B 129 29.70 -5.52 53.12
N TYR B 130 30.12 -6.75 52.81
CA TYR B 130 31.31 -7.29 53.46
C TYR B 130 32.46 -7.07 52.51
N ARG B 131 33.49 -6.40 53.00
CA ARG B 131 34.72 -6.25 52.24
C ARG B 131 35.89 -6.82 53.05
N ALA B 132 37.04 -6.94 52.40
CA ALA B 132 38.15 -7.70 52.95
C ALA B 132 38.83 -6.99 54.12
N ASP B 133 38.80 -5.67 54.10
CA ASP B 133 39.40 -4.86 55.16
C ASP B 133 38.76 -4.97 56.55
N ARG B 134 37.54 -5.47 56.65
CA ARG B 134 36.91 -5.65 57.95
C ARG B 134 36.06 -6.90 57.92
N LYS B 135 36.00 -7.63 59.02
CA LYS B 135 35.19 -8.85 59.01
C LYS B 135 33.68 -8.57 59.27
N SER B 136 33.40 -7.46 59.94
CA SER B 136 32.02 -7.08 60.20
C SER B 136 31.41 -6.35 59.00
N VAL B 137 30.09 -6.40 58.88
CA VAL B 137 29.42 -5.78 57.75
C VAL B 137 29.71 -4.28 57.74
N GLN B 138 29.94 -3.71 56.55
CA GLN B 138 30.19 -2.27 56.45
C GLN B 138 28.98 -1.57 55.83
N ARG B 139 28.51 -0.52 56.49
CA ARG B 139 27.41 0.30 55.99
C ARG B 139 28.04 1.46 55.20
N ILE B 140 27.89 1.43 53.88
CA ILE B 140 28.46 2.47 53.03
C ILE B 140 27.45 3.11 52.09
N LYS B 141 27.93 4.08 51.33
CA LYS B 141 27.08 4.80 50.41
C LYS B 141 26.74 3.85 49.27
N ALA B 142 25.47 3.78 48.91
CA ALA B 142 25.06 2.81 47.92
C ALA B 142 25.75 3.08 46.58
N ARG B 143 26.04 4.35 46.32
CA ARG B 143 26.62 4.71 45.04
C ARG B 143 28.04 4.15 44.96
N ASP B 144 28.55 3.73 46.10
CA ASP B 144 29.91 3.19 46.16
C ASP B 144 29.96 1.68 46.00
N ILE B 145 28.80 1.03 45.92
CA ILE B 145 28.80 -0.41 45.68
C ILE B 145 29.22 -0.70 44.25
N VAL B 146 29.90 -1.82 44.04
CA VAL B 146 30.34 -2.19 42.68
C VAL B 146 29.98 -3.65 42.34
N PRO B 147 29.88 -3.98 41.05
CA PRO B 147 29.70 -5.39 40.71
C PRO B 147 30.79 -6.21 41.39
N GLY B 148 30.42 -7.31 42.04
CA GLY B 148 31.39 -8.13 42.74
C GLY B 148 31.28 -8.02 44.24
N ASP B 149 30.79 -6.89 44.71
CA ASP B 149 30.52 -6.73 46.15
C ASP B 149 29.64 -7.84 46.73
N ILE B 150 30.08 -8.33 47.89
CA ILE B 150 29.23 -9.15 48.74
C ILE B 150 28.36 -8.18 49.53
N VAL B 151 27.04 -8.26 49.32
CA VAL B 151 26.09 -7.43 50.01
C VAL B 151 25.13 -8.19 50.87
N GLU B 152 24.61 -7.49 51.87
CA GLU B 152 23.70 -8.07 52.80
C GLU B 152 22.41 -7.26 52.77
N VAL B 153 21.28 -7.95 52.73
CA VAL B 153 20.03 -7.22 52.83
C VAL B 153 19.22 -7.89 53.89
N ALA B 154 18.36 -7.10 54.52
CA ALA B 154 17.48 -7.62 55.53
C ALA B 154 16.14 -6.92 55.48
N VAL B 155 15.13 -7.48 56.15
CA VAL B 155 13.81 -6.89 56.20
C VAL B 155 13.83 -5.35 56.28
N GLY B 156 13.05 -4.68 55.44
CA GLY B 156 12.94 -3.24 55.50
C GLY B 156 13.91 -2.59 54.53
N ASP B 157 14.93 -3.33 54.12
CA ASP B 157 15.92 -2.75 53.23
C ASP B 157 15.38 -2.45 51.83
N LYS B 158 15.84 -1.34 51.26
CA LYS B 158 15.71 -1.16 49.83
C LYS B 158 16.92 -1.82 49.24
N VAL B 159 16.69 -2.70 48.26
CA VAL B 159 17.78 -3.33 47.55
C VAL B 159 18.58 -2.30 46.78
N PRO B 160 19.91 -2.27 46.95
CA PRO B 160 20.81 -1.20 46.48
C PRO B 160 21.46 -1.39 45.10
N ALA B 161 21.52 -2.59 44.59
CA ALA B 161 22.07 -2.85 43.25
C ALA B 161 21.42 -4.15 42.73
N ASP B 162 21.63 -4.55 41.47
CA ASP B 162 21.06 -5.84 41.05
C ASP B 162 21.98 -6.97 41.46
N ILE B 163 21.44 -7.87 42.26
CA ILE B 163 22.23 -8.83 43.02
C ILE B 163 21.80 -10.30 42.77
N ARG B 164 22.82 -11.15 42.63
CA ARG B 164 22.63 -12.59 42.64
C ARG B 164 22.67 -13.09 44.10
N ILE B 165 21.60 -13.74 44.53
CA ILE B 165 21.50 -14.20 45.89
C ILE B 165 22.43 -15.40 46.06
N LEU B 166 23.31 -15.35 47.07
CA LEU B 166 24.27 -16.41 47.32
C LEU B 166 23.76 -17.33 48.39
N SER B 167 23.15 -16.72 49.40
CA SER B 167 22.77 -17.46 50.58
C SER B 167 21.63 -16.76 51.33
N ILE B 168 20.60 -17.54 51.68
CA ILE B 168 19.46 -17.02 52.41
C ILE B 168 19.56 -17.46 53.87
N LYS B 169 19.59 -16.51 54.80
CA LYS B 169 19.90 -16.81 56.18
C LYS B 169 18.63 -17.14 56.95
N SER B 170 17.56 -16.50 56.56
CA SER B 170 16.28 -16.70 57.20
C SER B 170 15.61 -17.89 56.55
N THR B 171 14.51 -18.34 57.13
CA THR B 171 13.80 -19.44 56.55
C THR B 171 13.30 -19.14 55.14
N THR B 172 12.90 -17.88 54.91
CA THR B 172 12.61 -17.37 53.57
C THR B 172 13.06 -15.92 53.41
N LEU B 173 13.29 -15.56 52.15
CA LEU B 173 13.51 -14.19 51.78
C LEU B 173 12.30 -13.74 50.96
N ARG B 174 11.59 -12.75 51.46
CA ARG B 174 10.38 -12.28 50.82
C ARG B 174 10.62 -10.89 50.27
N VAL B 175 10.34 -10.72 48.99
CA VAL B 175 10.64 -9.46 48.32
C VAL B 175 9.42 -8.89 47.66
N ASP B 176 9.28 -7.59 47.79
CA ASP B 176 8.24 -6.85 47.14
C ASP B 176 8.85 -6.19 45.89
N GLN B 177 8.59 -6.76 44.71
CA GLN B 177 9.18 -6.26 43.45
C GLN B 177 8.19 -5.43 42.66
N SER B 178 7.28 -4.80 43.37
CA SER B 178 6.22 -4.07 42.70
C SER B 178 6.72 -2.93 41.80
N ILE B 179 7.95 -2.45 41.96
CA ILE B 179 8.40 -1.43 41.02
C ILE B 179 8.77 -2.06 39.67
N LEU B 180 8.92 -3.38 39.62
CA LEU B 180 9.18 -4.07 38.35
C LEU B 180 7.99 -4.86 37.83
N THR B 181 7.04 -5.18 38.71
CA THR B 181 5.94 -6.05 38.32
C THR B 181 4.57 -5.44 38.55
N GLY B 182 4.53 -4.39 39.34
CA GLY B 182 3.25 -3.80 39.77
C GLY B 182 2.60 -4.57 40.92
N GLU B 183 3.07 -5.77 41.22
CA GLU B 183 2.44 -6.62 42.26
C GLU B 183 3.15 -6.52 43.62
N SER B 184 2.40 -6.38 44.69
CA SER B 184 3.00 -6.30 46.03
C SER B 184 3.20 -7.64 46.68
N VAL B 185 2.56 -8.66 46.14
CA VAL B 185 2.69 -9.98 46.69
C VAL B 185 4.18 -10.27 46.90
N SER B 186 4.51 -10.90 48.02
CA SER B 186 5.91 -11.20 48.30
C SER B 186 6.35 -12.29 47.35
N VAL B 187 7.48 -12.08 46.71
CA VAL B 187 8.14 -13.10 45.95
C VAL B 187 9.05 -13.85 46.93
N ILE B 188 8.97 -15.18 46.92
CA ILE B 188 9.83 -16.03 47.72
C ILE B 188 11.09 -16.42 46.99
N LYS B 189 12.21 -15.76 47.27
CA LYS B 189 13.44 -16.00 46.50
C LYS B 189 14.11 -17.32 46.85
N HIS B 190 15.01 -17.79 45.98
CA HIS B 190 15.84 -18.94 46.30
C HIS B 190 17.23 -18.66 45.73
N THR B 191 18.12 -19.65 45.68
CA THR B 191 19.48 -19.37 45.21
C THR B 191 19.93 -20.23 44.05
N GLU B 192 19.09 -21.14 43.60
CA GLU B 192 19.38 -22.03 42.47
C GLU B 192 19.35 -21.34 41.11
N PRO B 193 20.13 -21.84 40.16
CA PRO B 193 20.16 -21.18 38.84
C PRO B 193 18.81 -21.20 38.16
N VAL B 194 18.56 -20.15 37.40
CA VAL B 194 17.44 -20.07 36.48
C VAL B 194 18.00 -20.06 35.06
N PRO B 195 18.06 -21.25 34.42
CA PRO B 195 18.82 -21.45 33.18
C PRO B 195 18.38 -20.61 32.00
N ASP B 196 17.08 -20.33 31.87
CA ASP B 196 16.63 -19.64 30.68
C ASP B 196 17.31 -18.29 30.60
N PRO B 197 18.12 -18.08 29.56
CA PRO B 197 18.84 -16.83 29.30
C PRO B 197 17.87 -15.67 29.13
N ARG B 198 16.68 -15.95 28.60
CA ARG B 198 15.71 -14.87 28.37
C ARG B 198 14.68 -14.68 29.52
N ALA B 199 14.92 -15.37 30.63
CA ALA B 199 14.06 -15.21 31.79
C ALA B 199 13.68 -13.76 32.06
N VAL B 200 12.42 -13.60 32.40
CA VAL B 200 11.90 -12.28 32.70
C VAL B 200 12.12 -12.06 34.24
N ASN B 201 12.00 -10.84 34.73
CA ASN B 201 12.21 -10.57 36.16
C ASN B 201 11.43 -11.50 37.06
N GLN B 202 10.12 -11.68 36.75
CA GLN B 202 9.26 -12.55 37.54
C GLN B 202 9.84 -13.98 37.63
N ASP B 203 10.62 -14.39 36.63
CA ASP B 203 11.23 -15.73 36.68
C ASP B 203 12.52 -15.74 37.45
N LYS B 204 13.15 -14.57 37.63
CA LYS B 204 14.52 -14.53 38.14
C LYS B 204 14.50 -14.55 39.66
N LYS B 205 14.15 -15.73 40.18
CA LYS B 205 13.80 -15.88 41.58
C LYS B 205 15.02 -16.00 42.51
N ASN B 206 16.20 -15.93 41.91
CA ASN B 206 17.47 -15.96 42.63
C ASN B 206 18.18 -14.62 42.48
N MET B 207 17.44 -13.58 42.09
CA MET B 207 18.01 -12.27 41.92
C MET B 207 17.30 -11.28 42.84
N LEU B 208 18.02 -10.26 43.30
CA LEU B 208 17.40 -9.14 43.98
C LEU B 208 17.64 -7.96 43.09
N PHE B 209 16.59 -7.18 42.88
CA PHE B 209 16.68 -6.08 41.97
C PHE B 209 16.69 -4.76 42.68
N SER B 210 17.58 -3.90 42.21
CA SER B 210 17.76 -2.60 42.82
C SER B 210 16.45 -1.84 42.82
N GLY B 211 16.11 -1.29 43.99
CA GLY B 211 14.96 -0.43 44.07
C GLY B 211 13.78 -1.18 44.64
N THR B 212 13.81 -2.52 44.60
CA THR B 212 12.74 -3.27 45.24
C THR B 212 13.02 -3.28 46.72
N ASN B 213 12.20 -3.94 47.48
CA ASN B 213 12.51 -3.94 48.89
C ASN B 213 12.17 -5.23 49.61
N ILE B 214 12.84 -5.47 50.73
CA ILE B 214 12.79 -6.76 51.41
C ILE B 214 11.65 -6.79 52.43
N ALA B 215 10.67 -7.65 52.19
CA ALA B 215 9.51 -7.65 53.04
C ALA B 215 9.76 -8.54 54.25
N ALA B 216 10.65 -9.51 54.12
CA ALA B 216 11.00 -10.33 55.27
C ALA B 216 12.26 -11.13 54.99
N GLY B 217 13.01 -11.41 56.05
CA GLY B 217 14.17 -12.26 55.93
C GLY B 217 15.50 -11.55 55.81
N LYS B 218 16.53 -12.33 55.53
CA LYS B 218 17.86 -11.80 55.47
C LYS B 218 18.65 -12.66 54.50
N ALA B 219 19.51 -12.03 53.72
CA ALA B 219 20.31 -12.78 52.75
C ALA B 219 21.59 -12.08 52.41
N LEU B 220 22.46 -12.85 51.77
CA LEU B 220 23.72 -12.36 51.27
C LEU B 220 23.73 -12.62 49.78
N GLY B 221 24.32 -11.71 49.03
CA GLY B 221 24.45 -11.94 47.62
C GLY B 221 25.64 -11.21 47.04
N ILE B 222 25.87 -11.41 45.75
CA ILE B 222 26.95 -10.76 45.06
C ILE B 222 26.35 -9.83 44.06
N VAL B 223 26.87 -8.61 44.02
CA VAL B 223 26.33 -7.62 43.10
C VAL B 223 26.66 -8.05 41.68
N ALA B 224 25.66 -8.08 40.83
CA ALA B 224 25.87 -8.46 39.45
C ALA B 224 26.00 -7.24 38.52
N THR B 225 25.13 -6.26 38.68
CA THR B 225 25.24 -5.04 37.91
C THR B 225 24.83 -3.82 38.78
N THR B 226 25.25 -2.63 38.36
CA THR B 226 24.97 -1.40 39.08
C THR B 226 24.64 -0.31 38.06
N GLY B 227 24.31 0.86 38.57
CA GLY B 227 23.95 1.98 37.70
C GLY B 227 22.86 1.66 36.69
N VAL B 228 23.01 2.23 35.50
CA VAL B 228 22.01 2.12 34.45
C VAL B 228 21.86 0.69 33.92
N SER B 229 22.80 -0.18 34.27
CA SER B 229 22.72 -1.55 33.78
C SER B 229 21.83 -2.42 34.65
N THR B 230 21.00 -1.80 35.47
CA THR B 230 20.09 -2.58 36.29
C THR B 230 18.68 -2.46 35.74
N GLU B 231 17.78 -3.24 36.31
CA GLU B 231 16.38 -3.21 35.90
C GLU B 231 15.80 -1.83 36.14
N ILE B 232 16.08 -1.24 37.30
CA ILE B 232 15.58 0.13 37.54
C ILE B 232 16.29 1.15 36.65
N GLY B 233 17.52 0.88 36.26
CA GLY B 233 18.22 1.72 35.30
C GLY B 233 17.60 1.66 33.89
N LYS B 234 17.11 0.48 33.49
CA LYS B 234 16.40 0.37 32.22
C LYS B 234 15.17 1.27 32.25
N ILE B 235 14.49 1.34 33.39
CA ILE B 235 13.34 2.21 33.50
C ILE B 235 13.78 3.67 33.36
N ARG B 236 14.81 4.05 34.12
CA ARG B 236 15.27 5.42 34.05
C ARG B 236 15.65 5.75 32.62
N ASP B 237 16.31 4.82 31.95
CA ASP B 237 16.78 5.09 30.60
C ASP B 237 15.62 5.39 29.65
N GLN B 238 14.52 4.67 29.79
CA GLN B 238 13.42 4.88 28.88
C GLN B 238 12.67 6.17 29.16
N MET B 239 12.62 6.58 30.42
CA MET B 239 11.97 7.82 30.74
C MET B 239 12.83 9.01 30.33
N ALA B 240 14.11 8.75 30.09
CA ALA B 240 15.01 9.81 29.68
C ALA B 240 14.93 10.06 28.19
N ALA B 241 14.44 9.07 27.44
CA ALA B 241 14.25 9.22 26.01
C ALA B 241 13.13 10.23 25.75
N THR B 242 13.47 11.51 25.92
CA THR B 242 12.52 12.61 25.77
C THR B 242 12.48 13.10 24.33
N GLU B 243 12.89 12.22 23.42
CA GLU B 243 12.96 12.50 21.99
C GLU B 243 11.71 13.19 21.45
N GLN B 244 11.66 14.51 21.60
CA GLN B 244 10.53 15.31 21.11
C GLN B 244 9.20 14.67 21.48
N ASP B 245 8.61 13.94 20.52
CA ASP B 245 7.34 13.25 20.72
C ASP B 245 6.39 14.06 21.59
N LYS B 246 5.87 15.16 21.04
CA LYS B 246 4.90 15.99 21.76
C LYS B 246 3.50 15.82 21.17
N THR B 247 2.49 16.11 21.99
CA THR B 247 1.10 15.82 21.67
C THR B 247 0.77 15.92 20.18
N PRO B 248 -0.25 15.16 19.73
CA PRO B 248 -0.72 15.25 18.34
C PRO B 248 -1.29 16.65 18.06
N LEU B 249 -1.46 17.45 19.11
CA LEU B 249 -1.86 18.85 18.95
C LEU B 249 -0.68 19.66 18.44
N GLN B 250 0.28 19.92 19.32
CA GLN B 250 1.49 20.64 18.95
C GLN B 250 2.09 20.09 17.66
N GLN B 251 1.65 18.90 17.27
CA GLN B 251 2.12 18.27 16.03
C GLN B 251 1.32 18.79 14.84
N LYS B 252 0.00 18.75 14.95
CA LYS B 252 -0.84 19.28 13.88
C LYS B 252 -0.68 20.80 13.72
N LEU B 253 -0.23 21.48 14.78
CA LEU B 253 0.08 22.90 14.72
C LEU B 253 1.33 23.11 13.89
N ASP B 254 2.46 22.67 14.42
CA ASP B 254 3.73 22.74 13.70
C ASP B 254 3.63 22.24 12.26
N GLU B 255 2.71 21.32 12.01
CA GLU B 255 2.46 20.88 10.64
C GLU B 255 2.03 22.07 9.80
N PHE B 256 1.11 22.84 10.35
CA PHE B 256 0.63 24.06 9.70
C PHE B 256 1.64 25.20 9.84
N GLY B 257 2.26 25.30 11.01
CA GLY B 257 3.29 26.28 11.27
C GLY B 257 4.47 26.23 10.31
N GLU B 258 4.47 25.23 9.43
CA GLU B 258 5.47 25.12 8.38
C GLU B 258 4.80 25.31 7.04
N GLN B 259 3.64 24.69 6.87
CA GLN B 259 2.83 24.87 5.67
C GLN B 259 2.73 26.35 5.37
N LEU B 260 2.06 27.06 6.26
CA LEU B 260 1.81 28.48 6.10
C LEU B 260 3.10 29.23 5.79
N SER B 261 4.10 29.07 6.66
CA SER B 261 5.33 29.83 6.55
C SER B 261 6.02 29.69 5.19
N LYS B 262 5.63 28.67 4.43
CA LYS B 262 6.15 28.51 3.08
C LYS B 262 5.10 28.88 2.02
N VAL B 263 3.86 29.09 2.45
CA VAL B 263 2.85 29.63 1.57
C VAL B 263 3.00 31.16 1.52
N ILE B 264 3.35 31.74 2.66
CA ILE B 264 3.61 33.16 2.75
C ILE B 264 4.69 33.52 1.76
N SER B 265 5.85 32.91 1.93
CA SER B 265 6.99 33.19 1.07
C SER B 265 6.63 33.07 -0.41
N LEU B 266 5.89 32.02 -0.77
CA LEU B 266 5.51 31.79 -2.16
C LEU B 266 4.41 32.76 -2.61
N ILE B 267 3.94 33.59 -1.71
CA ILE B 267 3.09 34.72 -2.06
C ILE B 267 3.94 35.97 -2.16
N CYS B 268 4.92 36.07 -1.26
CA CYS B 268 5.87 37.17 -1.30
C CYS B 268 6.67 37.11 -2.59
N VAL B 269 6.72 35.93 -3.20
CA VAL B 269 7.44 35.78 -4.46
C VAL B 269 6.54 36.11 -5.65
N ALA B 270 5.25 35.80 -5.53
CA ALA B 270 4.28 36.12 -6.57
C ALA B 270 3.88 37.58 -6.50
N VAL B 271 4.16 38.21 -5.36
CA VAL B 271 3.99 39.65 -5.21
C VAL B 271 5.16 40.37 -5.85
N TRP B 272 6.34 39.76 -5.75
CA TRP B 272 7.53 40.35 -6.33
C TRP B 272 7.54 40.24 -7.86
N LEU B 273 6.73 39.33 -8.39
CA LEU B 273 6.63 39.16 -9.83
C LEU B 273 5.86 40.30 -10.50
N ILE B 274 4.73 40.67 -9.91
CA ILE B 274 3.94 41.79 -10.41
C ILE B 274 4.51 43.12 -9.93
N ASN B 275 5.32 43.06 -8.87
CA ASN B 275 6.01 44.24 -8.34
C ASN B 275 7.15 44.65 -9.25
N ILE B 276 7.65 43.69 -10.03
CA ILE B 276 8.69 43.96 -11.01
C ILE B 276 8.06 44.15 -12.39
N GLY B 277 6.75 43.92 -12.46
CA GLY B 277 6.00 44.13 -13.69
C GLY B 277 6.03 45.58 -14.12
N HIS B 278 5.89 46.48 -13.15
CA HIS B 278 6.03 47.91 -13.42
C HIS B 278 7.28 48.53 -12.77
N PHE B 279 8.42 47.89 -12.99
CA PHE B 279 9.72 48.50 -12.71
C PHE B 279 10.28 49.03 -14.01
N ASN B 280 9.59 48.71 -15.11
CA ASN B 280 9.95 49.20 -16.44
C ASN B 280 9.43 50.62 -16.70
N ASP B 281 8.75 51.18 -15.70
CA ASP B 281 8.22 52.53 -15.81
C ASP B 281 8.13 53.25 -14.46
N PRO B 282 9.27 53.36 -13.74
CA PRO B 282 9.27 54.05 -12.45
C PRO B 282 9.26 55.57 -12.64
N VAL B 283 9.40 56.02 -13.89
CA VAL B 283 9.55 57.44 -14.20
C VAL B 283 10.90 57.94 -13.71
N HIS B 284 11.63 57.06 -13.04
CA HIS B 284 12.94 57.38 -12.45
C HIS B 284 13.02 58.82 -11.95
N GLY B 285 11.92 59.29 -11.36
CA GLY B 285 11.88 60.58 -10.71
C GLY B 285 11.38 60.39 -9.29
N GLY B 286 11.33 59.12 -8.86
CA GLY B 286 10.90 58.78 -7.52
C GLY B 286 11.99 58.06 -6.74
N SER B 287 13.22 58.11 -7.25
CA SER B 287 14.37 57.49 -6.60
C SER B 287 14.21 56.00 -6.30
N TRP B 288 15.29 55.36 -5.88
CA TRP B 288 15.29 53.93 -5.58
C TRP B 288 14.84 53.66 -4.14
N ILE B 289 13.95 54.50 -3.64
CA ILE B 289 13.44 54.37 -2.28
C ILE B 289 11.90 54.44 -2.24
N ARG B 290 11.32 55.25 -3.12
CA ARG B 290 9.86 55.40 -3.19
C ARG B 290 9.14 54.10 -3.53
N GLY B 291 9.92 53.08 -3.89
CA GLY B 291 9.35 51.81 -4.29
C GLY B 291 9.70 50.68 -3.33
N ALA B 292 10.99 50.53 -3.05
CA ALA B 292 11.46 49.44 -2.19
C ALA B 292 10.84 49.52 -0.78
N ILE B 293 10.33 50.69 -0.42
CA ILE B 293 9.68 50.90 0.87
C ILE B 293 8.16 50.80 0.74
N TYR B 294 7.69 50.72 -0.51
CA TYR B 294 6.30 50.34 -0.76
C TYR B 294 6.25 48.83 -0.76
N TYR B 295 7.41 48.21 -1.00
CA TYR B 295 7.51 46.77 -1.03
C TYR B 295 7.34 46.17 0.37
N PHE B 296 8.19 46.59 1.30
CA PHE B 296 8.16 46.06 2.65
C PHE B 296 6.89 46.44 3.39
N LYS B 297 6.46 47.68 3.21
CA LYS B 297 5.14 48.11 3.68
C LYS B 297 4.09 47.06 3.32
N ILE B 298 4.34 46.32 2.25
CA ILE B 298 3.44 45.26 1.78
C ILE B 298 3.84 43.90 2.36
N ALA B 299 5.14 43.63 2.42
CA ALA B 299 5.64 42.35 2.93
C ALA B 299 5.28 42.11 4.40
N VAL B 300 5.21 43.19 5.16
CA VAL B 300 4.82 43.15 6.57
C VAL B 300 3.31 42.93 6.70
N ALA B 301 2.53 43.61 5.87
CA ALA B 301 1.08 43.44 5.86
C ALA B 301 0.73 42.03 5.42
N LEU B 302 1.58 41.46 4.57
CA LEU B 302 1.36 40.13 4.06
C LEU B 302 1.54 39.11 5.17
N ALA B 303 2.69 39.18 5.84
CA ALA B 303 2.97 38.33 6.98
C ALA B 303 1.83 38.43 7.97
N VAL B 304 1.54 39.65 8.40
CA VAL B 304 0.51 39.91 9.38
C VAL B 304 -0.88 39.40 8.95
N ALA B 305 -1.22 39.54 7.68
CA ALA B 305 -2.52 39.07 7.19
C ALA B 305 -2.59 37.53 7.08
N ALA B 306 -1.45 36.90 6.79
CA ALA B 306 -1.40 35.46 6.56
C ALA B 306 -1.46 34.69 7.88
N ILE B 307 -0.69 35.16 8.85
CA ILE B 307 -0.55 34.47 10.13
C ILE B 307 -1.72 34.78 11.06
N PRO B 308 -2.41 33.74 11.52
CA PRO B 308 -3.52 33.92 12.46
C PRO B 308 -2.94 34.19 13.84
N GLU B 309 -2.35 35.36 14.04
CA GLU B 309 -1.86 35.69 15.35
C GLU B 309 -3.03 35.54 16.33
N GLY B 310 -2.74 35.34 17.61
CA GLY B 310 -3.82 35.12 18.55
C GLY B 310 -4.56 33.79 18.39
N LEU B 311 -4.17 32.99 17.39
CA LEU B 311 -4.64 31.62 17.33
C LEU B 311 -4.24 30.90 18.61
N PRO B 312 -2.98 31.03 19.04
CA PRO B 312 -2.54 30.44 20.30
C PRO B 312 -3.44 30.86 21.44
N ALA B 313 -3.76 32.14 21.52
CA ALA B 313 -4.62 32.62 22.59
C ALA B 313 -5.93 31.83 22.64
N VAL B 314 -6.58 31.68 21.49
CA VAL B 314 -7.89 31.01 21.47
C VAL B 314 -7.78 29.49 21.70
N ILE B 315 -6.67 28.90 21.29
CA ILE B 315 -6.43 27.47 21.50
C ILE B 315 -6.12 27.15 22.97
N THR B 316 -5.31 27.99 23.60
CA THR B 316 -5.00 27.84 24.99
C THR B 316 -6.29 27.98 25.76
N THR B 317 -7.00 29.06 25.48
CA THR B 317 -8.24 29.32 26.17
C THR B 317 -9.15 28.10 26.08
N CYS B 318 -9.27 27.54 24.89
CA CYS B 318 -10.08 26.34 24.69
C CYS B 318 -9.63 25.17 25.58
N LEU B 319 -8.34 24.88 25.56
CA LEU B 319 -7.77 23.81 26.36
C LEU B 319 -8.04 24.08 27.81
N ALA B 320 -7.62 25.26 28.28
CA ALA B 320 -7.80 25.64 29.67
C ALA B 320 -9.23 25.41 30.16
N LEU B 321 -10.22 25.65 29.32
CA LEU B 321 -11.58 25.38 29.73
C LEU B 321 -11.78 23.89 29.89
N GLY B 322 -11.41 23.12 28.87
CA GLY B 322 -11.48 21.66 28.94
C GLY B 322 -10.86 21.13 30.23
N THR B 323 -9.68 21.64 30.55
CA THR B 323 -8.95 21.28 31.75
C THR B 323 -9.76 21.55 33.03
N ARG B 324 -10.36 22.73 33.10
CA ARG B 324 -11.13 23.15 34.27
C ARG B 324 -12.34 22.23 34.35
N ARG B 325 -12.89 21.93 33.18
CA ARG B 325 -14.01 21.01 33.07
C ARG B 325 -13.66 19.59 33.58
N MET B 326 -12.47 19.09 33.24
CA MET B 326 -12.04 17.76 33.70
C MET B 326 -11.75 17.76 35.20
N ALA B 327 -11.26 18.89 35.71
CA ALA B 327 -10.99 18.99 37.14
C ALA B 327 -12.27 18.77 37.95
N LYS B 328 -13.40 19.16 37.37
CA LYS B 328 -14.68 19.02 38.04
C LYS B 328 -15.01 17.54 38.20
N LYS B 329 -14.50 16.74 37.27
CA LYS B 329 -14.60 15.29 37.34
C LYS B 329 -13.39 14.67 38.01
N ASN B 330 -12.62 15.48 38.73
CA ASN B 330 -11.46 14.98 39.47
C ASN B 330 -10.31 14.45 38.62
N ALA B 331 -10.30 14.80 37.34
CA ALA B 331 -9.15 14.51 36.52
C ALA B 331 -8.25 15.73 36.49
N ILE B 332 -7.02 15.58 36.96
CA ILE B 332 -6.08 16.70 36.97
C ILE B 332 -5.21 16.63 35.71
N VAL B 333 -5.39 17.57 34.80
CA VAL B 333 -4.59 17.55 33.58
C VAL B 333 -3.34 18.40 33.72
N ARG B 334 -2.18 17.79 33.52
CA ARG B 334 -0.90 18.43 33.78
C ARG B 334 -0.36 19.10 32.52
N SER B 335 -0.74 18.60 31.34
CA SER B 335 -0.42 19.27 30.09
C SER B 335 -1.69 19.69 29.34
N LEU B 336 -1.90 21.00 29.14
CA LEU B 336 -3.11 21.48 28.45
C LEU B 336 -3.50 20.74 27.14
N PRO B 337 -2.55 20.60 26.21
CA PRO B 337 -2.88 19.92 24.95
C PRO B 337 -3.49 18.53 25.18
N SER B 338 -3.11 17.91 26.28
CA SER B 338 -3.46 16.52 26.50
C SER B 338 -4.94 16.34 26.76
N VAL B 339 -5.61 17.41 27.14
CA VAL B 339 -7.02 17.31 27.51
C VAL B 339 -7.81 16.90 26.30
N GLU B 340 -7.20 17.14 25.12
CA GLU B 340 -7.78 16.81 23.84
C GLU B 340 -7.26 15.53 23.20
N THR B 341 -6.02 15.13 23.53
CA THR B 341 -5.43 14.02 22.78
C THR B 341 -6.20 12.73 23.00
N LEU B 342 -6.79 12.56 24.18
CA LEU B 342 -7.67 11.41 24.39
C LEU B 342 -8.81 11.40 23.37
N GLY B 343 -9.22 12.59 22.94
CA GLY B 343 -10.24 12.75 21.92
C GLY B 343 -10.03 11.80 20.75
N CYS B 344 -8.79 11.70 20.27
CA CYS B 344 -8.50 10.91 19.09
C CYS B 344 -7.71 9.67 19.41
N THR B 345 -7.81 9.19 20.63
CA THR B 345 -7.15 7.94 20.97
C THR B 345 -7.93 6.78 20.37
N SER B 346 -7.22 5.76 19.89
CA SER B 346 -7.91 4.62 19.35
C SER B 346 -7.55 3.36 20.11
N VAL B 347 -6.49 3.45 20.93
CA VAL B 347 -6.08 2.33 21.78
C VAL B 347 -5.73 2.83 23.16
N ILE B 348 -6.41 2.27 24.15
CA ILE B 348 -6.08 2.50 25.55
C ILE B 348 -5.38 1.26 26.10
N CYS B 349 -4.06 1.36 26.27
CA CYS B 349 -3.34 0.34 27.01
C CYS B 349 -3.59 0.52 28.49
N SER B 350 -3.69 -0.57 29.23
CA SER B 350 -3.91 -0.38 30.66
C SER B 350 -3.26 -1.42 31.55
N ASP B 351 -2.64 -0.93 32.60
CA ASP B 351 -2.13 -1.78 33.66
C ASP B 351 -3.36 -2.44 34.29
N LYS B 352 -3.20 -3.62 34.83
CA LYS B 352 -4.26 -4.22 35.62
C LYS B 352 -4.21 -3.74 37.07
N THR B 353 -3.30 -4.31 37.84
CA THR B 353 -3.27 -4.14 39.32
C THR B 353 -3.14 -2.72 39.84
N GLY B 354 -4.15 -2.28 40.57
CA GLY B 354 -4.18 -0.89 41.04
C GLY B 354 -4.84 0.05 40.06
N THR B 355 -4.88 -0.35 38.79
CA THR B 355 -5.47 0.52 37.76
C THR B 355 -6.86 0.01 37.36
N LEU B 356 -6.92 -1.11 36.66
CA LEU B 356 -8.17 -1.80 36.40
C LEU B 356 -8.74 -2.45 37.68
N THR B 357 -7.85 -2.91 38.58
CA THR B 357 -8.27 -3.45 39.88
C THR B 357 -7.98 -2.50 41.07
N THR B 358 -8.43 -2.87 42.26
CA THR B 358 -8.29 -2.05 43.47
C THR B 358 -6.96 -2.32 44.16
N ASN B 359 -6.35 -3.45 43.83
CA ASN B 359 -5.08 -3.78 44.43
C ASN B 359 -5.26 -3.98 45.92
N GLN B 360 -6.41 -4.52 46.29
CA GLN B 360 -6.65 -4.89 47.66
C GLN B 360 -7.17 -6.29 47.62
N MET B 361 -6.34 -7.22 48.06
CA MET B 361 -6.67 -8.63 47.93
C MET B 361 -7.91 -8.87 48.76
N SER B 362 -8.91 -9.52 48.18
CA SER B 362 -10.19 -9.82 48.87
C SER B 362 -10.58 -11.29 48.83
N VAL B 363 -10.96 -11.84 49.98
CA VAL B 363 -11.57 -13.14 50.01
C VAL B 363 -13.00 -12.99 49.53
N CYS B 364 -13.32 -13.62 48.41
CA CYS B 364 -14.66 -13.50 47.86
C CYS B 364 -15.44 -14.81 47.88
N LYS B 365 -14.77 -15.94 48.10
CA LYS B 365 -15.47 -17.21 48.29
C LYS B 365 -14.78 -18.02 49.35
N MET B 366 -15.54 -18.84 50.07
CA MET B 366 -14.94 -19.73 51.04
C MET B 366 -15.86 -20.94 51.20
N PHE B 367 -15.35 -22.02 51.77
CA PHE B 367 -16.21 -23.18 52.04
C PHE B 367 -15.75 -24.10 53.18
N ILE B 368 -16.67 -24.94 53.63
CA ILE B 368 -16.44 -25.86 54.74
C ILE B 368 -17.29 -27.09 54.46
N ILE B 369 -16.99 -28.22 55.08
CA ILE B 369 -17.78 -29.42 54.87
C ILE B 369 -19.18 -29.28 55.47
N ASP B 370 -20.20 -29.71 54.73
CA ASP B 370 -21.57 -29.70 55.20
C ASP B 370 -21.92 -31.07 55.76
N LYS B 371 -21.97 -32.08 54.88
CA LYS B 371 -22.22 -33.46 55.29
C LYS B 371 -21.24 -34.42 54.66
N VAL B 372 -20.94 -35.50 55.39
CA VAL B 372 -20.19 -36.63 54.87
C VAL B 372 -21.01 -37.88 55.17
N ASP B 373 -21.21 -38.72 54.17
CA ASP B 373 -21.88 -40.01 54.34
C ASP B 373 -21.36 -40.99 53.29
N GLY B 374 -20.32 -41.74 53.62
CA GLY B 374 -19.71 -42.65 52.68
C GLY B 374 -19.23 -41.94 51.44
N ASP B 375 -19.74 -42.32 50.27
CA ASP B 375 -19.34 -41.65 49.05
C ASP B 375 -19.79 -40.19 48.98
N PHE B 376 -20.83 -39.85 49.71
CA PHE B 376 -21.42 -38.52 49.59
C PHE B 376 -20.68 -37.53 50.50
N CYS B 377 -20.14 -36.47 49.87
CA CYS B 377 -19.56 -35.35 50.60
C CYS B 377 -20.11 -34.06 50.03
N SER B 378 -20.73 -33.24 50.88
CA SER B 378 -21.22 -31.96 50.39
C SER B 378 -20.60 -30.80 51.15
N LEU B 379 -20.55 -29.65 50.49
CA LEU B 379 -19.91 -28.49 51.07
C LEU B 379 -20.98 -27.44 51.42
N ASN B 380 -20.67 -26.54 52.33
CA ASN B 380 -21.42 -25.31 52.54
C ASN B 380 -20.54 -24.22 51.92
N GLU B 381 -20.91 -23.72 50.75
CA GLU B 381 -20.14 -22.65 50.11
C GLU B 381 -20.72 -21.30 50.42
N PHE B 382 -19.88 -20.30 50.50
CA PHE B 382 -20.35 -18.94 50.80
C PHE B 382 -19.70 -17.95 49.85
N SER B 383 -20.32 -16.81 49.66
CA SER B 383 -19.59 -15.74 48.99
C SER B 383 -19.50 -14.59 49.95
N ILE B 384 -18.58 -13.70 49.68
CA ILE B 384 -18.34 -12.56 50.55
C ILE B 384 -18.20 -11.35 49.62
N THR B 385 -18.91 -10.27 49.90
CA THR B 385 -18.79 -9.11 49.05
C THR B 385 -17.81 -8.16 49.67
N GLY B 386 -17.37 -7.20 48.85
CA GLY B 386 -16.37 -6.23 49.26
C GLY B 386 -15.14 -6.38 48.38
N SER B 387 -14.68 -5.26 47.84
CA SER B 387 -13.52 -5.22 46.99
C SER B 387 -12.37 -4.51 47.70
N THR B 388 -12.56 -4.17 48.97
CA THR B 388 -11.46 -3.47 49.67
C THR B 388 -11.03 -4.15 50.97
N TYR B 389 -10.00 -3.58 51.58
CA TYR B 389 -9.54 -4.04 52.88
C TYR B 389 -10.47 -3.59 53.99
N ALA B 390 -11.43 -2.71 53.68
CA ALA B 390 -12.36 -2.25 54.72
C ALA B 390 -13.22 -3.41 55.19
N PRO B 391 -13.48 -3.49 56.50
CA PRO B 391 -14.38 -4.55 56.96
C PRO B 391 -15.80 -4.20 56.57
N GLU B 392 -16.02 -3.90 55.30
CA GLU B 392 -17.36 -3.67 54.79
C GLU B 392 -17.68 -4.76 53.79
N GLY B 393 -18.86 -5.35 53.90
CA GLY B 393 -19.24 -6.44 53.04
C GLY B 393 -19.95 -7.46 53.90
N GLU B 394 -20.59 -8.43 53.26
CA GLU B 394 -21.33 -9.44 54.01
C GLU B 394 -21.06 -10.85 53.47
N VAL B 395 -21.38 -11.85 54.28
CA VAL B 395 -21.26 -13.24 53.87
C VAL B 395 -22.59 -13.72 53.30
N LEU B 396 -22.55 -14.22 52.06
CA LEU B 396 -23.78 -14.69 51.41
C LEU B 396 -23.83 -16.21 51.26
N LYS B 397 -24.99 -16.78 51.55
CA LYS B 397 -25.31 -18.18 51.21
C LYS B 397 -26.46 -18.06 50.20
N ASN B 398 -26.21 -18.43 48.94
CA ASN B 398 -27.23 -18.28 47.90
C ASN B 398 -27.62 -16.83 47.70
N ASP B 399 -26.63 -15.98 47.50
CA ASP B 399 -26.85 -14.55 47.29
C ASP B 399 -27.71 -13.93 48.39
N LYS B 400 -27.80 -14.60 49.54
CA LYS B 400 -28.50 -14.02 50.66
C LYS B 400 -27.67 -14.02 51.95
N PRO B 401 -27.68 -12.90 52.66
CA PRO B 401 -26.83 -12.70 53.84
C PRO B 401 -27.14 -13.74 54.91
N ILE B 402 -26.08 -14.33 55.48
CA ILE B 402 -26.21 -15.21 56.62
C ILE B 402 -25.36 -14.67 57.77
N ARG B 403 -25.52 -15.29 58.93
CA ARG B 403 -24.68 -14.98 60.07
C ARG B 403 -23.63 -16.08 60.23
N SER B 404 -22.39 -15.77 59.92
CA SER B 404 -21.33 -16.78 59.97
C SER B 404 -21.37 -17.59 61.26
N GLY B 405 -21.59 -16.91 62.39
CA GLY B 405 -21.57 -17.55 63.70
C GLY B 405 -22.50 -18.74 63.82
N GLN B 406 -23.39 -18.88 62.85
CA GLN B 406 -24.42 -19.92 62.87
C GLN B 406 -23.82 -21.26 62.45
N PHE B 407 -22.68 -21.20 61.77
CA PHE B 407 -22.00 -22.41 61.28
C PHE B 407 -20.71 -22.63 62.06
N ASP B 408 -20.70 -23.67 62.89
CA ASP B 408 -19.54 -24.01 63.68
C ASP B 408 -18.23 -24.03 62.87
N GLY B 409 -18.26 -24.60 61.67
CA GLY B 409 -17.12 -24.61 60.77
C GLY B 409 -16.58 -23.25 60.36
N LEU B 410 -17.47 -22.30 60.12
CA LEU B 410 -17.05 -20.93 59.86
C LEU B 410 -16.39 -20.34 61.08
N VAL B 411 -16.89 -20.71 62.27
CA VAL B 411 -16.27 -20.26 63.49
C VAL B 411 -14.79 -20.70 63.49
N GLU B 412 -14.54 -21.98 63.19
CA GLU B 412 -13.17 -22.44 63.19
C GLU B 412 -12.38 -21.78 62.06
N LEU B 413 -13.01 -21.67 60.90
CA LEU B 413 -12.35 -21.09 59.74
C LEU B 413 -11.92 -19.65 60.04
N ALA B 414 -12.80 -18.88 60.66
CA ALA B 414 -12.49 -17.52 61.03
C ALA B 414 -11.35 -17.54 62.02
N THR B 415 -11.36 -18.55 62.89
CA THR B 415 -10.35 -18.68 63.93
C THR B 415 -8.99 -18.96 63.32
N ILE B 416 -8.92 -19.86 62.35
CA ILE B 416 -7.65 -20.10 61.69
C ILE B 416 -7.15 -18.83 60.99
N CYS B 417 -8.08 -18.13 60.33
CA CYS B 417 -7.75 -16.90 59.61
C CYS B 417 -7.25 -15.78 60.51
N ALA B 418 -7.79 -15.71 61.71
CA ALA B 418 -7.45 -14.62 62.59
C ALA B 418 -6.07 -14.83 63.15
N LEU B 419 -5.76 -16.08 63.50
CA LEU B 419 -4.57 -16.47 64.27
C LEU B 419 -3.38 -16.90 63.43
N CYS B 420 -3.63 -17.64 62.34
CA CYS B 420 -2.55 -18.04 61.47
C CYS B 420 -2.36 -16.91 60.48
N ASN B 421 -1.66 -15.87 60.92
CA ASN B 421 -1.71 -14.59 60.24
C ASN B 421 -0.68 -13.65 60.89
N ASP B 422 0.08 -12.91 60.11
CA ASP B 422 1.08 -12.00 60.71
C ASP B 422 0.75 -10.57 60.38
N SER B 423 -0.44 -10.34 59.86
CA SER B 423 -0.77 -9.02 59.40
C SER B 423 -1.94 -8.50 60.17
N SER B 424 -2.33 -7.27 59.89
CA SER B 424 -3.58 -6.80 60.44
C SER B 424 -4.07 -5.68 59.57
N LEU B 425 -5.05 -4.97 60.11
CA LEU B 425 -5.69 -3.89 59.42
C LEU B 425 -5.45 -2.65 60.26
N ASP B 426 -5.47 -1.49 59.62
CA ASP B 426 -5.30 -0.25 60.34
C ASP B 426 -6.10 0.82 59.62
N PHE B 427 -6.86 1.62 60.36
CA PHE B 427 -7.55 2.73 59.73
C PHE B 427 -6.64 3.93 59.68
N ASN B 428 -6.58 4.57 58.52
CA ASN B 428 -5.68 5.70 58.30
C ASN B 428 -6.48 6.99 58.35
N GLU B 429 -6.50 7.64 59.52
CA GLU B 429 -7.42 8.77 59.74
C GLU B 429 -7.20 9.92 58.75
N THR B 430 -5.94 10.16 58.39
CA THR B 430 -5.60 11.15 57.37
C THR B 430 -6.34 10.94 56.06
N LYS B 431 -6.22 9.74 55.49
CA LYS B 431 -6.77 9.41 54.17
C LYS B 431 -8.24 8.98 54.23
N GLY B 432 -8.72 8.60 55.41
CA GLY B 432 -10.09 8.12 55.54
C GLY B 432 -10.36 6.76 54.92
N VAL B 433 -9.31 5.94 54.76
CA VAL B 433 -9.48 4.58 54.24
C VAL B 433 -8.79 3.56 55.11
N TYR B 434 -9.25 2.31 55.03
CA TYR B 434 -8.57 1.20 55.71
C TYR B 434 -7.35 0.75 54.93
N GLU B 435 -6.29 0.41 55.65
CA GLU B 435 -5.06 0.00 54.99
C GLU B 435 -4.56 -1.31 55.51
N LYS B 436 -3.82 -2.02 54.68
CA LYS B 436 -3.22 -3.27 55.09
C LYS B 436 -1.96 -2.98 55.91
N VAL B 437 -1.70 -3.84 56.90
CA VAL B 437 -0.43 -3.84 57.61
C VAL B 437 0.18 -5.23 57.45
N GLY B 438 1.19 -5.35 56.58
CA GLY B 438 1.77 -6.65 56.25
C GLY B 438 1.36 -7.14 54.86
N GLU B 439 1.30 -8.47 54.65
CA GLU B 439 1.01 -9.06 53.33
C GLU B 439 -0.44 -8.85 52.93
N ALA B 440 -0.62 -8.38 51.70
CA ALA B 440 -1.97 -8.33 51.12
C ALA B 440 -2.74 -9.64 51.27
N THR B 441 -2.13 -10.78 50.93
CA THR B 441 -2.88 -12.06 51.05
C THR B 441 -3.24 -12.39 52.48
N GLU B 442 -2.42 -11.98 53.45
CA GLU B 442 -2.83 -12.18 54.85
C GLU B 442 -3.86 -11.17 55.33
N THR B 443 -3.76 -9.94 54.87
CA THR B 443 -4.74 -8.97 55.33
C THR B 443 -6.14 -9.29 54.85
N ALA B 444 -6.26 -10.06 53.75
CA ALA B 444 -7.57 -10.43 53.21
C ALA B 444 -8.27 -11.33 54.20
N LEU B 445 -7.47 -12.21 54.81
CA LEU B 445 -7.97 -13.04 55.89
C LEU B 445 -8.39 -12.18 57.07
N THR B 446 -7.57 -11.20 57.44
CA THR B 446 -7.98 -10.30 58.52
C THR B 446 -9.29 -9.59 58.25
N THR B 447 -9.40 -9.02 57.06
CA THR B 447 -10.63 -8.35 56.63
C THR B 447 -11.80 -9.32 56.60
N LEU B 448 -11.56 -10.54 56.09
CA LEU B 448 -12.61 -11.57 56.09
C LEU B 448 -13.15 -11.81 57.51
N VAL B 449 -12.25 -12.00 58.47
CA VAL B 449 -12.68 -12.26 59.84
C VAL B 449 -13.56 -11.12 60.32
N GLU B 450 -13.23 -9.89 59.92
CA GLU B 450 -14.02 -8.72 60.33
C GLU B 450 -15.43 -8.73 59.72
N LYS B 451 -15.54 -9.11 58.44
CA LYS B 451 -16.86 -9.29 57.84
C LYS B 451 -17.61 -10.44 58.50
N MET B 452 -16.93 -11.55 58.74
CA MET B 452 -17.63 -12.73 59.24
C MET B 452 -18.19 -12.50 60.63
N ASN B 453 -17.39 -11.92 61.53
CA ASN B 453 -17.90 -11.56 62.86
C ASN B 453 -18.63 -12.73 63.50
N VAL B 454 -17.89 -13.82 63.74
CA VAL B 454 -18.46 -15.12 64.03
C VAL B 454 -19.03 -15.23 65.43
N PHE B 455 -18.63 -14.33 66.32
CA PHE B 455 -19.20 -14.30 67.67
C PHE B 455 -20.17 -13.14 67.88
N ASN B 456 -20.79 -12.67 66.79
CA ASN B 456 -21.74 -11.57 66.84
C ASN B 456 -21.29 -10.44 67.78
N THR B 457 -20.13 -9.86 67.51
CA THR B 457 -19.61 -8.79 68.35
C THR B 457 -20.24 -7.49 67.93
N GLU B 458 -20.54 -6.63 68.90
CA GLU B 458 -21.13 -5.34 68.58
C GLU B 458 -20.08 -4.41 68.00
N VAL B 459 -20.25 -4.02 66.75
CA VAL B 459 -19.28 -3.18 66.04
C VAL B 459 -19.90 -1.90 65.51
N ARG B 460 -21.22 -1.79 65.57
CA ARG B 460 -21.89 -0.59 65.08
C ARG B 460 -21.39 0.66 65.81
N ASN B 461 -21.18 0.52 67.11
CA ASN B 461 -20.72 1.64 67.96
C ASN B 461 -19.31 2.12 67.66
N LEU B 462 -18.44 1.18 67.32
CA LEU B 462 -17.00 1.39 67.26
C LEU B 462 -16.53 2.57 66.38
N SER B 463 -15.37 3.11 66.74
CA SER B 463 -14.71 4.09 65.90
C SER B 463 -14.10 3.29 64.78
N LYS B 464 -13.71 3.95 63.71
CA LYS B 464 -13.22 3.19 62.57
C LYS B 464 -11.85 2.59 62.84
N VAL B 465 -11.13 3.11 63.83
CA VAL B 465 -9.80 2.60 64.08
C VAL B 465 -9.93 1.40 64.99
N GLU B 466 -11.05 1.33 65.70
CA GLU B 466 -11.32 0.21 66.58
C GLU B 466 -12.03 -0.89 65.79
N ARG B 467 -12.78 -0.48 64.78
CA ARG B 467 -13.51 -1.40 63.92
C ARG B 467 -12.51 -2.25 63.14
N ALA B 468 -11.41 -1.63 62.74
CA ALA B 468 -10.35 -2.30 61.99
C ALA B 468 -10.06 -3.75 62.42
N ASN B 469 -9.93 -3.99 63.71
CA ASN B 469 -9.45 -5.29 64.19
C ASN B 469 -10.29 -5.84 65.33
N ALA B 470 -11.52 -5.36 65.38
CA ALA B 470 -12.42 -5.67 66.48
C ALA B 470 -12.64 -7.16 66.59
N CYS B 471 -13.02 -7.78 65.47
CA CYS B 471 -13.40 -9.19 65.47
C CYS B 471 -12.22 -10.14 65.56
N ASN B 472 -11.10 -9.79 64.94
CA ASN B 472 -9.88 -10.54 65.19
C ASN B 472 -9.51 -10.44 66.68
N SER B 473 -9.73 -9.29 67.30
CA SER B 473 -9.37 -9.17 68.71
C SER B 473 -10.22 -10.06 69.58
N VAL B 474 -11.46 -10.26 69.21
CA VAL B 474 -12.28 -11.16 70.00
C VAL B 474 -11.69 -12.57 70.06
N ILE B 475 -11.40 -13.12 68.90
CA ILE B 475 -10.77 -14.44 68.83
C ILE B 475 -9.45 -14.50 69.63
N ARG B 476 -8.62 -13.46 69.52
CA ARG B 476 -7.33 -13.48 70.25
C ARG B 476 -7.56 -13.50 71.73
N GLN B 477 -8.72 -13.04 72.16
CA GLN B 477 -9.05 -13.03 73.57
C GLN B 477 -9.49 -14.42 74.04
N LEU B 478 -9.94 -15.25 73.10
CA LEU B 478 -10.28 -16.64 73.35
C LEU B 478 -9.12 -17.62 73.23
N MET B 479 -8.18 -17.37 72.32
CA MET B 479 -7.07 -18.32 72.07
C MET B 479 -5.75 -17.58 71.93
N LYS B 480 -4.79 -17.90 72.79
CA LYS B 480 -3.49 -17.33 72.65
C LYS B 480 -2.65 -18.07 71.61
N LYS B 481 -2.10 -17.31 70.67
CA LYS B 481 -1.08 -17.82 69.78
C LYS B 481 0.25 -17.85 70.52
N GLU B 482 0.82 -19.04 70.69
CA GLU B 482 2.06 -19.09 71.48
C GLU B 482 3.29 -18.90 70.63
N PHE B 483 3.27 -19.44 69.41
CA PHE B 483 4.40 -19.27 68.50
C PHE B 483 4.01 -19.70 67.08
N THR B 484 4.83 -19.35 66.11
CA THR B 484 4.56 -19.66 64.73
C THR B 484 5.57 -20.62 64.13
N LEU B 485 5.10 -21.63 63.38
CA LEU B 485 5.96 -22.36 62.45
C LEU B 485 5.86 -21.61 61.09
N GLU B 486 6.79 -20.70 60.87
CA GLU B 486 6.75 -19.90 59.67
C GLU B 486 6.76 -20.73 58.40
N PHE B 487 6.29 -20.10 57.34
CA PHE B 487 6.25 -20.64 56.01
C PHE B 487 7.62 -21.07 55.53
N SER B 488 7.68 -22.26 54.93
CA SER B 488 8.86 -22.70 54.19
C SER B 488 8.51 -23.23 52.78
N ARG B 489 9.36 -22.92 51.83
CA ARG B 489 9.27 -23.47 50.48
C ARG B 489 8.92 -24.96 50.38
N ASP B 490 9.60 -25.80 51.13
CA ASP B 490 9.34 -27.24 51.03
C ASP B 490 7.88 -27.63 51.31
N ARG B 491 7.15 -26.86 52.10
CA ARG B 491 5.83 -27.35 52.47
C ARG B 491 4.71 -26.42 52.03
N LYS B 492 5.05 -25.19 51.73
CA LYS B 492 4.08 -24.24 51.22
C LYS B 492 2.91 -24.15 52.19
N SER B 493 3.24 -23.94 53.45
CA SER B 493 2.22 -23.73 54.47
C SER B 493 2.86 -23.18 55.73
N MET B 494 2.01 -22.65 56.60
CA MET B 494 2.45 -22.16 57.88
C MET B 494 1.44 -22.56 58.94
N SER B 495 1.83 -22.51 60.20
CA SER B 495 0.86 -22.81 61.24
C SER B 495 1.17 -22.05 62.48
N VAL B 496 0.24 -22.11 63.42
CA VAL B 496 0.45 -21.43 64.68
C VAL B 496 0.06 -22.36 65.81
N TYR B 497 0.86 -22.35 66.86
CA TYR B 497 0.54 -23.17 68.01
C TYR B 497 -0.26 -22.32 68.99
N CYS B 498 -1.44 -22.80 69.36
CA CYS B 498 -2.32 -22.01 70.20
C CYS B 498 -2.94 -22.80 71.34
N SER B 499 -3.33 -22.08 72.38
CA SER B 499 -4.00 -22.71 73.49
C SER B 499 -5.00 -21.72 74.05
N PRO B 500 -5.98 -22.21 74.82
CA PRO B 500 -7.05 -21.36 75.32
C PRO B 500 -6.53 -20.24 76.20
N ALA B 501 -7.12 -19.08 76.05
CA ALA B 501 -6.72 -17.97 76.90
C ALA B 501 -7.59 -17.97 78.13
N LYS B 502 -8.63 -18.82 78.17
CA LYS B 502 -9.51 -18.90 79.36
C LYS B 502 -9.87 -20.33 79.72
N SER B 503 -9.92 -20.64 81.02
CA SER B 503 -10.29 -21.98 81.46
C SER B 503 -11.70 -22.45 80.96
N SER B 504 -12.62 -21.54 80.73
CA SER B 504 -13.90 -21.93 80.16
C SER B 504 -13.74 -22.59 78.75
N ARG B 505 -12.80 -22.10 77.94
CA ARG B 505 -12.47 -22.72 76.67
C ARG B 505 -11.51 -23.88 76.80
N ALA B 506 -11.20 -24.30 78.03
CA ALA B 506 -10.18 -25.34 78.24
C ALA B 506 -10.38 -26.62 77.42
N ALA B 507 -11.63 -27.00 77.17
CA ALA B 507 -11.93 -28.19 76.39
C ALA B 507 -11.28 -28.20 75.00
N VAL B 508 -10.95 -27.01 74.48
CA VAL B 508 -10.34 -26.89 73.18
C VAL B 508 -8.91 -27.38 73.21
N GLY B 509 -8.18 -26.99 74.24
CA GLY B 509 -6.81 -27.41 74.45
C GLY B 509 -5.83 -26.80 73.45
N ASN B 510 -4.66 -27.40 73.34
CA ASN B 510 -3.69 -26.99 72.35
C ASN B 510 -4.13 -27.36 70.91
N LYS B 511 -4.06 -26.39 70.00
CA LYS B 511 -4.33 -26.62 68.60
C LYS B 511 -3.24 -26.03 67.77
N MET B 512 -2.93 -26.66 66.66
CA MET B 512 -2.22 -25.97 65.58
C MET B 512 -3.20 -25.59 64.45
N PHE B 513 -3.16 -24.32 64.07
CA PHE B 513 -3.96 -23.86 62.96
C PHE B 513 -3.04 -23.62 61.78
N VAL B 514 -3.38 -24.28 60.67
CA VAL B 514 -2.54 -24.38 59.48
C VAL B 514 -3.23 -23.76 58.23
N LYS B 515 -2.48 -23.02 57.45
CA LYS B 515 -2.97 -22.61 56.14
C LYS B 515 -1.87 -22.77 55.12
N GLY B 516 -2.26 -23.20 53.93
CA GLY B 516 -1.32 -23.17 52.83
C GLY B 516 -1.86 -23.63 51.51
N ALA B 517 -0.94 -23.71 50.54
CA ALA B 517 -1.24 -24.28 49.26
C ALA B 517 -2.05 -25.55 49.54
N PRO B 518 -3.25 -25.63 48.95
CA PRO B 518 -4.24 -26.71 49.16
C PRO B 518 -3.70 -28.12 49.02
N GLU B 519 -3.02 -28.42 47.94
CA GLU B 519 -2.58 -29.79 47.72
C GLU B 519 -1.77 -30.31 48.91
N GLY B 520 -0.72 -29.61 49.30
CA GLY B 520 0.09 -30.03 50.43
C GLY B 520 -0.68 -30.15 51.75
N VAL B 521 -1.42 -29.12 52.12
CA VAL B 521 -2.21 -29.22 53.33
C VAL B 521 -3.16 -30.40 53.31
N ILE B 522 -3.95 -30.52 52.25
CA ILE B 522 -4.91 -31.63 52.19
C ILE B 522 -4.26 -33.01 52.20
N ASP B 523 -3.13 -33.16 51.53
CA ASP B 523 -2.34 -34.38 51.64
C ASP B 523 -2.04 -34.76 53.10
N ARG B 524 -1.91 -33.77 53.96
CA ARG B 524 -1.55 -34.07 55.34
C ARG B 524 -2.75 -34.01 56.28
N CYS B 525 -3.95 -34.00 55.71
CA CYS B 525 -5.13 -34.21 56.54
C CYS B 525 -5.56 -35.68 56.56
N ASN B 526 -5.86 -36.19 57.74
CA ASN B 526 -6.41 -37.51 57.89
C ASN B 526 -7.86 -37.42 58.34
N TYR B 527 -8.26 -36.22 58.76
CA TYR B 527 -9.64 -35.98 59.15
C TYR B 527 -10.19 -34.74 58.47
N VAL B 528 -11.52 -34.63 58.53
CA VAL B 528 -12.25 -33.48 58.04
C VAL B 528 -13.21 -32.98 59.10
N ARG B 529 -13.28 -31.65 59.29
CA ARG B 529 -14.18 -31.12 60.32
C ARG B 529 -15.56 -31.06 59.75
N VAL B 530 -16.56 -31.44 60.52
CA VAL B 530 -17.95 -31.24 60.13
C VAL B 530 -18.74 -30.55 61.26
N GLY B 531 -18.95 -29.24 61.11
CA GLY B 531 -19.45 -28.47 62.24
C GLY B 531 -18.45 -28.50 63.39
N THR B 532 -18.79 -29.19 64.48
CA THR B 532 -17.83 -29.38 65.58
C THR B 532 -17.35 -30.81 65.66
N THR B 533 -17.89 -31.67 64.81
CA THR B 533 -17.43 -33.05 64.81
C THR B 533 -16.27 -33.20 63.85
N ARG B 534 -15.74 -34.41 63.79
CA ARG B 534 -14.65 -34.73 62.90
C ARG B 534 -14.83 -36.18 62.41
N VAL B 535 -14.61 -36.43 61.13
CA VAL B 535 -14.66 -37.79 60.60
C VAL B 535 -13.47 -37.99 59.67
N PRO B 536 -13.13 -39.25 59.39
CA PRO B 536 -11.90 -39.56 58.64
C PRO B 536 -11.92 -39.01 57.23
N MET B 537 -10.77 -38.54 56.76
CA MET B 537 -10.62 -38.10 55.39
C MET B 537 -10.60 -39.31 54.49
N THR B 538 -11.59 -39.50 53.64
CA THR B 538 -11.58 -40.61 52.68
C THR B 538 -11.31 -40.23 51.24
N GLY B 539 -11.31 -41.23 50.37
CA GLY B 539 -11.19 -40.98 48.94
C GLY B 539 -12.24 -39.99 48.42
N PRO B 540 -13.52 -40.27 48.67
CA PRO B 540 -14.55 -39.36 48.13
C PRO B 540 -14.59 -38.00 48.80
N VAL B 541 -14.51 -37.95 50.13
CA VAL B 541 -14.43 -36.63 50.77
C VAL B 541 -13.34 -35.78 50.12
N LYS B 542 -12.14 -36.34 50.02
CA LYS B 542 -11.01 -35.62 49.43
C LYS B 542 -11.22 -35.19 47.97
N GLU B 543 -11.69 -36.10 47.11
CA GLU B 543 -11.82 -35.74 45.69
C GLU B 543 -12.88 -34.63 45.51
N LYS B 544 -13.90 -34.65 46.35
CA LYS B 544 -14.87 -33.57 46.35
C LYS B 544 -14.19 -32.25 46.66
N ILE B 545 -13.43 -32.24 47.75
CA ILE B 545 -12.72 -31.05 48.21
C ILE B 545 -11.78 -30.51 47.14
N LEU B 546 -10.91 -31.37 46.60
CA LEU B 546 -10.00 -30.97 45.52
C LEU B 546 -10.74 -30.44 44.29
N SER B 547 -11.88 -31.02 43.97
CA SER B 547 -12.54 -30.65 42.72
C SER B 547 -13.06 -29.23 42.79
N VAL B 548 -13.69 -28.88 43.89
CA VAL B 548 -14.11 -27.51 44.02
C VAL B 548 -12.94 -26.53 44.07
N ILE B 549 -11.82 -26.94 44.67
CA ILE B 549 -10.63 -26.09 44.72
C ILE B 549 -10.10 -25.84 43.30
N LYS B 550 -10.06 -26.89 42.48
CA LYS B 550 -9.65 -26.75 41.08
C LYS B 550 -10.57 -25.82 40.29
N GLU B 551 -11.86 -25.92 40.57
CA GLU B 551 -12.87 -25.08 39.95
C GLU B 551 -12.60 -23.60 40.31
N TRP B 552 -12.26 -23.34 41.57
CA TRP B 552 -12.10 -21.96 42.03
C TRP B 552 -10.84 -21.32 41.51
N GLY B 553 -9.84 -22.12 41.24
CA GLY B 553 -8.61 -21.54 40.74
C GLY B 553 -8.38 -21.71 39.26
N THR B 554 -9.44 -21.92 38.48
CA THR B 554 -9.25 -21.96 37.03
C THR B 554 -10.42 -21.44 36.22
N GLY B 555 -11.50 -21.02 36.87
CA GLY B 555 -12.69 -20.84 36.07
C GLY B 555 -12.79 -19.45 35.49
N ARG B 556 -14.01 -18.95 35.43
CA ARG B 556 -14.11 -17.51 35.38
C ARG B 556 -13.71 -16.99 36.78
N ASP B 557 -13.52 -17.94 37.71
CA ASP B 557 -13.09 -17.65 39.07
C ASP B 557 -11.59 -17.24 39.14
N THR B 558 -10.73 -18.19 38.79
CA THR B 558 -9.30 -18.06 38.93
C THR B 558 -8.87 -17.32 40.24
N LEU B 559 -9.31 -17.88 41.36
CA LEU B 559 -8.98 -17.39 42.68
C LEU B 559 -7.66 -17.98 43.21
N ARG B 560 -7.00 -17.24 44.10
CA ARG B 560 -5.93 -17.81 44.94
C ARG B 560 -6.57 -18.57 46.09
N CYS B 561 -6.36 -19.88 46.14
CA CYS B 561 -6.99 -20.67 47.19
C CYS B 561 -6.03 -21.06 48.32
N LEU B 562 -6.51 -20.97 49.54
CA LEU B 562 -5.76 -21.54 50.64
C LEU B 562 -6.61 -22.62 51.27
N ALA B 563 -5.95 -23.70 51.69
CA ALA B 563 -6.59 -24.65 52.56
C ALA B 563 -6.28 -24.30 54.03
N LEU B 564 -7.28 -24.45 54.88
CA LEU B 564 -7.20 -24.16 56.27
C LEU B 564 -7.40 -25.47 57.00
N ALA B 565 -6.49 -25.76 57.92
CA ALA B 565 -6.58 -26.98 58.71
C ALA B 565 -6.17 -26.81 60.17
N THR B 566 -6.58 -27.75 61.00
CA THR B 566 -6.05 -27.78 62.32
C THR B 566 -5.61 -29.16 62.74
N ARG B 567 -4.49 -29.17 63.46
CA ARG B 567 -4.02 -30.36 64.09
C ARG B 567 -4.67 -30.42 65.47
N ASP B 568 -5.66 -31.30 65.63
CA ASP B 568 -6.36 -31.42 66.91
C ASP B 568 -5.47 -31.92 68.03
N THR B 569 -4.45 -32.71 67.71
CA THR B 569 -3.56 -33.19 68.74
C THR B 569 -2.12 -32.87 68.42
N PRO B 570 -1.73 -31.61 68.67
CA PRO B 570 -0.39 -31.09 68.39
C PRO B 570 0.62 -31.82 69.25
N PRO B 571 1.87 -31.94 68.78
CA PRO B 571 2.89 -32.45 69.69
C PRO B 571 3.02 -31.51 70.92
N LYS B 572 3.73 -31.96 71.95
CA LYS B 572 4.05 -31.11 73.11
C LYS B 572 5.00 -29.98 72.68
N ARG B 573 4.77 -28.76 73.13
CA ARG B 573 5.78 -27.68 72.93
C ARG B 573 7.21 -28.16 73.06
N GLU B 574 7.49 -28.97 74.08
CA GLU B 574 8.86 -29.43 74.42
C GLU B 574 9.50 -30.34 73.35
N GLU B 575 8.67 -30.91 72.48
CA GLU B 575 9.10 -31.91 71.50
C GLU B 575 9.24 -31.30 70.13
N MET B 576 9.05 -29.99 70.04
CA MET B 576 9.13 -29.32 68.76
C MET B 576 10.38 -28.51 68.65
N VAL B 577 11.18 -28.77 67.62
CA VAL B 577 12.37 -27.95 67.47
C VAL B 577 12.07 -26.78 66.56
N LEU B 578 11.85 -25.65 67.21
CA LEU B 578 11.20 -24.48 66.62
C LEU B 578 12.15 -23.61 65.83
N ASP B 579 13.41 -23.97 65.80
CA ASP B 579 14.41 -23.18 65.12
C ASP B 579 14.99 -24.03 64.00
N ASP B 580 14.27 -25.09 63.65
CA ASP B 580 14.61 -25.89 62.48
C ASP B 580 13.38 -26.11 61.58
N SER B 581 13.20 -25.22 60.62
CA SER B 581 12.01 -25.21 59.78
C SER B 581 11.82 -26.52 58.99
N SER B 582 12.90 -27.23 58.70
CA SER B 582 12.77 -28.47 57.96
C SER B 582 11.93 -29.48 58.74
N ARG B 583 11.77 -29.25 60.03
CA ARG B 583 11.00 -30.15 60.88
C ARG B 583 9.54 -29.80 60.83
N PHE B 584 9.21 -28.66 60.24
CA PHE B 584 7.84 -28.14 60.37
C PHE B 584 6.80 -28.99 59.68
N MET B 585 7.12 -29.51 58.50
CA MET B 585 6.15 -30.36 57.83
C MET B 585 5.67 -31.49 58.74
N GLU B 586 6.60 -32.16 59.43
CA GLU B 586 6.21 -33.28 60.24
C GLU B 586 5.20 -32.88 61.31
N TYR B 587 5.42 -31.71 61.92
CA TYR B 587 4.57 -31.25 63.01
C TYR B 587 3.22 -30.89 62.48
N GLU B 588 3.16 -30.61 61.18
CA GLU B 588 1.91 -30.23 60.53
C GLU B 588 1.31 -31.41 59.78
N THR B 589 1.23 -32.55 60.45
CA THR B 589 0.62 -33.72 59.87
C THR B 589 -0.53 -34.21 60.74
N ASP B 590 -1.25 -35.20 60.27
CA ASP B 590 -2.40 -35.68 60.98
C ASP B 590 -3.41 -34.56 61.21
N LEU B 591 -3.58 -33.72 60.20
CA LEU B 591 -4.45 -32.57 60.36
C LEU B 591 -5.94 -32.92 60.18
N THR B 592 -6.79 -31.99 60.60
CA THR B 592 -8.19 -32.07 60.30
C THR B 592 -8.52 -30.97 59.34
N PHE B 593 -9.00 -31.32 58.15
CA PHE B 593 -9.32 -30.28 57.19
C PHE B 593 -10.52 -29.44 57.64
N VAL B 594 -10.39 -28.12 57.56
CA VAL B 594 -11.51 -27.30 57.97
C VAL B 594 -12.26 -26.64 56.79
N GLY B 595 -11.57 -25.90 55.93
CA GLY B 595 -12.22 -25.14 54.89
C GLY B 595 -11.24 -24.59 53.87
N VAL B 596 -11.75 -23.84 52.89
CA VAL B 596 -10.92 -23.21 51.87
C VAL B 596 -11.41 -21.77 51.68
N VAL B 597 -10.49 -20.85 51.39
CA VAL B 597 -10.84 -19.49 51.03
C VAL B 597 -10.20 -19.17 49.71
N GLY B 598 -10.92 -18.36 48.93
CA GLY B 598 -10.50 -18.01 47.60
C GLY B 598 -10.48 -16.51 47.54
N MET B 599 -9.32 -15.95 47.20
CA MET B 599 -9.24 -14.51 47.15
C MET B 599 -8.74 -14.02 45.79
N LEU B 600 -9.04 -12.76 45.48
CA LEU B 600 -8.55 -12.16 44.24
C LEU B 600 -8.41 -10.69 44.41
N ASP B 601 -7.61 -10.11 43.54
CA ASP B 601 -7.48 -8.67 43.45
C ASP B 601 -8.56 -8.18 42.47
N PRO B 602 -9.66 -7.65 43.00
CA PRO B 602 -10.90 -7.47 42.22
C PRO B 602 -10.91 -6.23 41.32
N PRO B 603 -11.63 -6.30 40.20
CA PRO B 603 -11.77 -5.10 39.35
C PRO B 603 -12.50 -4.00 40.08
N ARG B 604 -12.09 -2.75 39.90
CA ARG B 604 -12.92 -1.61 40.31
C ARG B 604 -14.30 -1.65 39.67
N LYS B 605 -15.31 -1.14 40.38
CA LYS B 605 -16.70 -1.28 39.94
C LYS B 605 -17.01 -0.66 38.58
N GLU B 606 -16.42 0.49 38.27
CA GLU B 606 -16.81 1.15 37.02
C GLU B 606 -16.02 0.73 35.79
N VAL B 607 -15.09 -0.20 35.95
CA VAL B 607 -14.22 -0.56 34.84
C VAL B 607 -14.98 -1.25 33.70
N MET B 608 -15.82 -2.22 34.04
CA MET B 608 -16.57 -2.94 33.02
C MET B 608 -17.37 -1.99 32.13
N GLY B 609 -18.10 -1.09 32.76
CA GLY B 609 -18.94 -0.14 32.03
C GLY B 609 -18.10 0.79 31.18
N SER B 610 -16.90 1.10 31.67
CA SER B 610 -15.99 1.96 30.94
C SER B 610 -15.46 1.26 29.72
N ILE B 611 -15.12 -0.02 29.86
CA ILE B 611 -14.58 -0.75 28.73
C ILE B 611 -15.62 -0.77 27.57
N GLN B 612 -16.86 -1.08 27.89
CA GLN B 612 -17.91 -1.08 26.88
C GLN B 612 -18.12 0.29 26.21
N LEU B 613 -18.13 1.36 26.99
CA LEU B 613 -18.27 2.70 26.41
C LEU B 613 -17.11 2.95 25.45
N CYS B 614 -15.91 2.54 25.84
CA CYS B 614 -14.76 2.67 24.94
C CYS B 614 -14.98 1.95 23.62
N ARG B 615 -15.48 0.74 23.72
CA ARG B 615 -15.71 -0.05 22.54
C ARG B 615 -16.74 0.68 21.65
N ASP B 616 -17.78 1.22 22.28
CA ASP B 616 -18.81 1.96 21.54
C ASP B 616 -18.22 3.15 20.76
N ALA B 617 -17.15 3.71 21.29
CA ALA B 617 -16.46 4.85 20.72
C ALA B 617 -15.32 4.40 19.81
N GLY B 618 -15.33 3.11 19.49
CA GLY B 618 -14.29 2.55 18.64
C GLY B 618 -12.88 2.55 19.24
N ILE B 619 -12.79 2.51 20.55
CA ILE B 619 -11.49 2.45 21.22
C ILE B 619 -11.22 1.07 21.79
N ARG B 620 -10.12 0.45 21.35
CA ARG B 620 -9.62 -0.82 21.91
C ARG B 620 -8.97 -0.64 23.28
N VAL B 621 -9.26 -1.56 24.19
CA VAL B 621 -8.61 -1.61 25.47
C VAL B 621 -7.71 -2.85 25.58
N ILE B 622 -6.43 -2.60 25.82
CA ILE B 622 -5.43 -3.63 25.94
C ILE B 622 -4.88 -3.74 27.38
N MET B 623 -5.05 -4.88 28.02
CA MET B 623 -4.48 -5.06 29.32
C MET B 623 -2.97 -5.39 29.24
N ILE B 624 -2.13 -4.65 29.95
CA ILE B 624 -0.70 -4.98 30.01
C ILE B 624 -0.23 -5.03 31.45
N THR B 625 0.10 -6.23 31.92
CA THR B 625 0.28 -6.41 33.35
C THR B 625 1.48 -7.26 33.68
N GLY B 626 2.15 -6.95 34.79
CA GLY B 626 3.16 -7.79 35.38
C GLY B 626 2.66 -9.09 35.99
N ASP B 627 1.37 -9.15 36.31
CA ASP B 627 0.77 -10.31 36.95
C ASP B 627 0.73 -11.49 35.99
N ASN B 628 0.25 -12.63 36.47
CA ASN B 628 0.35 -13.82 35.63
C ASN B 628 -0.78 -13.93 34.64
N LYS B 629 -0.53 -14.69 33.58
CA LYS B 629 -1.48 -14.84 32.47
C LYS B 629 -2.86 -15.33 32.91
N GLY B 630 -2.91 -16.44 33.67
CA GLY B 630 -4.17 -16.98 34.19
C GLY B 630 -5.05 -15.90 34.84
N THR B 631 -4.49 -15.15 35.78
CA THR B 631 -5.22 -14.06 36.40
C THR B 631 -5.58 -12.94 35.41
N ALA B 632 -4.60 -12.50 34.62
CA ALA B 632 -4.78 -11.43 33.66
C ALA B 632 -5.98 -11.74 32.74
N ILE B 633 -6.03 -12.95 32.21
CA ILE B 633 -7.14 -13.36 31.39
C ILE B 633 -8.48 -13.43 32.14
N ALA B 634 -8.47 -13.99 33.35
CA ALA B 634 -9.69 -14.11 34.12
C ALA B 634 -10.25 -12.73 34.37
N ILE B 635 -9.37 -11.78 34.65
CA ILE B 635 -9.82 -10.42 34.87
C ILE B 635 -10.34 -9.83 33.58
N CYS B 636 -9.75 -10.23 32.48
CA CYS B 636 -10.22 -9.73 31.20
C CYS B 636 -11.65 -10.20 30.96
N ARG B 637 -11.98 -11.37 31.46
CA ARG B 637 -13.33 -11.86 31.23
C ARG B 637 -14.28 -11.16 32.22
N ARG B 638 -13.87 -10.97 33.46
CA ARG B 638 -14.67 -10.21 34.41
C ARG B 638 -15.02 -8.82 33.90
N ILE B 639 -14.07 -8.13 33.28
CA ILE B 639 -14.29 -6.75 32.88
C ILE B 639 -14.71 -6.61 31.42
N GLY B 640 -14.87 -7.73 30.73
CA GLY B 640 -15.39 -7.73 29.37
C GLY B 640 -14.43 -7.29 28.28
N ILE B 641 -13.12 -7.37 28.52
CA ILE B 641 -12.16 -7.22 27.42
C ILE B 641 -12.25 -8.49 26.56
N PHE B 642 -12.45 -9.65 27.19
CA PHE B 642 -12.78 -10.86 26.42
C PHE B 642 -14.17 -11.34 26.78
N GLY B 643 -14.76 -12.14 25.91
CA GLY B 643 -16.01 -12.79 26.22
C GLY B 643 -15.76 -13.92 27.19
N GLU B 644 -16.81 -14.38 27.86
CA GLU B 644 -16.66 -15.32 28.93
C GLU B 644 -16.09 -16.64 28.42
N ASN B 645 -16.31 -16.93 27.16
CA ASN B 645 -15.80 -18.15 26.55
C ASN B 645 -14.95 -17.88 25.30
N GLU B 646 -14.63 -16.62 25.02
CA GLU B 646 -13.81 -16.29 23.86
C GLU B 646 -12.49 -17.02 23.94
N GLU B 647 -12.01 -17.48 22.79
CA GLU B 647 -10.77 -18.22 22.74
C GLU B 647 -9.59 -17.22 22.66
N VAL B 648 -8.61 -17.34 23.53
CA VAL B 648 -7.60 -16.32 23.59
C VAL B 648 -6.20 -16.78 23.22
N ALA B 649 -6.11 -17.94 22.56
CA ALA B 649 -4.84 -18.55 22.16
C ALA B 649 -3.81 -17.58 21.53
N ASP B 650 -4.28 -16.69 20.68
CA ASP B 650 -3.37 -15.76 20.03
C ASP B 650 -3.76 -14.34 20.38
N ARG B 651 -4.43 -14.19 21.52
CA ARG B 651 -4.95 -12.89 21.92
C ARG B 651 -4.43 -12.52 23.28
N ALA B 652 -3.70 -13.44 23.89
CA ALA B 652 -3.07 -13.21 25.18
C ALA B 652 -1.68 -13.83 25.19
N TYR B 653 -0.70 -13.08 25.72
CA TYR B 653 0.69 -13.50 25.71
C TYR B 653 1.42 -13.09 26.96
N THR B 654 2.34 -13.96 27.38
CA THR B 654 3.30 -13.55 28.40
C THR B 654 4.33 -12.73 27.66
N GLY B 655 5.01 -11.86 28.41
CA GLY B 655 6.15 -11.17 27.88
C GLY B 655 7.14 -12.13 27.29
N ARG B 656 7.38 -13.26 27.96
CA ARG B 656 8.29 -14.24 27.38
C ARG B 656 7.79 -14.78 26.04
N GLU B 657 6.49 -15.09 25.91
CA GLU B 657 5.98 -15.65 24.66
C GLU B 657 6.09 -14.60 23.58
N PHE B 658 5.74 -13.38 23.95
CA PHE B 658 5.83 -12.27 23.05
C PHE B 658 7.28 -12.11 22.57
N ASP B 659 8.24 -12.25 23.48
CA ASP B 659 9.64 -12.07 23.11
C ASP B 659 10.09 -13.08 22.07
N ASP B 660 9.55 -14.29 22.16
CA ASP B 660 9.83 -15.36 21.23
C ASP B 660 9.27 -15.15 19.83
N LEU B 661 8.37 -14.20 19.65
CA LEU B 661 7.83 -13.90 18.32
C LEU B 661 8.86 -13.11 17.53
N PRO B 662 8.97 -13.36 16.22
CA PRO B 662 9.73 -12.54 15.26
C PRO B 662 9.25 -11.11 15.34
N LEU B 663 10.09 -10.14 15.01
CA LEU B 663 9.69 -8.72 15.10
C LEU B 663 8.37 -8.40 14.42
N ALA B 664 8.12 -8.97 13.24
CA ALA B 664 6.89 -8.65 12.51
C ALA B 664 5.66 -9.21 13.20
N GLU B 665 5.84 -10.31 13.92
CA GLU B 665 4.72 -11.00 14.57
C GLU B 665 4.37 -10.26 15.84
N GLN B 666 5.41 -9.79 16.54
CA GLN B 666 5.28 -8.93 17.70
C GLN B 666 4.40 -7.75 17.32
N ARG B 667 4.69 -7.17 16.18
CA ARG B 667 4.04 -5.95 15.79
C ARG B 667 2.57 -6.23 15.52
N GLU B 668 2.28 -7.32 14.82
CA GLU B 668 0.88 -7.67 14.55
C GLU B 668 0.13 -8.12 15.81
N ALA B 669 0.84 -8.78 16.71
CA ALA B 669 0.23 -9.26 17.94
C ALA B 669 -0.31 -8.08 18.74
N CYS B 670 0.28 -6.90 18.56
CA CYS B 670 -0.15 -5.74 19.32
C CYS B 670 -1.49 -5.19 18.82
N ARG B 671 -1.83 -5.54 17.58
CA ARG B 671 -3.13 -5.14 17.04
C ARG B 671 -4.24 -6.16 17.28
N ARG B 672 -3.87 -7.40 17.57
CA ARG B 672 -4.87 -8.46 17.69
C ARG B 672 -5.09 -8.93 19.14
N ALA B 673 -4.06 -8.82 19.97
CA ALA B 673 -4.15 -9.29 21.34
C ALA B 673 -4.52 -8.16 22.29
N CYS B 674 -5.17 -8.52 23.39
CA CYS B 674 -5.71 -7.52 24.29
C CYS B 674 -5.25 -7.84 25.68
N CYS B 675 -4.42 -8.88 25.79
CA CYS B 675 -3.87 -9.23 27.08
C CYS B 675 -2.39 -9.58 26.99
N PHE B 676 -1.55 -8.79 27.63
CA PHE B 676 -0.12 -9.11 27.77
C PHE B 676 0.19 -9.21 29.24
N ALA B 677 0.81 -10.31 29.64
CA ALA B 677 0.98 -10.62 31.05
C ALA B 677 2.41 -11.06 31.40
N ARG B 678 2.72 -11.04 32.69
CA ARG B 678 4.03 -11.38 33.16
C ARG B 678 5.09 -10.62 32.34
N VAL B 679 4.83 -9.32 32.13
CA VAL B 679 5.75 -8.50 31.38
C VAL B 679 6.68 -7.70 32.29
N GLU B 680 7.80 -7.27 31.74
CA GLU B 680 8.70 -6.31 32.37
C GLU B 680 8.30 -4.92 31.90
N PRO B 681 8.80 -3.87 32.57
CA PRO B 681 8.40 -2.51 32.19
C PRO B 681 8.64 -2.16 30.70
N SER B 682 9.73 -2.67 30.13
CA SER B 682 10.07 -2.48 28.72
C SER B 682 9.04 -3.08 27.76
N HIS B 683 8.39 -4.16 28.17
CA HIS B 683 7.37 -4.74 27.31
C HIS B 683 6.23 -3.74 27.14
N LYS B 684 5.86 -3.04 28.20
CA LYS B 684 4.73 -2.13 28.12
C LYS B 684 5.01 -1.02 27.11
N SER B 685 6.18 -0.42 27.18
CA SER B 685 6.51 0.65 26.26
C SER B 685 6.76 0.11 24.86
N LYS B 686 7.23 -1.13 24.77
CA LYS B 686 7.46 -1.74 23.44
C LYS B 686 6.13 -1.94 22.76
N ILE B 687 5.15 -2.38 23.53
CA ILE B 687 3.83 -2.61 22.95
C ILE B 687 3.25 -1.31 22.46
N VAL B 688 3.40 -0.25 23.25
CA VAL B 688 2.88 1.06 22.89
C VAL B 688 3.56 1.52 21.60
N GLU B 689 4.86 1.28 21.52
CA GLU B 689 5.61 1.68 20.36
C GLU B 689 5.11 0.97 19.11
N TYR B 690 4.79 -0.30 19.24
CA TYR B 690 4.35 -1.06 18.08
C TYR B 690 3.02 -0.49 17.59
N LEU B 691 2.12 -0.26 18.53
CA LEU B 691 0.85 0.37 18.23
C LEU B 691 1.11 1.72 17.54
N GLN B 692 2.02 2.52 18.08
CA GLN B 692 2.25 3.84 17.52
C GLN B 692 2.85 3.75 16.11
N SER B 693 3.36 2.58 15.76
CA SER B 693 4.03 2.40 14.49
C SER B 693 3.01 2.11 13.40
N TYR B 694 1.75 2.00 13.78
CA TYR B 694 0.66 1.92 12.82
C TYR B 694 -0.04 3.26 12.83
N ASP B 695 0.57 4.22 13.50
CA ASP B 695 0.00 5.55 13.56
C ASP B 695 -1.29 5.53 14.35
N GLU B 696 -1.42 4.62 15.30
CA GLU B 696 -2.47 4.78 16.29
C GLU B 696 -2.04 5.79 17.36
N ILE B 697 -2.98 6.65 17.72
CA ILE B 697 -2.83 7.46 18.91
C ILE B 697 -3.11 6.52 20.07
N THR B 698 -2.18 6.42 21.02
CA THR B 698 -2.30 5.44 22.09
C THR B 698 -2.24 6.07 23.45
N ALA B 699 -3.07 5.56 24.34
CA ALA B 699 -3.04 5.97 25.73
C ALA B 699 -2.50 4.84 26.60
N MET B 700 -1.89 5.21 27.71
CA MET B 700 -1.52 4.22 28.69
C MET B 700 -2.11 4.65 30.03
N THR B 701 -2.76 3.71 30.72
CA THR B 701 -3.22 3.93 32.09
C THR B 701 -2.42 3.08 33.03
N GLY B 702 -1.99 3.63 34.16
CA GLY B 702 -1.17 2.89 35.08
C GLY B 702 -1.06 3.56 36.43
N ASP B 703 -0.34 2.93 37.35
CA ASP B 703 -0.22 3.48 38.68
C ASP B 703 1.14 3.19 39.27
N GLY B 704 1.87 2.31 38.61
CA GLY B 704 3.09 1.82 39.20
C GLY B 704 4.32 2.38 38.52
N VAL B 705 5.46 2.24 39.20
CA VAL B 705 6.73 2.53 38.59
C VAL B 705 6.91 1.73 37.30
N ASN B 706 6.48 0.46 37.30
CA ASN B 706 6.68 -0.39 36.13
C ASN B 706 5.86 0.08 34.90
N ASP B 707 4.93 1.01 35.13
CA ASP B 707 4.15 1.60 34.05
C ASP B 707 4.82 2.85 33.44
N ALA B 708 5.81 3.38 34.14
CA ALA B 708 6.37 4.68 33.77
C ALA B 708 6.88 4.74 32.32
N PRO B 709 7.68 3.76 31.90
CA PRO B 709 8.14 3.88 30.52
C PRO B 709 6.97 3.97 29.54
N ALA B 710 5.97 3.11 29.68
CA ALA B 710 4.79 3.16 28.82
C ALA B 710 4.08 4.49 28.93
N LEU B 711 3.88 4.94 30.17
CA LEU B 711 3.18 6.20 30.41
C LEU B 711 3.88 7.33 29.66
N LYS B 712 5.21 7.30 29.61
CA LYS B 712 5.98 8.29 28.85
C LYS B 712 5.92 8.12 27.34
N LYS B 713 5.90 6.89 26.87
CA LYS B 713 5.97 6.68 25.45
C LYS B 713 4.61 6.93 24.78
N ALA B 714 3.53 6.82 25.53
CA ALA B 714 2.18 6.89 24.97
C ALA B 714 1.86 8.34 24.60
N GLU B 715 1.01 8.60 23.62
CA GLU B 715 0.65 10.00 23.38
C GLU B 715 0.10 10.60 24.66
N ILE B 716 -0.62 9.79 25.42
CA ILE B 716 -1.09 10.26 26.70
C ILE B 716 -1.07 9.16 27.77
N GLY B 717 -0.40 9.49 28.86
CA GLY B 717 -0.34 8.62 30.00
C GLY B 717 -1.29 9.14 31.05
N ILE B 718 -2.10 8.23 31.59
CA ILE B 718 -3.08 8.53 32.60
C ILE B 718 -2.75 7.72 33.86
N ALA B 719 -2.53 8.41 34.96
CA ALA B 719 -2.10 7.78 36.21
C ALA B 719 -3.19 7.80 37.27
N MET B 720 -3.27 6.72 38.05
CA MET B 720 -4.23 6.65 39.13
C MET B 720 -3.87 7.53 40.33
N GLY B 721 -4.86 8.20 40.88
CA GLY B 721 -4.67 9.02 42.08
C GLY B 721 -3.95 8.28 43.20
N SER B 722 -4.45 7.11 43.56
CA SER B 722 -3.81 6.31 44.60
C SER B 722 -2.52 5.66 44.12
N GLY B 723 -2.00 6.08 42.97
CA GLY B 723 -0.82 5.45 42.40
C GLY B 723 0.50 5.99 42.93
N THR B 724 1.61 5.48 42.39
CA THR B 724 2.91 6.00 42.76
C THR B 724 3.19 7.36 42.18
N ALA B 725 4.06 8.10 42.86
CA ALA B 725 4.48 9.40 42.41
C ALA B 725 5.16 9.27 41.05
N VAL B 726 5.94 8.20 40.85
CA VAL B 726 6.59 8.02 39.56
C VAL B 726 5.59 8.00 38.40
N ALA B 727 4.53 7.23 38.52
CA ALA B 727 3.57 7.15 37.45
C ALA B 727 2.82 8.48 37.28
N LYS B 728 2.44 9.11 38.38
CA LYS B 728 1.78 10.42 38.30
C LYS B 728 2.65 11.43 37.56
N THR B 729 3.93 11.48 37.89
CA THR B 729 4.82 12.48 37.31
C THR B 729 5.18 12.15 35.88
N ALA B 730 4.99 10.90 35.47
CA ALA B 730 5.22 10.49 34.08
C ALA B 730 3.96 10.72 33.24
N SER B 731 2.89 11.15 33.89
CA SER B 731 1.60 11.25 33.23
C SER B 731 1.12 12.66 32.92
N GLU B 732 0.26 12.78 31.92
CA GLU B 732 -0.41 14.05 31.63
C GLU B 732 -1.68 14.22 32.44
N MET B 733 -2.26 13.12 32.88
CA MET B 733 -3.53 13.19 33.55
C MET B 733 -3.52 12.26 34.74
N VAL B 734 -4.11 12.70 35.84
CA VAL B 734 -4.17 11.87 37.02
C VAL B 734 -5.64 11.74 37.38
N LEU B 735 -6.13 10.52 37.54
CA LEU B 735 -7.48 10.32 38.02
C LEU B 735 -7.48 10.43 39.55
N ALA B 736 -7.71 11.61 40.07
CA ALA B 736 -7.51 11.84 41.50
C ALA B 736 -8.34 10.95 42.41
N ASP B 737 -9.50 10.52 41.95
CA ASP B 737 -10.33 9.64 42.76
C ASP B 737 -10.37 8.19 42.24
N ASP B 738 -9.44 7.86 41.34
CA ASP B 738 -9.32 6.49 40.79
C ASP B 738 -10.52 6.06 39.96
N ASN B 739 -11.38 6.99 39.59
CA ASN B 739 -12.55 6.65 38.82
C ASN B 739 -12.21 6.37 37.37
N PHE B 740 -12.14 5.10 37.00
CA PHE B 740 -11.85 4.72 35.62
C PHE B 740 -12.85 5.30 34.59
N SER B 741 -14.11 5.49 34.97
CA SER B 741 -15.09 6.19 34.11
C SER B 741 -14.51 7.45 33.53
N THR B 742 -13.78 8.19 34.35
CA THR B 742 -13.38 9.53 33.96
C THR B 742 -12.62 9.53 32.65
N ILE B 743 -11.96 8.42 32.35
CA ILE B 743 -11.21 8.31 31.10
C ILE B 743 -12.15 8.49 29.94
N VAL B 744 -13.32 7.85 30.03
CA VAL B 744 -14.31 7.91 28.97
C VAL B 744 -14.83 9.31 28.79
N ALA B 745 -15.11 9.97 29.90
CA ALA B 745 -15.55 11.36 29.87
C ALA B 745 -14.47 12.25 29.31
N ALA B 746 -13.21 11.88 29.48
CA ALA B 746 -12.10 12.68 28.99
C ALA B 746 -12.00 12.51 27.50
N VAL B 747 -12.36 11.30 27.04
CA VAL B 747 -12.42 11.02 25.61
C VAL B 747 -13.46 11.90 24.95
N GLU B 748 -14.63 11.98 25.57
CA GLU B 748 -15.72 12.79 25.04
C GLU B 748 -15.30 14.26 25.06
N GLU B 749 -14.70 14.66 26.17
CA GLU B 749 -14.28 16.05 26.31
C GLU B 749 -13.30 16.37 25.18
N GLY B 750 -12.39 15.45 24.92
CA GLY B 750 -11.34 15.70 23.96
C GLY B 750 -11.87 15.83 22.56
N ARG B 751 -12.74 14.89 22.17
CA ARG B 751 -13.51 14.98 20.93
C ARG B 751 -14.30 16.30 20.80
N ALA B 752 -14.96 16.71 21.87
CA ALA B 752 -15.71 17.96 21.83
C ALA B 752 -14.76 19.10 21.55
N ILE B 753 -13.59 19.06 22.20
CA ILE B 753 -12.56 20.08 21.98
C ILE B 753 -12.10 20.08 20.53
N TYR B 754 -11.81 18.89 20.01
CA TYR B 754 -11.36 18.78 18.63
C TYR B 754 -12.35 19.45 17.68
N ASN B 755 -13.63 19.16 17.86
CA ASN B 755 -14.68 19.71 17.00
C ASN B 755 -14.76 21.24 17.01
N ASN B 756 -14.70 21.82 18.20
CA ASN B 756 -14.64 23.27 18.32
C ASN B 756 -13.37 23.86 17.74
N MET B 757 -12.22 23.28 18.05
CA MET B 757 -10.99 23.83 17.46
C MET B 757 -11.03 23.87 15.94
N LYS B 758 -11.37 22.76 15.29
CA LYS B 758 -11.37 22.78 13.82
C LYS B 758 -12.43 23.72 13.24
N GLN B 759 -13.49 23.98 13.99
CA GLN B 759 -14.52 24.90 13.49
C GLN B 759 -14.11 26.36 13.70
N PHE B 760 -13.29 26.63 14.71
CA PHE B 760 -12.78 27.99 14.89
C PHE B 760 -11.40 28.19 14.28
N ILE B 761 -10.71 27.10 13.95
CA ILE B 761 -9.47 27.26 13.21
C ILE B 761 -9.83 27.58 11.78
N ARG B 762 -10.94 27.03 11.32
CA ARG B 762 -11.44 27.35 10.00
C ARG B 762 -11.93 28.80 10.01
N TYR B 763 -12.86 29.10 10.91
CA TYR B 763 -13.40 30.44 10.98
C TYR B 763 -12.28 31.47 10.98
N LEU B 764 -11.15 31.13 11.61
CA LEU B 764 -10.02 32.05 11.69
C LEU B 764 -9.16 32.09 10.42
N ILE B 765 -8.86 30.93 9.86
CA ILE B 765 -8.04 30.91 8.65
C ILE B 765 -8.83 31.48 7.49
N SER B 766 -10.15 31.38 7.60
CA SER B 766 -11.05 32.04 6.66
C SER B 766 -10.74 33.55 6.63
N SER B 767 -10.77 34.18 7.79
CA SER B 767 -10.38 35.58 7.92
C SER B 767 -9.01 35.89 7.32
N ASN B 768 -8.00 35.13 7.74
CA ASN B 768 -6.63 35.42 7.29
C ASN B 768 -6.50 35.37 5.78
N VAL B 769 -7.42 34.69 5.13
CA VAL B 769 -7.38 34.55 3.68
C VAL B 769 -7.80 35.85 2.99
N GLY B 770 -9.00 36.32 3.30
CA GLY B 770 -9.48 37.59 2.81
C GLY B 770 -8.50 38.72 3.09
N GLU B 771 -7.82 38.67 4.23
CA GLU B 771 -6.87 39.72 4.57
C GLU B 771 -5.69 39.71 3.61
N VAL B 772 -5.21 38.51 3.30
CA VAL B 772 -4.14 38.36 2.33
C VAL B 772 -4.63 38.72 0.93
N VAL B 773 -5.85 38.34 0.60
CA VAL B 773 -6.41 38.69 -0.70
C VAL B 773 -6.45 40.21 -0.85
N CYS B 774 -6.92 40.89 0.19
CA CYS B 774 -7.02 42.34 0.21
C CYS B 774 -5.67 43.03 0.06
N ILE B 775 -4.65 42.49 0.72
CA ILE B 775 -3.33 43.08 0.65
C ILE B 775 -2.71 42.79 -0.69
N PHE B 776 -3.09 41.66 -1.27
CA PHE B 776 -2.57 41.25 -2.56
C PHE B 776 -3.27 41.98 -3.70
N LEU B 777 -4.56 42.27 -3.53
CA LEU B 777 -5.29 43.09 -4.48
C LEU B 777 -4.78 44.52 -4.40
N THR B 778 -4.75 45.05 -3.18
CA THR B 778 -4.31 46.41 -2.95
C THR B 778 -2.92 46.59 -3.52
N ALA B 779 -2.14 45.52 -3.49
CA ALA B 779 -0.78 45.54 -4.03
C ALA B 779 -0.79 45.45 -5.55
N ALA B 780 -1.09 44.26 -6.06
CA ALA B 780 -1.04 44.00 -7.50
C ALA B 780 -1.56 45.17 -8.32
N LEU B 781 -2.79 45.58 -8.02
CA LEU B 781 -3.46 46.65 -8.76
C LEU B 781 -2.74 48.00 -8.67
N GLY B 782 -2.27 48.34 -7.47
CA GLY B 782 -1.55 49.58 -7.28
C GLY B 782 -2.43 50.64 -6.63
N LEU B 783 -3.36 50.17 -5.80
CA LEU B 783 -4.23 51.04 -5.04
C LEU B 783 -3.56 51.33 -3.72
N PRO B 784 -4.00 52.38 -3.03
CA PRO B 784 -3.51 52.62 -1.68
C PRO B 784 -3.97 51.47 -0.79
N GLU B 785 -3.21 51.20 0.28
CA GLU B 785 -3.57 50.12 1.19
C GLU B 785 -4.99 50.32 1.73
N ALA B 786 -5.80 49.26 1.67
CA ALA B 786 -7.11 49.26 2.31
C ALA B 786 -6.94 48.96 3.80
N LEU B 787 -5.94 48.13 4.12
CA LEU B 787 -5.66 47.73 5.49
C LEU B 787 -4.16 47.82 5.81
N ILE B 788 -3.86 48.00 7.10
CA ILE B 788 -2.47 48.02 7.56
C ILE B 788 -2.33 47.18 8.83
N PRO B 789 -1.12 46.67 9.11
CA PRO B 789 -0.88 45.71 10.20
C PRO B 789 -1.64 46.06 11.47
N VAL B 790 -1.41 47.27 11.96
CA VAL B 790 -2.05 47.78 13.16
C VAL B 790 -3.54 47.47 13.27
N GLN B 791 -4.22 47.40 12.14
CA GLN B 791 -5.65 47.08 12.12
C GLN B 791 -5.86 45.58 12.00
N LEU B 792 -5.07 44.96 11.15
CA LEU B 792 -5.15 43.52 10.94
C LEU B 792 -4.91 42.81 12.28
N LEU B 793 -3.87 43.26 12.97
CA LEU B 793 -3.52 42.70 14.27
C LEU B 793 -4.70 42.79 15.22
N TRP B 794 -5.42 43.90 15.16
CA TRP B 794 -6.58 44.08 16.00
C TRP B 794 -7.63 43.04 15.68
N VAL B 795 -7.97 42.94 14.41
CA VAL B 795 -9.01 42.03 13.99
C VAL B 795 -8.64 40.60 14.34
N ASN B 796 -7.40 40.23 14.07
CA ASN B 796 -6.98 38.84 14.23
C ASN B 796 -6.74 38.42 15.68
N LEU B 797 -6.46 39.41 16.51
CA LEU B 797 -6.16 39.18 17.90
C LEU B 797 -7.42 39.31 18.74
N VAL B 798 -8.27 40.28 18.40
CA VAL B 798 -9.37 40.68 19.27
C VAL B 798 -10.75 40.53 18.64
N THR B 799 -10.99 41.20 17.51
CA THR B 799 -12.29 41.19 16.85
C THR B 799 -12.72 39.80 16.41
N ASP B 800 -11.74 38.96 16.06
CA ASP B 800 -11.99 37.56 15.68
C ASP B 800 -11.75 36.63 16.87
N GLY B 801 -10.80 36.99 17.72
CA GLY B 801 -10.47 36.21 18.90
C GLY B 801 -11.70 35.91 19.72
N LEU B 802 -12.52 36.92 19.98
CA LEU B 802 -13.71 36.75 20.81
C LEU B 802 -14.75 35.79 20.23
N PRO B 803 -15.15 35.98 18.97
CA PRO B 803 -16.09 35.03 18.38
C PRO B 803 -15.48 33.64 18.21
N ALA B 804 -14.21 33.58 17.87
CA ALA B 804 -13.51 32.31 17.81
C ALA B 804 -13.61 31.57 19.15
N THR B 805 -13.35 32.28 20.25
CA THR B 805 -13.44 31.73 21.58
C THR B 805 -14.86 31.25 21.89
N ALA B 806 -15.85 32.02 21.43
CA ALA B 806 -17.25 31.69 21.67
C ALA B 806 -17.65 30.51 20.82
N LEU B 807 -16.92 30.32 19.72
CA LEU B 807 -17.13 29.16 18.88
C LEU B 807 -16.72 27.87 19.62
N GLY B 808 -15.67 27.96 20.43
CA GLY B 808 -15.27 26.84 21.25
C GLY B 808 -16.27 26.49 22.34
N PHE B 809 -17.45 27.11 22.30
CA PHE B 809 -18.51 26.88 23.30
C PHE B 809 -19.70 26.19 22.67
N ASN B 810 -19.52 25.74 21.42
CA ASN B 810 -20.60 25.08 20.70
C ASN B 810 -20.79 23.67 21.24
N PRO B 811 -21.90 23.46 22.00
CA PRO B 811 -22.13 22.18 22.66
C PRO B 811 -21.93 21.01 21.70
N PRO B 812 -21.33 19.93 22.19
CA PRO B 812 -20.88 18.84 21.32
C PRO B 812 -22.01 18.17 20.55
N ASP B 813 -21.65 17.46 19.50
CA ASP B 813 -22.61 16.61 18.79
C ASP B 813 -23.14 15.56 19.75
N LEU B 814 -24.37 15.12 19.54
CA LEU B 814 -24.97 14.18 20.47
C LEU B 814 -24.41 12.77 20.26
N ASP B 815 -23.89 12.52 19.06
CA ASP B 815 -23.41 11.19 18.69
C ASP B 815 -21.88 11.10 18.78
N ILE B 816 -21.28 12.15 19.32
CA ILE B 816 -19.82 12.27 19.47
C ILE B 816 -19.15 10.94 19.92
N MET B 817 -19.75 10.24 20.87
CA MET B 817 -19.13 9.07 21.44
C MET B 817 -19.58 7.78 20.76
N ASP B 818 -20.20 7.91 19.59
CA ASP B 818 -20.67 6.73 18.86
C ASP B 818 -19.99 6.61 17.49
N ARG B 819 -19.11 7.56 17.20
CA ARG B 819 -18.23 7.45 16.05
C ARG B 819 -16.92 6.76 16.49
N PRO B 820 -16.27 6.04 15.57
CA PRO B 820 -14.91 5.60 15.84
C PRO B 820 -14.02 6.84 15.89
N PRO B 821 -12.76 6.68 16.30
CA PRO B 821 -11.87 7.85 16.45
C PRO B 821 -11.50 8.45 15.10
N ARG B 822 -11.34 9.77 15.01
CA ARG B 822 -10.88 10.35 13.77
C ARG B 822 -9.58 9.66 13.36
N SER B 823 -9.34 9.57 12.05
CA SER B 823 -8.09 8.98 11.56
C SER B 823 -6.91 9.90 11.86
N PRO B 824 -5.75 9.31 12.15
CA PRO B 824 -4.58 10.11 12.50
C PRO B 824 -4.21 10.98 11.31
N LYS B 825 -4.46 10.44 10.12
CA LYS B 825 -4.17 11.09 8.86
C LYS B 825 -5.04 12.33 8.63
N GLU B 826 -6.35 12.10 8.50
CA GLU B 826 -7.36 13.15 8.30
C GLU B 826 -6.84 14.59 8.30
N PRO B 827 -6.88 15.24 7.13
CA PRO B 827 -6.50 16.65 6.97
C PRO B 827 -7.47 17.56 7.73
N LEU B 828 -7.08 18.81 7.97
CA LEU B 828 -8.00 19.76 8.59
C LEU B 828 -8.88 20.45 7.55
N ILE B 829 -8.57 20.23 6.28
CA ILE B 829 -9.39 20.73 5.17
C ILE B 829 -9.18 19.91 3.88
N SER B 830 -10.27 19.64 3.16
CA SER B 830 -10.20 18.90 1.90
C SER B 830 -10.53 19.78 0.70
N GLY B 831 -10.45 19.21 -0.50
CA GLY B 831 -10.71 19.92 -1.72
C GLY B 831 -11.94 20.81 -1.66
N TRP B 832 -12.93 20.42 -0.86
CA TRP B 832 -14.16 21.19 -0.74
C TRP B 832 -14.02 22.34 0.27
N LEU B 833 -13.82 22.00 1.54
CA LEU B 833 -13.65 23.02 2.56
C LEU B 833 -12.50 23.97 2.26
N PHE B 834 -11.64 23.56 1.34
CA PHE B 834 -10.57 24.43 0.84
C PHE B 834 -11.19 25.48 -0.08
N PHE B 835 -11.85 25.00 -1.12
CA PHE B 835 -12.51 25.88 -2.08
C PHE B 835 -13.76 26.52 -1.49
N ARG B 836 -14.31 25.93 -0.42
CA ARG B 836 -15.54 26.44 0.17
C ARG B 836 -15.31 27.73 0.94
N TYR B 837 -14.09 27.93 1.45
CA TYR B 837 -13.76 29.22 2.04
C TYR B 837 -12.70 29.99 1.24
N MET B 838 -12.49 29.56 -0.01
CA MET B 838 -11.79 30.40 -0.97
C MET B 838 -12.83 31.27 -1.64
N ALA B 839 -14.08 30.89 -1.45
CA ALA B 839 -15.19 31.73 -1.84
C ALA B 839 -15.29 32.85 -0.82
N ILE B 840 -15.38 32.48 0.46
CA ILE B 840 -15.42 33.46 1.53
C ILE B 840 -14.15 34.30 1.49
N GLY B 841 -13.03 33.66 1.18
CA GLY B 841 -11.77 34.36 1.06
C GLY B 841 -11.83 35.46 0.02
N GLY B 842 -11.97 35.05 -1.24
CA GLY B 842 -12.09 36.01 -2.33
C GLY B 842 -13.06 37.11 -1.99
N TYR B 843 -14.29 36.75 -1.64
CA TYR B 843 -15.32 37.74 -1.39
C TYR B 843 -14.93 38.77 -0.33
N VAL B 844 -14.24 38.32 0.71
CA VAL B 844 -13.78 39.25 1.74
C VAL B 844 -12.71 40.21 1.22
N GLY B 845 -11.72 39.68 0.52
CA GLY B 845 -10.63 40.49 0.00
C GLY B 845 -11.10 41.50 -1.03
N ALA B 846 -12.13 41.14 -1.77
CA ALA B 846 -12.67 42.03 -2.81
C ALA B 846 -13.61 43.07 -2.20
N ALA B 847 -14.32 42.68 -1.14
CA ALA B 847 -15.22 43.59 -0.45
C ALA B 847 -14.42 44.68 0.24
N THR B 848 -13.37 44.27 0.95
CA THR B 848 -12.53 45.20 1.66
C THR B 848 -11.95 46.22 0.68
N VAL B 849 -11.28 45.72 -0.35
CA VAL B 849 -10.67 46.60 -1.34
C VAL B 849 -11.74 47.47 -2.00
N GLY B 850 -12.86 46.84 -2.37
CA GLY B 850 -13.94 47.56 -3.01
C GLY B 850 -14.51 48.64 -2.10
N ALA B 851 -14.40 48.45 -0.80
CA ALA B 851 -14.92 49.43 0.15
C ALA B 851 -14.06 50.69 0.11
N ALA B 852 -12.75 50.50 0.05
CA ALA B 852 -11.84 51.63 -0.07
C ALA B 852 -12.03 52.33 -1.42
N ALA B 853 -11.95 51.55 -2.49
CA ALA B 853 -12.11 52.05 -3.86
C ALA B 853 -13.43 52.77 -4.06
N TRP B 854 -14.51 52.21 -3.53
CA TRP B 854 -15.83 52.83 -3.64
C TRP B 854 -15.78 54.25 -3.09
N TRP B 855 -15.06 54.40 -1.98
CA TRP B 855 -14.97 55.69 -1.31
C TRP B 855 -14.11 56.64 -2.13
N PHE B 856 -12.99 56.12 -2.63
CA PHE B 856 -12.11 56.94 -3.45
C PHE B 856 -12.79 57.37 -4.74
N MET B 857 -13.70 56.55 -5.24
CA MET B 857 -14.36 56.87 -6.49
C MET B 857 -15.79 57.34 -6.30
N TYR B 858 -16.73 56.42 -6.42
CA TYR B 858 -18.14 56.75 -6.53
C TYR B 858 -18.78 57.30 -5.24
N ALA B 859 -17.96 57.56 -4.22
CA ALA B 859 -18.49 58.01 -2.93
C ALA B 859 -18.49 59.52 -2.75
N GLU B 860 -19.57 60.01 -2.15
CA GLU B 860 -19.88 61.44 -2.08
C GLU B 860 -18.94 62.32 -1.24
N ASP B 861 -18.61 61.88 -0.03
CA ASP B 861 -17.72 62.67 0.85
C ASP B 861 -16.43 61.92 1.17
N GLY B 862 -15.58 61.71 0.18
CA GLY B 862 -15.84 62.13 -1.18
C GLY B 862 -14.60 62.78 -1.75
N PRO B 863 -13.74 61.98 -2.39
CA PRO B 863 -12.47 62.44 -2.95
C PRO B 863 -12.63 63.54 -3.99
N GLY B 864 -13.44 63.30 -5.03
CA GLY B 864 -14.14 62.06 -5.24
C GLY B 864 -13.88 61.58 -6.64
N VAL B 865 -14.16 60.31 -6.90
CA VAL B 865 -13.88 59.74 -8.21
C VAL B 865 -12.41 59.92 -8.56
N THR B 866 -11.91 59.13 -9.49
CA THR B 866 -10.52 59.18 -9.89
C THR B 866 -10.30 58.21 -11.04
N TYR B 867 -10.56 56.94 -10.77
CA TYR B 867 -10.48 55.85 -11.75
C TYR B 867 -9.05 55.35 -11.96
N HIS B 868 -8.37 55.97 -12.91
CA HIS B 868 -6.99 55.65 -13.24
C HIS B 868 -6.08 56.36 -12.25
N GLN B 869 -6.57 57.48 -11.71
CA GLN B 869 -5.83 58.22 -10.70
C GLN B 869 -5.61 57.33 -9.50
N LEU B 870 -6.66 56.62 -9.09
CA LEU B 870 -6.58 55.77 -7.91
C LEU B 870 -5.41 54.80 -8.05
N THR B 871 -5.35 54.14 -9.20
CA THR B 871 -4.37 53.08 -9.42
C THR B 871 -2.95 53.61 -9.59
N HIS B 872 -2.82 54.93 -9.62
CA HIS B 872 -1.53 55.60 -9.85
C HIS B 872 -1.29 56.72 -8.85
N PHE B 873 -1.91 56.59 -7.69
CA PHE B 873 -1.86 57.64 -6.68
C PHE B 873 -0.42 58.01 -6.38
N MET B 874 0.50 57.05 -6.55
CA MET B 874 1.91 57.27 -6.23
C MET B 874 2.46 58.48 -6.99
N GLN B 875 2.03 58.64 -8.22
CA GLN B 875 2.56 59.69 -9.10
C GLN B 875 1.93 61.05 -8.87
N CYS B 876 1.12 61.16 -7.82
CA CYS B 876 0.41 62.41 -7.58
C CYS B 876 1.36 63.58 -7.29
N THR B 877 2.41 63.33 -6.51
CA THR B 877 3.35 64.39 -6.12
C THR B 877 4.15 64.90 -7.31
N GLU B 878 4.64 63.97 -8.13
CA GLU B 878 5.44 64.31 -9.30
C GLU B 878 4.62 64.95 -10.43
N ASP B 879 3.43 64.40 -10.65
CA ASP B 879 2.62 64.74 -11.83
C ASP B 879 1.27 65.36 -11.49
N HIS B 880 1.28 66.44 -10.72
CA HIS B 880 0.03 66.98 -10.16
C HIS B 880 -1.01 67.53 -11.13
N PRO B 881 -0.59 67.96 -12.33
CA PRO B 881 -1.60 68.38 -13.30
C PRO B 881 -2.42 67.22 -13.86
N HIS B 882 -2.47 66.12 -13.13
CA HIS B 882 -3.35 65.01 -13.48
C HIS B 882 -4.28 64.71 -12.33
N PHE B 883 -3.75 64.93 -11.13
CA PHE B 883 -4.56 64.91 -9.93
C PHE B 883 -5.07 66.33 -9.63
N GLU B 884 -5.59 66.99 -10.67
CA GLU B 884 -6.13 68.35 -10.53
C GLU B 884 -7.16 68.44 -9.42
N GLY B 885 -7.01 69.45 -8.58
CA GLY B 885 -7.96 69.72 -7.50
C GLY B 885 -7.69 68.90 -6.26
N LEU B 886 -7.15 67.70 -6.45
CA LEU B 886 -6.90 66.77 -5.35
C LEU B 886 -5.66 67.16 -4.58
N ASP B 887 -5.71 67.03 -3.26
CA ASP B 887 -4.52 67.15 -2.45
C ASP B 887 -3.82 65.80 -2.52
N CYS B 888 -2.52 65.80 -2.79
CA CYS B 888 -1.78 64.54 -2.91
C CYS B 888 -1.66 63.83 -1.57
N GLU B 889 -2.76 63.81 -0.83
CA GLU B 889 -2.76 63.33 0.54
C GLU B 889 -4.09 62.61 0.84
N ILE B 890 -5.09 62.87 -0.02
CA ILE B 890 -6.39 62.20 0.09
C ILE B 890 -6.17 60.68 0.06
N PHE B 891 -5.12 60.28 -0.63
CA PHE B 891 -4.80 58.87 -0.79
C PHE B 891 -4.26 58.24 0.48
N GLU B 892 -4.21 59.02 1.56
CA GLU B 892 -3.86 58.47 2.85
C GLU B 892 -5.05 58.53 3.81
N ALA B 893 -6.18 59.07 3.31
CA ALA B 893 -7.40 59.23 4.10
C ALA B 893 -7.83 57.98 4.87
N PRO B 894 -8.24 58.17 6.13
CA PRO B 894 -8.67 57.07 6.99
C PRO B 894 -10.03 56.53 6.59
N GLU B 895 -10.83 57.33 5.90
CA GLU B 895 -12.17 56.90 5.50
C GLU B 895 -12.12 55.57 4.75
N PRO B 896 -11.44 55.54 3.59
CA PRO B 896 -11.46 54.32 2.80
C PRO B 896 -11.05 53.11 3.62
N MET B 897 -9.97 53.23 4.38
CA MET B 897 -9.54 52.15 5.25
C MET B 897 -10.67 51.75 6.19
N THR B 898 -11.31 52.75 6.81
CA THR B 898 -12.40 52.48 7.74
C THR B 898 -13.55 51.77 7.03
N MET B 899 -13.76 52.11 5.76
CA MET B 899 -14.67 51.35 4.92
C MET B 899 -14.18 49.91 4.84
N ALA B 900 -12.89 49.74 4.60
CA ALA B 900 -12.33 48.42 4.40
C ALA B 900 -12.37 47.58 5.69
N LEU B 901 -11.89 48.18 6.79
CA LEU B 901 -11.86 47.51 8.08
C LEU B 901 -13.25 47.18 8.61
N SER B 902 -14.18 48.10 8.40
CA SER B 902 -15.55 47.93 8.85
C SER B 902 -16.28 46.86 8.04
N VAL B 903 -15.86 46.65 6.79
CA VAL B 903 -16.45 45.60 5.97
C VAL B 903 -15.91 44.25 6.41
N LEU B 904 -14.59 44.16 6.55
CA LEU B 904 -13.98 42.97 7.12
C LEU B 904 -14.68 42.56 8.41
N VAL B 905 -14.65 43.43 9.41
CA VAL B 905 -15.25 43.18 10.71
C VAL B 905 -16.71 42.75 10.59
N THR B 906 -17.50 43.52 9.86
CA THR B 906 -18.89 43.15 9.63
C THR B 906 -18.97 41.75 9.02
N ILE B 907 -18.16 41.50 7.99
CA ILE B 907 -18.18 40.19 7.36
C ILE B 907 -17.79 39.07 8.33
N GLU B 908 -16.78 39.30 9.17
CA GLU B 908 -16.35 38.27 10.11
C GLU B 908 -17.43 38.03 11.15
N MET B 909 -18.13 39.06 11.57
CA MET B 909 -19.23 38.85 12.51
C MET B 909 -20.33 37.98 11.87
N CYS B 910 -20.77 38.33 10.66
CA CYS B 910 -21.73 37.51 9.92
C CYS B 910 -21.17 36.10 9.74
N ASN B 911 -19.86 36.02 9.55
CA ASN B 911 -19.15 34.76 9.30
C ASN B 911 -19.06 33.87 10.55
N ALA B 912 -19.03 34.52 11.73
CA ALA B 912 -18.99 33.82 13.01
C ALA B 912 -20.27 33.01 13.21
N LEU B 913 -21.33 33.42 12.52
CA LEU B 913 -22.58 32.68 12.53
C LEU B 913 -22.49 31.51 11.54
N ASN B 914 -21.93 31.80 10.37
CA ASN B 914 -21.69 30.77 9.36
C ASN B 914 -20.90 29.60 9.93
N SER B 915 -20.14 29.88 10.99
CA SER B 915 -19.30 28.88 11.62
C SER B 915 -20.01 28.11 12.75
N LEU B 916 -21.27 28.43 13.00
CA LEU B 916 -22.07 27.68 13.96
C LEU B 916 -22.20 26.24 13.50
N SER B 917 -22.34 26.07 12.19
CA SER B 917 -22.48 24.75 11.58
C SER B 917 -21.61 24.65 10.34
N GLU B 918 -20.87 23.55 10.22
CA GLU B 918 -20.01 23.33 9.07
C GLU B 918 -20.82 23.26 7.78
N ASN B 919 -22.00 22.66 7.87
CA ASN B 919 -22.83 22.48 6.68
C ASN B 919 -24.29 22.86 6.88
N GLN B 920 -24.90 22.39 7.96
CA GLN B 920 -26.33 22.63 8.19
C GLN B 920 -26.66 24.11 8.22
N SER B 921 -27.48 24.55 7.27
CA SER B 921 -27.82 25.96 7.08
C SER B 921 -28.13 26.70 8.38
N LEU B 922 -27.90 28.01 8.37
CA LEU B 922 -28.21 28.85 9.52
C LEU B 922 -29.71 29.10 9.58
N MET B 923 -30.43 28.61 8.59
CA MET B 923 -31.89 28.64 8.61
C MET B 923 -32.37 27.50 9.51
N ARG B 924 -31.85 26.31 9.24
CA ARG B 924 -32.28 25.10 9.92
C ARG B 924 -31.54 24.89 11.26
N MET B 925 -30.39 25.56 11.40
CA MET B 925 -29.71 25.65 12.68
C MET B 925 -29.57 27.10 13.08
N PRO B 926 -30.65 27.68 13.63
CA PRO B 926 -30.78 29.10 13.96
C PRO B 926 -29.54 29.67 14.63
N PRO B 927 -29.03 30.80 14.12
CA PRO B 927 -27.85 31.49 14.65
C PRO B 927 -28.05 32.06 16.06
N TRP B 928 -29.19 31.77 16.69
CA TRP B 928 -29.42 32.20 18.06
C TRP B 928 -29.12 31.08 19.06
N VAL B 929 -28.61 29.96 18.53
CA VAL B 929 -28.24 28.82 19.34
C VAL B 929 -27.29 29.20 20.46
N ASN B 930 -26.13 29.72 20.07
CA ASN B 930 -25.05 30.01 20.99
C ASN B 930 -25.04 31.46 21.49
N ILE B 931 -25.60 31.66 22.67
CA ILE B 931 -25.79 33.00 23.21
C ILE B 931 -24.46 33.68 23.55
N TRP B 932 -23.42 32.88 23.73
CA TRP B 932 -22.10 33.44 24.00
C TRP B 932 -21.50 34.03 22.74
N LEU B 933 -21.81 33.43 21.60
CA LEU B 933 -21.31 33.91 20.32
C LEU B 933 -21.90 35.26 19.97
N LEU B 934 -23.18 35.45 20.32
CA LEU B 934 -23.88 36.70 20.07
C LEU B 934 -23.34 37.79 20.99
N GLY B 935 -23.32 37.51 22.29
CA GLY B 935 -22.71 38.40 23.25
C GLY B 935 -21.31 38.68 22.78
N SER B 936 -20.67 37.65 22.23
CA SER B 936 -19.34 37.78 21.65
C SER B 936 -19.35 38.85 20.54
N ILE B 937 -20.18 38.64 19.52
CA ILE B 937 -20.25 39.55 18.39
C ILE B 937 -20.58 40.98 18.84
N CYS B 938 -21.47 41.11 19.82
CA CYS B 938 -21.82 42.41 20.37
C CYS B 938 -20.62 43.06 21.02
N LEU B 939 -19.79 42.26 21.67
CA LEU B 939 -18.56 42.78 22.25
C LEU B 939 -17.61 43.33 21.18
N SER B 940 -17.25 42.50 20.21
CA SER B 940 -16.37 42.92 19.13
C SER B 940 -16.86 44.21 18.46
N MET B 941 -18.14 44.24 18.12
CA MET B 941 -18.73 45.41 17.47
C MET B 941 -18.54 46.64 18.32
N SER B 942 -18.81 46.50 19.61
CA SER B 942 -18.67 47.61 20.53
C SER B 942 -17.21 48.07 20.54
N LEU B 943 -16.29 47.13 20.72
CA LEU B 943 -14.87 47.45 20.71
C LEU B 943 -14.50 48.17 19.43
N HIS B 944 -15.25 47.91 18.37
CA HIS B 944 -14.94 48.47 17.06
C HIS B 944 -15.41 49.91 16.97
N PHE B 945 -16.65 50.15 17.38
CA PHE B 945 -17.16 51.51 17.49
C PHE B 945 -16.36 52.27 18.56
N LEU B 946 -15.77 51.53 19.49
CA LEU B 946 -14.93 52.14 20.50
C LEU B 946 -13.69 52.72 19.85
N ILE B 947 -13.25 52.11 18.77
CA ILE B 947 -12.02 52.51 18.09
C ILE B 947 -12.26 53.62 17.05
N LEU B 948 -13.51 53.78 16.66
CA LEU B 948 -13.88 54.80 15.67
C LEU B 948 -14.43 56.06 16.31
N TYR B 949 -14.25 56.22 17.62
CA TYR B 949 -14.85 57.37 18.29
C TYR B 949 -14.01 57.94 19.43
N VAL B 950 -13.39 57.06 20.23
CA VAL B 950 -12.55 57.51 21.35
C VAL B 950 -11.24 58.18 20.93
N ASP B 951 -11.27 59.51 20.89
CA ASP B 951 -10.23 60.38 20.29
C ASP B 951 -8.82 59.87 20.02
N PRO B 952 -8.18 59.22 21.01
CA PRO B 952 -6.84 58.67 20.74
C PRO B 952 -6.88 57.45 19.82
N LEU B 953 -7.95 56.67 19.90
CA LEU B 953 -8.08 55.42 19.14
C LEU B 953 -8.06 55.61 17.62
N PRO B 954 -8.95 56.45 17.08
CA PRO B 954 -8.96 56.69 15.63
C PRO B 954 -7.59 57.10 15.09
N MET B 955 -6.82 57.85 15.86
CA MET B 955 -5.52 58.35 15.42
C MET B 955 -4.44 57.26 15.36
N ILE B 956 -4.56 56.23 16.17
CA ILE B 956 -3.56 55.14 16.18
C ILE B 956 -3.88 53.98 15.23
N PHE B 957 -5.16 53.74 14.97
CA PHE B 957 -5.60 52.76 13.98
C PHE B 957 -5.79 53.38 12.60
N LYS B 958 -5.57 54.69 12.50
CA LYS B 958 -5.80 55.42 11.26
C LYS B 958 -7.22 55.20 10.76
N LEU B 959 -8.20 55.44 11.64
CA LEU B 959 -9.62 55.30 11.31
C LEU B 959 -10.37 56.63 11.41
N LYS B 960 -11.60 56.64 10.91
CA LYS B 960 -12.45 57.81 11.03
C LYS B 960 -13.90 57.36 11.02
N ALA B 961 -14.62 57.70 12.08
CA ALA B 961 -16.00 57.27 12.23
C ALA B 961 -16.82 57.42 10.92
N LEU B 962 -17.69 56.45 10.68
CA LEU B 962 -18.49 56.45 9.45
C LEU B 962 -19.83 57.15 9.59
N ASP B 963 -20.39 57.54 8.46
CA ASP B 963 -21.73 58.12 8.39
C ASP B 963 -22.74 56.99 8.33
N LEU B 964 -24.01 57.30 8.58
CA LEU B 964 -25.06 56.30 8.49
C LEU B 964 -25.22 55.83 7.04
N THR B 965 -24.74 56.63 6.11
CA THR B 965 -24.78 56.26 4.70
C THR B 965 -23.57 55.40 4.36
N GLN B 966 -22.43 55.72 4.95
CA GLN B 966 -21.24 54.86 4.86
C GLN B 966 -21.55 53.46 5.41
N TRP B 967 -22.15 53.42 6.60
CA TRP B 967 -22.49 52.14 7.23
C TRP B 967 -23.41 51.29 6.37
N LEU B 968 -24.53 51.87 5.93
CA LEU B 968 -25.45 51.16 5.07
C LEU B 968 -24.72 50.58 3.86
N MET B 969 -23.60 51.20 3.50
CA MET B 969 -22.78 50.69 2.42
C MET B 969 -21.94 49.52 2.90
N VAL B 970 -21.35 49.67 4.09
CA VAL B 970 -20.62 48.60 4.73
C VAL B 970 -21.49 47.34 4.86
N LEU B 971 -22.70 47.53 5.40
CA LEU B 971 -23.61 46.41 5.63
C LEU B 971 -24.05 45.75 4.33
N LYS B 972 -24.56 46.55 3.39
CA LYS B 972 -25.06 46.00 2.15
C LYS B 972 -23.93 45.68 1.15
N ILE B 973 -22.79 45.26 1.68
CA ILE B 973 -21.70 44.76 0.84
C ILE B 973 -21.00 43.67 1.63
N SER B 974 -21.37 43.56 2.90
CA SER B 974 -20.82 42.55 3.79
C SER B 974 -21.85 41.47 4.04
N LEU B 975 -23.08 41.88 4.27
CA LEU B 975 -24.16 40.93 4.57
C LEU B 975 -24.26 39.80 3.54
N PRO B 976 -24.08 40.12 2.24
CA PRO B 976 -24.14 39.10 1.19
C PRO B 976 -23.18 37.93 1.40
N VAL B 977 -22.36 37.97 2.44
CA VAL B 977 -21.49 36.84 2.73
C VAL B 977 -22.29 35.69 3.32
N ILE B 978 -23.15 36.00 4.30
CA ILE B 978 -24.06 35.01 4.85
C ILE B 978 -24.75 34.32 3.69
N GLY B 979 -25.16 35.12 2.72
CA GLY B 979 -25.78 34.62 1.52
C GLY B 979 -24.86 33.69 0.76
N LEU B 980 -23.80 34.25 0.18
CA LEU B 980 -22.81 33.47 -0.56
C LEU B 980 -22.61 32.12 0.11
N ASP B 981 -22.32 32.15 1.41
CA ASP B 981 -22.02 30.92 2.14
C ASP B 981 -23.21 29.98 2.17
N GLU B 982 -24.38 30.52 2.51
CA GLU B 982 -25.60 29.74 2.57
C GLU B 982 -25.74 28.81 1.36
N ILE B 983 -25.25 29.28 0.21
CA ILE B 983 -25.27 28.50 -1.02
C ILE B 983 -24.21 27.41 -0.99
N LEU B 984 -23.02 27.76 -0.50
CA LEU B 984 -21.95 26.77 -0.32
C LEU B 984 -22.45 25.59 0.50
N LYS B 985 -23.50 25.82 1.27
CA LYS B 985 -24.04 24.80 2.18
C LYS B 985 -25.22 24.04 1.58
N PHE B 986 -26.13 24.74 0.91
CA PHE B 986 -27.22 24.07 0.22
C PHE B 986 -26.68 23.46 -1.08
N ILE B 987 -25.35 23.48 -1.23
CA ILE B 987 -24.68 22.86 -2.38
C ILE B 987 -23.74 21.78 -1.88
N ALA B 988 -23.41 21.83 -0.61
CA ALA B 988 -22.61 20.79 0.02
C ALA B 988 -23.53 19.81 0.71
N ARG B 989 -24.56 20.35 1.36
CA ARG B 989 -25.53 19.56 2.10
C ARG B 989 -26.42 18.77 1.13
N ASN B 990 -26.33 19.12 -0.15
CA ASN B 990 -27.17 18.49 -1.16
C ASN B 990 -26.36 17.80 -2.24
N TYR B 991 -26.11 18.51 -3.33
CA TYR B 991 -25.46 17.96 -4.51
C TYR B 991 -24.01 17.56 -4.27
N LEU B 992 -23.57 17.65 -3.01
CA LEU B 992 -22.19 17.31 -2.68
C LEU B 992 -22.17 15.98 -1.92
N GLU B 993 -22.22 16.05 -0.60
CA GLU B 993 -22.21 14.86 0.25
C GLU B 993 -22.83 15.12 1.62
N GLY B 994 -24.14 14.91 1.75
CA GLY B 994 -25.03 14.60 0.63
C GLY B 994 -24.61 13.48 -0.31
#